data_4EDN
#
_entry.id   4EDN
#
_cell.length_a   330.741
_cell.length_b   55.842
_cell.length_c   95.550
_cell.angle_alpha   90.000
_cell.angle_beta   97.440
_cell.angle_gamma   90.000
#
_symmetry.space_group_name_H-M   'C 1 2 1'
#
loop_
_entity.id
_entity.type
_entity.pdbx_description
1 polymer Beta-parvin
2 polymer Paxillin
3 non-polymer 'SULFATE ION'
4 water water
#
loop_
_entity_poly.entity_id
_entity_poly.type
_entity_poly.pdbx_seq_one_letter_code
_entity_poly.pdbx_strand_id
1 'polypeptide(L)'
;GNSGRFERDAFDTLFDHAPDKLSVVKKSLITFVNKHLNKLNLEVTELETQFADGVYLVLLMGLLEDYFVPLHHFYLTPES
FDQKVHNVSFAFELMLDGGLKKPKARPEDVVNLDLKSTLRVLYNLFTKYKNVE
;
A,B,C,D,E,F,G,H,I,J
2 'polypeptide(L)' (ACE)MDDLDALLADLESTTSHISK(NH2) K,L,M,N,O,P,Q
#
# COMPACT_ATOMS: atom_id res chain seq x y z
N GLU A 7 -47.14 10.28 -28.48
CA GLU A 7 -46.94 10.29 -29.96
C GLU A 7 -46.15 9.06 -30.40
N ARG A 8 -46.60 8.42 -31.48
CA ARG A 8 -46.00 7.19 -31.96
C ARG A 8 -44.75 7.43 -32.81
N ASP A 9 -43.75 6.57 -32.65
CA ASP A 9 -42.48 6.70 -33.38
C ASP A 9 -41.91 5.37 -33.88
N ALA A 10 -40.62 5.38 -34.22
CA ALA A 10 -39.95 4.23 -34.82
C ALA A 10 -39.69 3.08 -33.84
N PHE A 11 -39.53 3.41 -32.56
CA PHE A 11 -39.32 2.39 -31.52
C PHE A 11 -40.60 1.60 -31.23
N ASP A 12 -41.75 2.23 -31.49
CA ASP A 12 -43.04 1.56 -31.42
C ASP A 12 -43.20 0.55 -32.56
N THR A 13 -42.68 0.91 -33.73
CA THR A 13 -42.65 0.00 -34.88
C THR A 13 -41.74 -1.21 -34.58
N LEU A 14 -40.60 -0.92 -33.95
CA LEU A 14 -39.62 -1.93 -33.60
C LEU A 14 -40.16 -2.98 -32.63
N PHE A 15 -40.85 -2.52 -31.59
CA PHE A 15 -41.32 -3.41 -30.53
C PHE A 15 -42.65 -4.10 -30.84
N ASP A 16 -43.35 -3.60 -31.86
CA ASP A 16 -44.65 -4.17 -32.23
C ASP A 16 -44.58 -5.01 -33.50
N HIS A 17 -43.76 -4.59 -34.46
CA HIS A 17 -43.79 -5.18 -35.80
C HIS A 17 -42.49 -5.73 -36.32
N ALA A 18 -41.38 -5.35 -35.70
CA ALA A 18 -40.06 -5.84 -36.14
C ALA A 18 -39.10 -6.15 -34.98
N PRO A 19 -39.41 -7.19 -34.17
CA PRO A 19 -38.57 -7.53 -33.01
C PRO A 19 -37.23 -8.17 -33.40
N ASP A 20 -37.11 -8.60 -34.65
CA ASP A 20 -35.87 -9.18 -35.17
C ASP A 20 -34.75 -8.16 -35.33
N LYS A 21 -35.14 -6.89 -35.51
CA LYS A 21 -34.18 -5.80 -35.66
C LYS A 21 -33.72 -5.26 -34.30
N LEU A 22 -34.31 -5.77 -33.23
CA LEU A 22 -34.03 -5.30 -31.86
C LEU A 22 -32.60 -5.55 -31.41
N SER A 23 -32.05 -6.71 -31.76
CA SER A 23 -30.68 -7.07 -31.40
C SER A 23 -29.65 -6.13 -32.02
N VAL A 24 -29.94 -5.67 -33.24
CA VAL A 24 -29.08 -4.73 -33.96
C VAL A 24 -29.08 -3.36 -33.29
N VAL A 25 -30.25 -2.94 -32.81
CA VAL A 25 -30.39 -1.69 -32.06
C VAL A 25 -29.61 -1.78 -30.74
N LYS A 26 -29.82 -2.87 -30.01
CA LYS A 26 -29.14 -3.13 -28.73
C LYS A 26 -27.62 -3.06 -28.85
N LYS A 27 -27.07 -3.74 -29.86
CA LYS A 27 -25.61 -3.88 -29.99
C LYS A 27 -24.91 -2.59 -30.37
N SER A 28 -25.54 -1.78 -31.22
CA SER A 28 -24.95 -0.51 -31.65
C SER A 28 -25.00 0.54 -30.54
N LEU A 29 -26.09 0.54 -29.77
CA LEU A 29 -26.22 1.41 -28.62
C LEU A 29 -25.33 0.98 -27.46
N ILE A 30 -25.02 -0.33 -27.39
CA ILE A 30 -24.06 -0.84 -26.41
C ILE A 30 -22.66 -0.32 -26.69
N THR A 31 -22.27 -0.29 -27.97
CA THR A 31 -20.95 0.21 -28.35
C THR A 31 -20.82 1.73 -28.13
N PHE A 32 -21.86 2.47 -28.48
CA PHE A 32 -21.91 3.91 -28.27
C PHE A 32 -21.77 4.25 -26.79
N VAL A 33 -22.53 3.53 -25.96
CA VAL A 33 -22.52 3.72 -24.52
C VAL A 33 -21.18 3.30 -23.90
N ASN A 34 -20.61 2.21 -24.39
CA ASN A 34 -19.32 1.72 -23.89
C ASN A 34 -18.14 2.58 -24.35
N LYS A 35 -18.28 3.23 -25.50
CA LYS A 35 -17.24 4.12 -26.03
C LYS A 35 -16.87 5.21 -25.02
N HIS A 36 -17.86 5.65 -24.26
CA HIS A 36 -17.67 6.71 -23.27
C HIS A 36 -17.49 6.17 -21.87
N LEU A 37 -18.29 5.17 -21.51
CA LEU A 37 -18.19 4.57 -20.17
C LEU A 37 -16.90 3.78 -19.92
N ASN A 38 -16.30 3.26 -21.00
CA ASN A 38 -15.00 2.58 -20.89
C ASN A 38 -13.89 3.51 -20.41
N LYS A 39 -14.09 4.82 -20.60
CA LYS A 39 -13.15 5.84 -20.13
C LYS A 39 -13.11 5.90 -18.60
N LEU A 40 -14.18 5.43 -17.96
CA LEU A 40 -14.24 5.38 -16.50
C LEU A 40 -14.11 3.96 -15.97
N ASN A 41 -13.57 3.06 -16.81
CA ASN A 41 -13.43 1.63 -16.50
C ASN A 41 -14.76 0.93 -16.21
N LEU A 42 -15.82 1.37 -16.88
CA LEU A 42 -17.15 0.81 -16.73
C LEU A 42 -17.62 0.17 -18.03
N GLU A 43 -18.45 -0.87 -17.93
CA GLU A 43 -18.94 -1.57 -19.11
C GLU A 43 -20.42 -1.95 -18.99
N VAL A 44 -21.11 -1.89 -20.12
CA VAL A 44 -22.53 -2.25 -20.19
C VAL A 44 -22.74 -3.41 -21.16
N THR A 45 -23.32 -4.50 -20.64
CA THR A 45 -23.63 -5.69 -21.44
C THR A 45 -25.13 -5.84 -21.67
N GLU A 46 -25.92 -5.40 -20.68
CA GLU A 46 -27.37 -5.42 -20.76
C GLU A 46 -27.91 -4.01 -20.57
N LEU A 47 -28.60 -3.48 -21.58
CA LEU A 47 -29.10 -2.11 -21.55
C LEU A 47 -30.28 -1.92 -20.60
N GLU A 48 -31.09 -2.97 -20.47
CA GLU A 48 -32.26 -2.93 -19.59
C GLU A 48 -31.89 -2.77 -18.11
N THR A 49 -31.14 -3.73 -17.58
CA THR A 49 -30.85 -3.78 -16.15
C THR A 49 -29.75 -2.82 -15.67
N GLN A 50 -28.77 -2.56 -16.53
CA GLN A 50 -27.59 -1.78 -16.11
C GLN A 50 -27.78 -0.27 -16.09
N PHE A 51 -28.91 0.21 -16.62
CA PHE A 51 -29.23 1.65 -16.61
C PHE A 51 -30.34 2.03 -15.63
N ALA A 52 -30.93 1.02 -14.97
CA ALA A 52 -32.04 1.23 -14.04
C ALA A 52 -31.64 2.02 -12.79
N ASP A 53 -30.37 1.91 -12.40
CA ASP A 53 -29.77 2.69 -11.31
C ASP A 53 -29.91 4.20 -11.52
N GLY A 54 -29.63 4.65 -12.75
CA GLY A 54 -29.45 6.06 -13.05
C GLY A 54 -27.98 6.43 -12.96
N VAL A 55 -27.24 5.67 -12.15
CA VAL A 55 -25.82 5.89 -11.89
C VAL A 55 -25.02 6.03 -13.18
N TYR A 56 -25.09 5.02 -14.05
CA TYR A 56 -24.39 5.04 -15.33
C TYR A 56 -24.92 6.14 -16.26
N LEU A 57 -26.23 6.38 -16.20
CA LEU A 57 -26.87 7.38 -17.04
C LEU A 57 -26.36 8.79 -16.69
N VAL A 58 -26.23 9.04 -15.39
CA VAL A 58 -25.69 10.31 -14.88
C VAL A 58 -24.23 10.48 -15.31
N LEU A 59 -23.41 9.47 -15.03
CA LEU A 59 -22.00 9.50 -15.39
C LEU A 59 -21.76 9.64 -16.89
N LEU A 60 -22.62 9.00 -17.68
CA LEU A 60 -22.54 9.10 -19.15
C LEU A 60 -22.78 10.53 -19.61
N MET A 61 -23.73 11.21 -18.96
CA MET A 61 -24.04 12.60 -19.28
C MET A 61 -22.85 13.53 -19.07
N GLY A 62 -22.11 13.31 -17.99
CA GLY A 62 -20.86 14.03 -17.77
C GLY A 62 -19.84 13.72 -18.85
N LEU A 63 -19.67 12.43 -19.13
CA LEU A 63 -18.72 11.95 -20.15
C LEU A 63 -18.96 12.54 -21.53
N LEU A 64 -20.24 12.67 -21.89
CA LEU A 64 -20.63 13.24 -23.19
C LEU A 64 -20.34 14.74 -23.26
N GLU A 65 -20.29 15.39 -22.10
CA GLU A 65 -19.95 16.81 -22.00
C GLU A 65 -18.52 17.04 -21.49
N ASP A 66 -17.77 15.95 -21.35
CA ASP A 66 -16.34 15.96 -21.05
C ASP A 66 -16.00 16.39 -19.61
N TYR A 67 -16.66 15.76 -18.63
CA TYR A 67 -16.36 16.01 -17.22
C TYR A 67 -16.85 14.90 -16.29
N PHE A 68 -16.19 14.78 -15.14
CA PHE A 68 -16.65 13.91 -14.07
C PHE A 68 -17.81 14.62 -13.36
N VAL A 69 -18.91 13.91 -13.18
CA VAL A 69 -20.02 14.44 -12.37
C VAL A 69 -19.66 14.24 -10.89
N PRO A 70 -19.74 15.31 -10.08
CA PRO A 70 -19.52 15.17 -8.63
C PRO A 70 -20.41 14.08 -8.05
N LEU A 71 -19.81 13.17 -7.27
CA LEU A 71 -20.50 11.98 -6.79
C LEU A 71 -21.58 12.25 -5.74
N HIS A 72 -21.59 13.46 -5.19
CA HIS A 72 -22.57 13.85 -4.18
C HIS A 72 -23.77 14.53 -4.78
N HIS A 73 -23.71 14.77 -6.09
CA HIS A 73 -24.82 15.36 -6.84
C HIS A 73 -25.93 14.37 -7.05
N PHE A 74 -25.60 13.09 -6.97
CA PHE A 74 -26.56 12.00 -7.13
C PHE A 74 -26.31 10.88 -6.12
N TYR A 75 -27.00 9.76 -6.30
CA TYR A 75 -26.83 8.59 -5.44
C TYR A 75 -26.03 7.51 -6.15
N LEU A 76 -24.80 7.29 -5.70
CA LEU A 76 -23.92 6.28 -6.28
C LEU A 76 -24.40 4.86 -5.98
N THR A 77 -24.96 4.66 -4.79
CA THR A 77 -25.62 3.41 -4.45
C THR A 77 -27.03 3.72 -3.95
N PRO A 78 -28.00 3.87 -4.88
CA PRO A 78 -29.38 4.20 -4.52
C PRO A 78 -30.01 3.17 -3.59
N GLU A 79 -30.62 3.67 -2.51
CA GLU A 79 -31.20 2.82 -1.47
C GLU A 79 -32.60 2.36 -1.81
N SER A 80 -33.29 3.11 -2.67
CA SER A 80 -34.69 2.81 -3.00
C SER A 80 -35.09 3.23 -4.40
N PHE A 81 -36.36 2.96 -4.74
CA PHE A 81 -36.96 3.35 -6.00
C PHE A 81 -36.88 4.86 -6.24
N ASP A 82 -37.20 5.63 -5.20
CA ASP A 82 -37.23 7.09 -5.30
C ASP A 82 -35.85 7.72 -5.45
N GLN A 83 -34.83 7.08 -4.86
CA GLN A 83 -33.43 7.49 -5.08
C GLN A 83 -32.97 7.15 -6.49
N LYS A 84 -33.49 6.04 -7.04
CA LYS A 84 -33.21 5.64 -8.43
C LYS A 84 -33.91 6.56 -9.42
N VAL A 85 -35.16 6.91 -9.14
CA VAL A 85 -35.93 7.83 -9.98
C VAL A 85 -35.27 9.21 -10.01
N HIS A 86 -34.74 9.64 -8.86
CA HIS A 86 -34.02 10.91 -8.77
C HIS A 86 -32.79 10.93 -9.64
N ASN A 87 -32.04 9.82 -9.64
CA ASN A 87 -30.86 9.69 -10.50
C ASN A 87 -31.20 9.87 -11.97
N VAL A 88 -32.26 9.19 -12.42
CA VAL A 88 -32.67 9.22 -13.82
C VAL A 88 -33.10 10.63 -14.23
N SER A 89 -33.96 11.25 -13.43
CA SER A 89 -34.45 12.60 -13.71
C SER A 89 -33.34 13.66 -13.62
N PHE A 90 -32.32 13.38 -12.81
CA PHE A 90 -31.14 14.24 -12.73
C PHE A 90 -30.34 14.18 -14.03
N ALA A 91 -30.26 12.99 -14.63
CA ALA A 91 -29.62 12.82 -15.93
C ALA A 91 -30.43 13.49 -17.02
N PHE A 92 -31.76 13.48 -16.87
CA PHE A 92 -32.68 14.13 -17.80
C PHE A 92 -32.49 15.63 -17.80
N GLU A 93 -32.22 16.19 -16.63
CA GLU A 93 -31.94 17.62 -16.46
C GLU A 93 -30.61 18.01 -17.09
N LEU A 94 -29.64 17.10 -17.01
CA LEU A 94 -28.35 17.28 -17.66
C LEU A 94 -28.49 17.24 -19.18
N MET A 95 -29.45 16.46 -19.66
CA MET A 95 -29.80 16.40 -21.08
C MET A 95 -30.36 17.74 -21.56
N LEU A 96 -31.11 18.40 -20.69
CA LEU A 96 -31.65 19.74 -20.98
C LEU A 96 -30.54 20.79 -20.98
N ASP A 97 -29.56 20.63 -20.09
CA ASP A 97 -28.39 21.51 -20.01
C ASP A 97 -27.54 21.44 -21.27
N GLY A 98 -27.50 20.27 -21.89
CA GLY A 98 -26.74 20.05 -23.12
C GLY A 98 -27.46 20.53 -24.37
N GLY A 99 -28.62 21.16 -24.20
CA GLY A 99 -29.39 21.71 -25.31
C GLY A 99 -30.17 20.69 -26.10
N LEU A 100 -30.19 19.45 -25.59
CA LEU A 100 -30.91 18.35 -26.22
C LEU A 100 -32.40 18.45 -25.91
N LYS A 101 -33.22 17.93 -26.81
CA LYS A 101 -34.67 17.90 -26.61
C LYS A 101 -35.02 16.87 -25.54
N LYS A 102 -35.99 17.21 -24.69
CA LYS A 102 -36.42 16.36 -23.58
C LYS A 102 -36.90 14.99 -24.08
N PRO A 103 -36.38 13.90 -23.49
CA PRO A 103 -36.78 12.55 -23.90
C PRO A 103 -38.25 12.28 -23.60
N LYS A 104 -38.93 11.65 -24.54
CA LYS A 104 -40.36 11.33 -24.40
C LYS A 104 -40.54 10.04 -23.60
N ALA A 105 -39.88 9.98 -22.44
CA ALA A 105 -39.95 8.85 -21.53
C ALA A 105 -40.04 9.33 -20.09
N ARG A 106 -40.89 8.66 -19.31
CA ARG A 106 -40.99 8.92 -17.87
C ARG A 106 -39.79 8.31 -17.16
N PRO A 107 -39.18 9.05 -16.22
CA PRO A 107 -38.01 8.56 -15.48
C PRO A 107 -38.30 7.28 -14.70
N GLU A 108 -39.56 7.08 -14.34
CA GLU A 108 -39.99 5.90 -13.59
C GLU A 108 -39.88 4.63 -14.45
N ASP A 109 -40.08 4.77 -15.75
CA ASP A 109 -40.03 3.65 -16.69
C ASP A 109 -38.63 3.07 -16.83
N VAL A 110 -37.62 3.94 -16.84
CA VAL A 110 -36.22 3.52 -16.91
C VAL A 110 -35.87 2.65 -15.69
N VAL A 111 -36.30 3.09 -14.51
CA VAL A 111 -36.08 2.36 -13.26
C VAL A 111 -36.86 1.04 -13.27
N ASN A 112 -38.08 1.08 -13.79
CA ASN A 112 -38.94 -0.09 -13.89
C ASN A 112 -38.58 -1.03 -15.05
N LEU A 113 -37.38 -0.84 -15.60
CA LEU A 113 -36.81 -1.71 -16.64
C LEU A 113 -37.60 -1.74 -17.96
N ASP A 114 -38.10 -0.58 -18.37
CA ASP A 114 -38.73 -0.42 -19.67
C ASP A 114 -37.64 -0.21 -20.71
N LEU A 115 -37.42 -1.25 -21.53
CA LEU A 115 -36.37 -1.23 -22.54
C LEU A 115 -36.64 -0.23 -23.65
N LYS A 116 -37.90 -0.18 -24.11
CA LYS A 116 -38.31 0.77 -25.15
C LYS A 116 -38.00 2.20 -24.74
N SER A 117 -38.32 2.55 -23.49
CA SER A 117 -38.04 3.87 -22.93
C SER A 117 -36.54 4.14 -22.86
N THR A 118 -35.79 3.13 -22.40
CA THR A 118 -34.34 3.25 -22.24
C THR A 118 -33.65 3.45 -23.59
N LEU A 119 -34.02 2.66 -24.58
CA LEU A 119 -33.48 2.79 -25.94
C LEU A 119 -33.75 4.17 -26.57
N ARG A 120 -34.98 4.67 -26.37
CA ARG A 120 -35.35 6.02 -26.81
C ARG A 120 -34.45 7.09 -26.19
N VAL A 121 -34.24 6.99 -24.88
CA VAL A 121 -33.37 7.91 -24.14
C VAL A 121 -31.95 7.84 -24.70
N LEU A 122 -31.44 6.61 -24.86
CA LEU A 122 -30.07 6.40 -25.35
C LEU A 122 -29.86 6.84 -26.80
N TYR A 123 -30.88 6.64 -27.63
CA TYR A 123 -30.80 7.05 -29.04
C TYR A 123 -30.80 8.57 -29.19
N ASN A 124 -31.51 9.27 -28.31
CA ASN A 124 -31.44 10.72 -28.24
C ASN A 124 -30.02 11.22 -28.02
N LEU A 125 -29.29 10.53 -27.15
CA LEU A 125 -27.89 10.84 -26.88
C LEU A 125 -27.02 10.52 -28.10
N PHE A 126 -27.33 9.42 -28.77
CA PHE A 126 -26.61 9.00 -29.97
C PHE A 126 -26.68 10.04 -31.09
N THR A 127 -27.89 10.51 -31.41
CA THR A 127 -28.11 11.48 -32.50
C THR A 127 -27.32 12.76 -32.33
N LYS A 128 -27.14 13.18 -31.08
CA LYS A 128 -26.42 14.41 -30.78
C LYS A 128 -24.92 14.17 -30.61
N TYR A 129 -24.56 13.12 -29.89
CA TYR A 129 -23.16 12.84 -29.56
C TYR A 129 -22.55 11.73 -30.42
N LYS A 130 -22.98 11.68 -31.68
CA LYS A 130 -22.45 10.75 -32.69
C LYS A 130 -20.94 10.84 -32.88
N ASN A 131 -20.44 12.07 -33.01
CA ASN A 131 -19.04 12.32 -33.37
C ASN A 131 -18.07 12.43 -32.19
N VAL A 132 -18.62 12.62 -30.99
CA VAL A 132 -17.81 12.79 -29.77
C VAL A 132 -16.95 11.55 -29.50
N GLU A 133 -15.64 11.71 -29.62
CA GLU A 133 -14.68 10.63 -29.44
C GLU A 133 -14.48 10.27 -27.97
N ARG B 8 -8.73 28.57 -0.88
CA ARG B 8 -9.11 28.65 -2.31
C ARG B 8 -9.91 27.42 -2.76
N ASP B 9 -11.19 27.61 -3.04
CA ASP B 9 -12.06 26.51 -3.46
C ASP B 9 -12.03 26.30 -4.98
N ALA B 10 -12.94 25.46 -5.47
CA ALA B 10 -13.01 25.11 -6.88
C ALA B 10 -13.47 26.26 -7.79
N PHE B 11 -14.20 27.20 -7.21
CA PHE B 11 -14.73 28.35 -7.96
C PHE B 11 -13.66 29.32 -8.45
N ASP B 12 -12.55 29.42 -7.70
CA ASP B 12 -11.43 30.26 -8.09
C ASP B 12 -10.75 29.75 -9.36
N THR B 13 -10.63 28.42 -9.45
CA THR B 13 -10.00 27.76 -10.59
C THR B 13 -10.87 27.84 -11.85
N LEU B 14 -12.19 27.71 -11.67
CA LEU B 14 -13.13 27.78 -12.78
C LEU B 14 -13.11 29.14 -13.48
N PHE B 15 -13.04 30.21 -12.67
CA PHE B 15 -13.02 31.57 -13.18
C PHE B 15 -11.70 31.96 -13.84
N ASP B 16 -10.60 31.38 -13.36
CA ASP B 16 -9.27 31.76 -13.82
C ASP B 16 -8.61 30.79 -14.81
N HIS B 17 -9.11 29.55 -14.88
CA HIS B 17 -8.46 28.52 -15.70
C HIS B 17 -9.38 27.84 -16.69
N ALA B 18 -10.61 27.55 -16.26
CA ALA B 18 -11.52 26.71 -17.06
C ALA B 18 -12.90 27.32 -17.31
N PRO B 19 -13.02 28.17 -18.35
CA PRO B 19 -14.30 28.79 -18.71
C PRO B 19 -15.36 27.79 -19.19
N ASP B 20 -14.94 26.76 -19.93
CA ASP B 20 -15.85 25.75 -20.47
C ASP B 20 -16.43 24.85 -19.38
N LYS B 21 -15.63 24.57 -18.35
CA LYS B 21 -16.08 23.79 -17.22
C LYS B 21 -16.95 24.62 -16.27
N LEU B 22 -16.76 25.94 -16.30
CA LEU B 22 -17.61 26.88 -15.57
C LEU B 22 -19.00 26.95 -16.21
N SER B 23 -19.06 26.83 -17.54
CA SER B 23 -20.33 26.83 -18.28
C SER B 23 -21.23 25.70 -17.79
N VAL B 24 -20.62 24.55 -17.51
CA VAL B 24 -21.31 23.38 -16.96
C VAL B 24 -22.02 23.72 -15.65
N VAL B 25 -21.27 24.30 -14.70
CA VAL B 25 -21.81 24.70 -13.42
C VAL B 25 -22.94 25.74 -13.58
N LYS B 26 -22.70 26.73 -14.44
CA LYS B 26 -23.70 27.76 -14.74
C LYS B 26 -25.00 27.14 -15.26
N LYS B 27 -24.87 26.21 -16.22
CA LYS B 27 -26.01 25.56 -16.85
C LYS B 27 -26.85 24.74 -15.86
N SER B 28 -26.18 23.98 -14.99
CA SER B 28 -26.86 23.15 -14.01
C SER B 28 -27.56 23.99 -12.94
N LEU B 29 -26.94 25.09 -12.54
CA LEU B 29 -27.52 26.01 -11.57
C LEU B 29 -28.72 26.78 -12.12
N ILE B 30 -28.66 27.15 -13.40
CA ILE B 30 -29.78 27.81 -14.07
C ILE B 30 -31.04 26.94 -14.02
N THR B 31 -30.91 25.67 -14.39
CA THR B 31 -32.05 24.76 -14.46
C THR B 31 -32.47 24.23 -13.09
N PHE B 32 -31.57 24.29 -12.11
CA PHE B 32 -31.93 24.01 -10.72
C PHE B 32 -32.85 25.10 -10.19
N VAL B 33 -32.46 26.34 -10.49
CA VAL B 33 -33.20 27.52 -10.08
C VAL B 33 -34.55 27.59 -10.79
N ASN B 34 -34.55 27.33 -12.09
CA ASN B 34 -35.77 27.38 -12.90
C ASN B 34 -36.78 26.28 -12.55
N LYS B 35 -36.28 25.13 -12.13
CA LYS B 35 -37.14 24.02 -11.68
C LYS B 35 -38.15 24.50 -10.65
N HIS B 36 -37.72 25.39 -9.76
CA HIS B 36 -38.56 25.92 -8.71
C HIS B 36 -39.21 27.22 -9.07
N LEU B 37 -38.44 28.12 -9.68
CA LEU B 37 -38.93 29.46 -10.03
C LEU B 37 -39.98 29.48 -11.16
N ASN B 38 -39.99 28.45 -12.00
CA ASN B 38 -41.01 28.33 -13.05
C ASN B 38 -42.42 28.15 -12.49
N LYS B 39 -42.50 27.64 -11.26
CA LYS B 39 -43.78 27.45 -10.56
C LYS B 39 -44.45 28.77 -10.23
N LEU B 40 -43.65 29.83 -10.10
CA LEU B 40 -44.15 31.19 -9.86
C LEU B 40 -44.13 32.02 -11.15
N ASN B 41 -44.04 31.34 -12.29
CA ASN B 41 -43.94 31.97 -13.61
C ASN B 41 -42.70 32.83 -13.82
N LEU B 42 -41.62 32.49 -13.14
CA LEU B 42 -40.36 33.23 -13.22
C LEU B 42 -39.30 32.42 -13.95
N GLU B 43 -38.59 33.07 -14.88
CA GLU B 43 -37.53 32.41 -15.64
C GLU B 43 -36.20 33.13 -15.48
N VAL B 44 -35.13 32.35 -15.35
CA VAL B 44 -33.77 32.87 -15.24
C VAL B 44 -32.94 32.42 -16.43
N THR B 45 -32.39 33.40 -17.16
CA THR B 45 -31.49 33.12 -18.28
C THR B 45 -30.06 33.56 -17.96
N GLU B 46 -29.93 34.59 -17.11
CA GLU B 46 -28.64 35.14 -16.70
C GLU B 46 -28.41 34.96 -15.20
N LEU B 47 -27.20 34.54 -14.82
CA LEU B 47 -26.83 34.41 -13.40
C LEU B 47 -26.01 35.59 -12.90
N GLU B 48 -25.81 36.59 -13.75
CA GLU B 48 -24.95 37.72 -13.42
C GLU B 48 -25.69 39.03 -13.11
N THR B 49 -26.99 39.06 -13.38
CA THR B 49 -27.81 40.24 -13.09
C THR B 49 -29.12 39.88 -12.38
N GLN B 50 -29.73 38.77 -12.78
CA GLN B 50 -31.08 38.42 -12.34
C GLN B 50 -31.22 38.01 -10.87
N PHE B 51 -30.10 37.96 -10.16
CA PHE B 51 -30.12 37.69 -8.72
C PHE B 51 -29.66 38.87 -7.86
N ALA B 52 -29.34 39.99 -8.50
CA ALA B 52 -28.85 41.19 -7.82
C ALA B 52 -29.93 41.90 -7.00
N ASP B 53 -31.17 41.89 -7.51
CA ASP B 53 -32.33 42.42 -6.79
C ASP B 53 -32.46 41.79 -5.40
N GLY B 54 -32.18 40.50 -5.33
CA GLY B 54 -32.43 39.70 -4.14
C GLY B 54 -33.85 39.18 -4.12
N VAL B 55 -34.64 39.58 -5.12
CA VAL B 55 -36.04 39.19 -5.22
C VAL B 55 -36.21 37.70 -5.49
N TYR B 56 -35.49 37.18 -6.48
CA TYR B 56 -35.55 35.76 -6.83
C TYR B 56 -34.99 34.89 -5.72
N LEU B 57 -34.00 35.39 -4.98
CA LEU B 57 -33.44 34.67 -3.84
C LEU B 57 -34.44 34.48 -2.71
N VAL B 58 -35.20 35.54 -2.42
CA VAL B 58 -36.25 35.50 -1.40
C VAL B 58 -37.33 34.50 -1.80
N LEU B 59 -37.83 34.62 -3.04
CA LEU B 59 -38.90 33.76 -3.54
C LEU B 59 -38.44 32.31 -3.70
N LEU B 60 -37.16 32.13 -4.06
CA LEU B 60 -36.58 30.80 -4.20
C LEU B 60 -36.58 30.05 -2.87
N MET B 61 -36.18 30.75 -1.81
CA MET B 61 -36.17 30.18 -0.46
C MET B 61 -37.57 29.78 0.01
N GLY B 62 -38.57 30.55 -0.41
CA GLY B 62 -39.96 30.21 -0.13
C GLY B 62 -40.37 28.87 -0.72
N LEU B 63 -39.84 28.60 -1.91
CA LEU B 63 -40.15 27.37 -2.64
C LEU B 63 -39.38 26.16 -2.12
N LEU B 64 -38.10 26.36 -1.82
CA LEU B 64 -37.23 25.28 -1.34
C LEU B 64 -37.61 24.81 0.07
N GLU B 65 -38.09 25.73 0.90
CA GLU B 65 -38.48 25.43 2.28
C GLU B 65 -39.99 25.25 2.43
N ASP B 66 -40.73 25.54 1.36
CA ASP B 66 -42.19 25.32 1.28
C ASP B 66 -43.01 26.25 2.19
N TYR B 67 -42.85 27.55 1.98
CA TYR B 67 -43.72 28.56 2.61
C TYR B 67 -43.88 29.80 1.72
N PHE B 68 -44.96 30.54 1.97
CA PHE B 68 -45.21 31.81 1.27
C PHE B 68 -44.56 32.95 2.04
N VAL B 69 -43.75 33.74 1.33
CA VAL B 69 -43.12 34.91 1.92
C VAL B 69 -43.98 36.14 1.63
N PRO B 70 -44.50 36.80 2.70
CA PRO B 70 -45.31 38.01 2.56
C PRO B 70 -44.50 39.15 1.92
N LEU B 71 -45.17 39.96 1.11
CA LEU B 71 -44.50 41.00 0.33
C LEU B 71 -43.98 42.18 1.16
N HIS B 72 -44.46 42.31 2.40
CA HIS B 72 -44.02 43.40 3.29
C HIS B 72 -42.75 43.07 4.05
N HIS B 73 -42.23 41.86 3.85
CA HIS B 73 -40.97 41.43 4.46
C HIS B 73 -39.78 41.84 3.64
N PHE B 74 -40.02 42.14 2.36
CA PHE B 74 -38.95 42.49 1.43
C PHE B 74 -39.43 43.51 0.39
N TYR B 75 -38.55 43.88 -0.54
CA TYR B 75 -38.89 44.84 -1.59
C TYR B 75 -39.01 44.13 -2.94
N LEU B 76 -40.23 44.13 -3.48
CA LEU B 76 -40.54 43.43 -4.74
C LEU B 76 -39.87 44.09 -5.95
N THR B 77 -39.92 45.42 -5.99
CA THR B 77 -39.22 46.18 -7.03
C THR B 77 -38.35 47.26 -6.37
N PRO B 78 -37.13 46.87 -5.94
CA PRO B 78 -36.25 47.77 -5.20
C PRO B 78 -35.78 48.94 -6.06
N GLU B 79 -35.90 50.14 -5.52
CA GLU B 79 -35.48 51.36 -6.21
C GLU B 79 -34.05 51.73 -5.85
N SER B 80 -33.61 51.33 -4.65
CA SER B 80 -32.29 51.71 -4.15
C SER B 80 -31.36 50.52 -3.93
N PHE B 81 -30.10 50.82 -3.63
CA PHE B 81 -29.09 49.81 -3.27
C PHE B 81 -29.42 49.16 -1.93
N ASP B 82 -29.80 49.99 -0.95
CA ASP B 82 -30.16 49.52 0.40
C ASP B 82 -31.31 48.51 0.38
N GLN B 83 -32.31 48.77 -0.45
CA GLN B 83 -33.47 47.89 -0.60
C GLN B 83 -33.08 46.52 -1.18
N LYS B 84 -32.14 46.52 -2.12
CA LYS B 84 -31.60 45.29 -2.69
C LYS B 84 -30.84 44.50 -1.63
N VAL B 85 -29.98 45.19 -0.88
CA VAL B 85 -29.20 44.58 0.21
C VAL B 85 -30.12 44.01 1.28
N HIS B 86 -31.23 44.69 1.54
CA HIS B 86 -32.26 44.17 2.44
C HIS B 86 -32.75 42.82 1.99
N ASN B 87 -33.09 42.70 0.71
CA ASN B 87 -33.61 41.46 0.13
C ASN B 87 -32.63 40.30 0.27
N VAL B 88 -31.38 40.55 -0.14
CA VAL B 88 -30.35 39.52 -0.15
C VAL B 88 -30.08 39.02 1.27
N SER B 89 -29.94 39.94 2.21
CA SER B 89 -29.66 39.59 3.61
C SER B 89 -30.85 38.93 4.30
N PHE B 90 -32.06 39.25 3.84
CA PHE B 90 -33.27 38.57 4.32
C PHE B 90 -33.32 37.14 3.80
N ALA B 91 -32.85 36.94 2.56
CA ALA B 91 -32.72 35.61 1.97
C ALA B 91 -31.68 34.79 2.73
N PHE B 92 -30.62 35.46 3.18
CA PHE B 92 -29.57 34.85 3.99
C PHE B 92 -30.09 34.41 5.36
N GLU B 93 -31.09 35.13 5.87
CA GLU B 93 -31.74 34.80 7.14
C GLU B 93 -32.57 33.52 7.03
N LEU B 94 -33.32 33.40 5.93
CA LEU B 94 -34.15 32.23 5.65
C LEU B 94 -33.28 31.00 5.42
N MET B 95 -32.11 31.21 4.82
CA MET B 95 -31.12 30.17 4.61
C MET B 95 -30.57 29.63 5.93
N LEU B 96 -30.31 30.54 6.88
CA LEU B 96 -29.87 30.16 8.22
C LEU B 96 -30.96 29.48 9.03
N ASP B 97 -32.21 29.92 8.82
CA ASP B 97 -33.37 29.32 9.49
C ASP B 97 -33.72 27.94 8.93
N GLY B 98 -33.31 27.69 7.69
CA GLY B 98 -33.51 26.39 7.06
C GLY B 98 -32.50 25.35 7.51
N GLY B 99 -31.46 25.80 8.21
CA GLY B 99 -30.42 24.91 8.74
C GLY B 99 -29.11 25.02 7.99
N LEU B 100 -29.13 25.75 6.88
CA LEU B 100 -27.94 25.92 6.03
C LEU B 100 -26.91 26.85 6.69
N LYS B 101 -25.64 26.47 6.57
CA LYS B 101 -24.54 27.25 7.12
C LYS B 101 -24.40 28.59 6.41
N LYS B 102 -23.97 29.61 7.17
CA LYS B 102 -23.70 30.94 6.64
C LYS B 102 -22.84 30.87 5.37
N PRO B 103 -23.29 31.53 4.29
CA PRO B 103 -22.52 31.51 3.04
C PRO B 103 -21.25 32.36 3.13
N LYS B 104 -20.19 31.93 2.46
CA LYS B 104 -18.95 32.71 2.38
C LYS B 104 -19.08 33.80 1.32
N ALA B 105 -19.99 34.73 1.58
CA ALA B 105 -20.30 35.85 0.70
C ALA B 105 -21.12 36.86 1.49
N ARG B 106 -20.75 38.14 1.37
CA ARG B 106 -21.51 39.24 1.97
C ARG B 106 -22.77 39.45 1.13
N PRO B 107 -23.87 39.89 1.76
CA PRO B 107 -25.08 40.22 0.99
C PRO B 107 -24.80 41.24 -0.12
N GLU B 108 -23.87 42.16 0.15
CA GLU B 108 -23.48 43.20 -0.80
C GLU B 108 -22.81 42.63 -2.05
N ASP B 109 -22.06 41.55 -1.88
CA ASP B 109 -21.38 40.86 -2.98
C ASP B 109 -22.34 40.43 -4.09
N VAL B 110 -23.52 39.95 -3.69
CA VAL B 110 -24.55 39.55 -4.64
C VAL B 110 -25.08 40.77 -5.40
N VAL B 111 -25.31 41.87 -4.67
CA VAL B 111 -25.82 43.12 -5.25
C VAL B 111 -24.79 43.80 -6.16
N ASN B 112 -23.52 43.69 -5.79
CA ASN B 112 -22.42 44.29 -6.55
C ASN B 112 -22.02 43.47 -7.78
N LEU B 113 -22.85 42.47 -8.11
CA LEU B 113 -22.68 41.59 -9.28
C LEU B 113 -21.38 40.77 -9.27
N ASP B 114 -20.99 40.31 -8.09
CA ASP B 114 -19.87 39.38 -7.99
C ASP B 114 -20.36 37.99 -8.35
N LEU B 115 -20.09 37.58 -9.59
CA LEU B 115 -20.57 36.30 -10.12
C LEU B 115 -20.12 35.11 -9.26
N LYS B 116 -18.86 35.12 -8.84
CA LYS B 116 -18.30 34.08 -7.99
C LYS B 116 -19.07 33.95 -6.67
N SER B 117 -19.36 35.08 -6.05
CA SER B 117 -20.14 35.11 -4.81
C SER B 117 -21.56 34.59 -5.02
N THR B 118 -22.14 34.97 -6.16
CA THR B 118 -23.50 34.57 -6.51
C THR B 118 -23.60 33.06 -6.75
N LEU B 119 -22.62 32.51 -7.48
CA LEU B 119 -22.56 31.09 -7.76
C LEU B 119 -22.33 30.26 -6.50
N ARG B 120 -21.54 30.80 -5.57
CA ARG B 120 -21.31 30.17 -4.27
C ARG B 120 -22.60 30.03 -3.48
N VAL B 121 -23.41 31.08 -3.51
CA VAL B 121 -24.68 31.12 -2.78
C VAL B 121 -25.67 30.12 -3.38
N LEU B 122 -25.78 30.11 -4.70
CA LEU B 122 -26.70 29.21 -5.41
C LEU B 122 -26.28 27.74 -5.36
N TYR B 123 -24.97 27.49 -5.36
CA TYR B 123 -24.47 26.12 -5.25
C TYR B 123 -24.68 25.54 -3.85
N ASN B 124 -24.60 26.40 -2.83
CA ASN B 124 -24.87 25.98 -1.46
C ASN B 124 -26.32 25.55 -1.27
N LEU B 125 -27.23 26.22 -1.97
CA LEU B 125 -28.64 25.82 -2.01
C LEU B 125 -28.80 24.52 -2.79
N PHE B 126 -28.09 24.43 -3.91
CA PHE B 126 -28.13 23.26 -4.79
C PHE B 126 -27.83 21.97 -4.05
N THR B 127 -26.76 21.96 -3.26
CA THR B 127 -26.36 20.77 -2.50
C THR B 127 -27.39 20.37 -1.45
N LYS B 128 -27.98 21.36 -0.78
CA LYS B 128 -28.94 21.12 0.29
C LYS B 128 -30.31 20.69 -0.23
N TYR B 129 -30.77 21.36 -1.31
CA TYR B 129 -32.13 21.15 -1.81
C TYR B 129 -32.19 20.39 -3.14
N LYS B 130 -31.16 19.60 -3.43
CA LYS B 130 -31.10 18.78 -4.64
C LYS B 130 -32.20 17.71 -4.67
N ASN B 131 -32.65 17.29 -3.48
CA ASN B 131 -33.69 16.27 -3.35
C ASN B 131 -35.11 16.84 -3.45
N VAL B 132 -35.22 18.16 -3.37
CA VAL B 132 -36.52 18.84 -3.43
C VAL B 132 -37.02 18.93 -4.87
N GLU B 133 -38.14 18.27 -5.15
CA GLU B 133 -38.74 18.27 -6.48
C GLU B 133 -39.57 19.53 -6.72
N GLU C 7 -0.79 33.02 -33.84
CA GLU C 7 -1.18 34.41 -33.48
C GLU C 7 0.02 35.20 -32.94
N ARG C 8 0.00 36.51 -33.16
CA ARG C 8 1.13 37.38 -32.81
C ARG C 8 1.09 37.86 -31.34
N ASP C 9 2.24 37.75 -30.68
CA ASP C 9 2.40 38.14 -29.28
C ASP C 9 3.70 38.92 -29.05
N ALA C 10 4.11 39.02 -27.77
CA ALA C 10 5.27 39.82 -27.37
C ALA C 10 6.61 39.30 -27.91
N PHE C 11 6.73 37.98 -28.06
CA PHE C 11 7.98 37.36 -28.51
C PHE C 11 8.27 37.59 -29.99
N ASP C 12 7.23 37.78 -30.79
CA ASP C 12 7.37 38.12 -32.21
C ASP C 12 7.97 39.50 -32.39
N THR C 13 7.56 40.45 -31.53
CA THR C 13 8.10 41.80 -31.52
C THR C 13 9.59 41.79 -31.13
N LEU C 14 9.93 40.90 -30.19
CA LEU C 14 11.30 40.73 -29.71
C LEU C 14 12.24 40.20 -30.80
N PHE C 15 11.74 39.29 -31.62
CA PHE C 15 12.56 38.67 -32.67
C PHE C 15 12.57 39.45 -33.98
N ASP C 16 11.58 40.31 -34.18
CA ASP C 16 11.49 41.12 -35.40
C ASP C 16 12.07 42.52 -35.22
N HIS C 17 11.83 43.13 -34.05
CA HIS C 17 12.10 44.56 -33.86
C HIS C 17 13.05 44.90 -32.74
N ALA C 18 13.20 44.00 -31.77
CA ALA C 18 14.06 44.26 -30.61
C ALA C 18 15.08 43.16 -30.34
N PRO C 19 16.06 42.98 -31.24
CA PRO C 19 17.02 41.88 -31.10
C PRO C 19 18.07 42.11 -30.01
N ASP C 20 18.29 43.37 -29.64
CA ASP C 20 19.30 43.74 -28.65
C ASP C 20 18.89 43.40 -27.22
N LYS C 21 17.58 43.29 -26.98
CA LYS C 21 17.05 42.96 -25.65
C LYS C 21 16.70 41.48 -25.50
N LEU C 22 17.24 40.66 -26.41
CA LEU C 22 17.03 39.22 -26.38
C LEU C 22 17.90 38.54 -25.31
N SER C 23 19.10 39.08 -25.12
CA SER C 23 20.04 38.56 -24.11
C SER C 23 19.57 38.79 -22.67
N VAL C 24 18.76 39.84 -22.49
CA VAL C 24 18.15 40.12 -21.18
C VAL C 24 17.05 39.10 -20.87
N VAL C 25 16.31 38.70 -21.91
CA VAL C 25 15.26 37.69 -21.80
C VAL C 25 15.86 36.32 -21.48
N LYS C 26 16.96 35.98 -22.15
CA LYS C 26 17.66 34.71 -21.95
C LYS C 26 18.17 34.56 -20.51
N LYS C 27 18.97 35.53 -20.07
CA LYS C 27 19.62 35.49 -18.75
C LYS C 27 18.64 35.37 -17.58
N SER C 28 17.49 36.02 -17.72
CA SER C 28 16.45 35.97 -16.69
C SER C 28 15.74 34.63 -16.65
N LEU C 29 15.59 34.01 -17.83
CA LEU C 29 14.98 32.68 -17.94
C LEU C 29 15.94 31.55 -17.56
N ILE C 30 17.22 31.72 -17.88
CA ILE C 30 18.28 30.77 -17.53
C ILE C 30 18.40 30.61 -16.01
N THR C 31 18.43 31.73 -15.30
CA THR C 31 18.53 31.70 -13.83
C THR C 31 17.26 31.19 -13.16
N PHE C 32 16.12 31.37 -13.85
CA PHE C 32 14.85 30.81 -13.39
C PHE C 32 14.82 29.30 -13.59
N VAL C 33 15.31 28.86 -14.75
CA VAL C 33 15.40 27.44 -15.09
C VAL C 33 16.39 26.72 -14.18
N ASN C 34 17.55 27.33 -13.96
CA ASN C 34 18.58 26.76 -13.08
C ASN C 34 18.18 26.75 -11.61
N LYS C 35 17.36 27.72 -11.21
CA LYS C 35 16.85 27.81 -9.84
C LYS C 35 16.27 26.49 -9.37
N HIS C 36 15.70 25.73 -10.29
CA HIS C 36 15.07 24.45 -9.98
C HIS C 36 15.87 23.27 -10.49
N LEU C 37 16.49 23.43 -11.66
CA LEU C 37 17.25 22.34 -12.28
C LEU C 37 18.59 22.03 -11.59
N ASN C 38 19.11 23.00 -10.85
CA ASN C 38 20.31 22.79 -10.04
C ASN C 38 20.08 21.78 -8.91
N LYS C 39 18.82 21.63 -8.54
CA LYS C 39 18.41 20.67 -7.51
C LYS C 39 18.56 19.22 -7.97
N LEU C 40 18.65 19.03 -9.28
CA LEU C 40 18.87 17.70 -9.86
C LEU C 40 20.24 17.59 -10.53
N ASN C 41 21.17 18.45 -10.10
CA ASN C 41 22.55 18.47 -10.60
C ASN C 41 22.66 18.73 -12.10
N LEU C 42 21.75 19.54 -12.63
CA LEU C 42 21.71 19.88 -14.04
C LEU C 42 21.83 21.40 -14.24
N GLU C 43 22.57 21.80 -15.27
CA GLU C 43 22.79 23.22 -15.54
C GLU C 43 22.51 23.54 -17.01
N VAL C 44 21.82 24.66 -17.23
CA VAL C 44 21.52 25.14 -18.58
C VAL C 44 22.32 26.40 -18.88
N THR C 45 23.09 26.36 -19.97
CA THR C 45 23.86 27.52 -20.44
C THR C 45 23.31 28.06 -21.77
N GLU C 46 22.68 27.18 -22.55
CA GLU C 46 22.05 27.55 -23.80
C GLU C 46 20.64 26.97 -23.89
N LEU C 47 19.65 27.85 -23.94
CA LEU C 47 18.24 27.45 -23.88
C LEU C 47 17.75 26.67 -25.10
N GLU C 48 18.19 27.09 -26.28
CA GLU C 48 17.74 26.48 -27.54
C GLU C 48 18.18 25.02 -27.70
N THR C 49 19.41 24.72 -27.29
CA THR C 49 20.01 23.41 -27.55
C THR C 49 19.77 22.37 -26.43
N GLN C 50 19.68 22.84 -25.19
CA GLN C 50 19.59 21.95 -24.03
C GLN C 50 18.17 21.55 -23.66
N PHE C 51 17.18 22.14 -24.33
CA PHE C 51 15.78 21.80 -24.10
C PHE C 51 15.17 21.01 -25.26
N ALA C 52 15.95 20.82 -26.32
CA ALA C 52 15.50 20.10 -27.52
C ALA C 52 15.18 18.62 -27.25
N ASP C 53 15.89 18.03 -26.29
CA ASP C 53 15.65 16.65 -25.86
C ASP C 53 14.23 16.43 -25.35
N GLY C 54 13.72 17.42 -24.62
CA GLY C 54 12.45 17.29 -23.93
C GLY C 54 12.63 16.76 -22.52
N VAL C 55 13.80 16.16 -22.27
CA VAL C 55 14.14 15.57 -20.96
C VAL C 55 14.07 16.62 -19.85
N TYR C 56 14.71 17.76 -20.09
CA TYR C 56 14.78 18.85 -19.10
C TYR C 56 13.41 19.48 -18.82
N LEU C 57 12.53 19.50 -19.83
CA LEU C 57 11.18 20.02 -19.66
C LEU C 57 10.30 19.08 -18.82
N VAL C 58 10.50 17.78 -18.99
CA VAL C 58 9.79 16.76 -18.21
C VAL C 58 10.22 16.83 -16.73
N LEU C 59 11.53 16.89 -16.51
CA LEU C 59 12.08 16.92 -15.15
C LEU C 59 11.74 18.21 -14.42
N LEU C 60 11.72 19.32 -15.18
CA LEU C 60 11.39 20.63 -14.63
C LEU C 60 9.96 20.67 -14.09
N MET C 61 9.03 20.07 -14.83
CA MET C 61 7.63 20.01 -14.43
C MET C 61 7.39 19.21 -13.15
N GLY C 62 8.20 18.17 -12.96
CA GLY C 62 8.16 17.37 -11.74
C GLY C 62 8.70 18.13 -10.55
N LEU C 63 9.62 19.05 -10.81
CA LEU C 63 10.21 19.89 -9.76
C LEU C 63 9.26 21.02 -9.34
N LEU C 64 8.57 21.60 -10.32
CA LEU C 64 7.69 22.74 -10.08
C LEU C 64 6.35 22.34 -9.43
N GLU C 65 5.98 21.07 -9.56
CA GLU C 65 4.74 20.57 -8.97
C GLU C 65 4.98 19.45 -7.94
N ASP C 66 6.26 19.22 -7.62
CA ASP C 66 6.69 18.32 -6.55
C ASP C 66 6.24 16.86 -6.69
N TYR C 67 6.70 16.22 -7.78
CA TYR C 67 6.50 14.78 -7.97
C TYR C 67 7.64 14.17 -8.80
N PHE C 68 7.84 12.86 -8.64
CA PHE C 68 8.83 12.13 -9.41
C PHE C 68 8.18 11.52 -10.66
N VAL C 69 8.69 11.88 -11.83
CA VAL C 69 8.15 11.38 -13.10
C VAL C 69 8.74 10.00 -13.40
N PRO C 70 7.88 8.97 -13.50
CA PRO C 70 8.33 7.61 -13.81
C PRO C 70 9.03 7.56 -15.16
N LEU C 71 10.12 6.80 -15.25
CA LEU C 71 10.98 6.80 -16.42
C LEU C 71 10.44 6.01 -17.61
N HIS C 72 9.38 5.24 -17.39
CA HIS C 72 8.77 4.45 -18.47
C HIS C 72 7.78 5.24 -19.29
N HIS C 73 7.44 6.43 -18.81
CA HIS C 73 6.50 7.31 -19.50
C HIS C 73 7.15 8.13 -20.59
N PHE C 74 8.47 8.29 -20.50
CA PHE C 74 9.24 9.06 -21.49
C PHE C 74 10.60 8.43 -21.77
N TYR C 75 11.39 9.08 -22.61
CA TYR C 75 12.73 8.60 -22.95
C TYR C 75 13.80 9.47 -22.29
N LEU C 76 14.39 8.95 -21.21
CA LEU C 76 15.41 9.68 -20.45
C LEU C 76 16.68 9.90 -21.26
N THR C 77 17.00 8.96 -22.14
CA THR C 77 18.08 9.14 -23.12
C THR C 77 17.53 8.93 -24.54
N PRO C 78 16.99 10.00 -25.15
CA PRO C 78 16.40 9.92 -26.48
C PRO C 78 17.46 9.67 -27.55
N GLU C 79 17.11 8.84 -28.54
CA GLU C 79 18.05 8.45 -29.59
C GLU C 79 17.52 8.77 -31.00
N SER C 80 16.24 9.14 -31.08
CA SER C 80 15.61 9.47 -32.36
C SER C 80 14.73 10.72 -32.25
N PHE C 81 14.37 11.28 -33.40
CA PHE C 81 13.52 12.46 -33.49
C PHE C 81 12.17 12.24 -32.81
N ASP C 82 11.55 11.09 -33.06
CA ASP C 82 10.22 10.75 -32.52
C ASP C 82 10.21 10.59 -31.00
N GLN C 83 11.35 10.18 -30.44
CA GLN C 83 11.49 10.06 -28.99
C GLN C 83 11.55 11.42 -28.30
N LYS C 84 12.21 12.38 -28.95
CA LYS C 84 12.33 13.75 -28.43
C LYS C 84 10.99 14.49 -28.49
N VAL C 85 10.26 14.30 -29.59
CA VAL C 85 8.93 14.91 -29.77
C VAL C 85 7.96 14.37 -28.72
N HIS C 86 8.09 13.08 -28.41
CA HIS C 86 7.32 12.45 -27.33
C HIS C 86 7.55 13.15 -26.02
N ASN C 87 8.83 13.39 -25.71
CA ASN C 87 9.22 14.05 -24.46
C ASN C 87 8.65 15.46 -24.30
N VAL C 88 8.71 16.24 -25.37
CA VAL C 88 8.20 17.62 -25.34
C VAL C 88 6.67 17.63 -25.20
N SER C 89 6.00 16.80 -25.98
CA SER C 89 4.53 16.69 -25.91
C SER C 89 4.06 16.09 -24.59
N PHE C 90 4.90 15.24 -23.99
CA PHE C 90 4.61 14.67 -22.67
C PHE C 90 4.75 15.73 -21.59
N ALA C 91 5.74 16.61 -21.75
CA ALA C 91 5.91 17.76 -20.87
C ALA C 91 4.73 18.71 -21.00
N PHE C 92 4.19 18.81 -22.21
CA PHE C 92 3.00 19.60 -22.50
C PHE C 92 1.76 19.03 -21.82
N GLU C 93 1.72 17.71 -21.67
CA GLU C 93 0.64 17.02 -20.94
C GLU C 93 0.69 17.41 -19.46
N LEU C 94 1.89 17.42 -18.91
CA LEU C 94 2.12 17.75 -17.50
C LEU C 94 1.84 19.23 -17.21
N MET C 95 2.05 20.07 -18.23
CA MET C 95 1.75 21.49 -18.13
C MET C 95 0.24 21.74 -18.09
N LEU C 96 -0.53 20.86 -18.74
CA LEU C 96 -1.99 20.92 -18.70
C LEU C 96 -2.55 20.41 -17.37
N ASP C 97 -1.85 19.47 -16.76
CA ASP C 97 -2.24 18.91 -15.46
C ASP C 97 -1.99 19.88 -14.30
N GLY C 98 -0.98 20.73 -14.45
CA GLY C 98 -0.62 21.71 -13.42
C GLY C 98 -1.61 22.86 -13.31
N GLY C 99 -2.35 23.10 -14.39
CA GLY C 99 -3.33 24.19 -14.44
C GLY C 99 -2.85 25.35 -15.31
N LEU C 100 -1.92 25.05 -16.21
CA LEU C 100 -1.36 26.05 -17.11
C LEU C 100 -1.97 25.91 -18.51
N LYS C 101 -2.13 27.04 -19.19
CA LYS C 101 -2.72 27.09 -20.52
C LYS C 101 -1.79 26.44 -21.56
N LYS C 102 -2.40 25.87 -22.60
CA LYS C 102 -1.67 25.23 -23.71
C LYS C 102 -0.68 26.21 -24.34
N PRO C 103 0.63 25.85 -24.32
CA PRO C 103 1.66 26.71 -24.90
C PRO C 103 1.55 26.79 -26.42
N LYS C 104 1.64 28.01 -26.96
CA LYS C 104 1.53 28.22 -28.40
C LYS C 104 2.83 27.87 -29.12
N ALA C 105 3.15 26.58 -29.12
CA ALA C 105 4.36 26.05 -29.76
C ALA C 105 4.16 24.60 -30.18
N ARG C 106 4.63 24.27 -31.38
CA ARG C 106 4.64 22.89 -31.85
C ARG C 106 5.80 22.13 -31.21
N PRO C 107 5.53 20.95 -30.64
CA PRO C 107 6.57 20.11 -30.03
C PRO C 107 7.75 19.81 -30.97
N GLU C 108 7.49 19.86 -32.28
CA GLU C 108 8.52 19.65 -33.29
C GLU C 108 9.50 20.81 -33.37
N ASP C 109 9.00 22.03 -33.17
CA ASP C 109 9.83 23.24 -33.20
C ASP C 109 10.88 23.24 -32.09
N VAL C 110 10.46 22.89 -30.87
CA VAL C 110 11.36 22.77 -29.71
C VAL C 110 12.50 21.78 -30.00
N VAL C 111 12.16 20.65 -30.61
CA VAL C 111 13.15 19.64 -30.98
C VAL C 111 14.06 20.15 -32.10
N ASN C 112 13.50 20.96 -32.99
CA ASN C 112 14.25 21.54 -34.11
C ASN C 112 15.09 22.77 -33.73
N LEU C 113 15.21 23.02 -32.43
CA LEU C 113 16.04 24.11 -31.87
C LEU C 113 15.51 25.51 -32.17
N ASP C 114 14.19 25.63 -32.25
CA ASP C 114 13.53 26.93 -32.39
C ASP C 114 13.57 27.66 -31.06
N LEU C 115 14.40 28.69 -30.97
CA LEU C 115 14.58 29.47 -29.75
C LEU C 115 13.30 30.24 -29.38
N LYS C 116 12.63 30.78 -30.38
CA LYS C 116 11.40 31.56 -30.18
C LYS C 116 10.31 30.76 -29.50
N SER C 117 10.10 29.52 -29.95
CA SER C 117 9.09 28.64 -29.38
C SER C 117 9.45 28.15 -27.98
N THR C 118 10.74 27.92 -27.76
CA THR C 118 11.26 27.48 -26.46
C THR C 118 11.10 28.58 -25.41
N LEU C 119 11.32 29.83 -25.81
CA LEU C 119 11.15 30.98 -24.93
C LEU C 119 9.68 31.18 -24.51
N ARG C 120 8.75 30.90 -25.42
CA ARG C 120 7.32 30.95 -25.12
C ARG C 120 6.94 29.92 -24.06
N VAL C 121 7.49 28.70 -24.20
CA VAL C 121 7.21 27.60 -23.29
C VAL C 121 7.73 27.90 -21.88
N LEU C 122 8.95 28.42 -21.81
CA LEU C 122 9.59 28.73 -20.54
C LEU C 122 8.95 29.92 -19.83
N TYR C 123 8.51 30.91 -20.60
CA TYR C 123 7.82 32.08 -20.04
C TYR C 123 6.45 31.72 -19.49
N ASN C 124 5.80 30.72 -20.11
CA ASN C 124 4.56 30.16 -19.58
C ASN C 124 4.77 29.56 -18.19
N LEU C 125 5.93 28.94 -18.00
CA LEU C 125 6.32 28.38 -16.71
C LEU C 125 6.80 29.48 -15.77
N PHE C 126 7.37 30.54 -16.32
CA PHE C 126 7.86 31.67 -15.53
C PHE C 126 6.73 32.44 -14.85
N THR C 127 5.67 32.75 -15.60
CA THR C 127 4.53 33.52 -15.07
C THR C 127 3.79 32.79 -13.95
N LYS C 128 3.78 31.46 -14.01
CA LYS C 128 3.09 30.66 -13.01
C LYS C 128 3.99 30.32 -11.82
N TYR C 129 5.29 30.12 -12.08
CA TYR C 129 6.21 29.63 -11.06
C TYR C 129 7.34 30.61 -10.70
N LYS C 130 7.09 31.90 -10.89
CA LYS C 130 8.02 32.96 -10.50
C LYS C 130 8.25 32.95 -8.98
N ASN C 131 7.16 32.74 -8.24
CA ASN C 131 7.21 32.73 -6.77
C ASN C 131 7.86 31.48 -6.19
N VAL C 132 7.62 30.34 -6.84
CA VAL C 132 8.10 29.04 -6.36
C VAL C 132 9.63 28.99 -6.36
N GLU C 133 10.20 28.71 -5.18
CA GLU C 133 11.64 28.60 -5.00
C GLU C 133 12.09 27.15 -4.97
N ASP D 9 -1.38 -7.32 16.84
CA ASP D 9 -1.30 -7.76 18.26
C ASP D 9 -2.43 -7.16 19.11
N ALA D 10 -2.68 -5.87 18.92
CA ALA D 10 -3.74 -5.17 19.65
C ALA D 10 -5.13 -5.67 19.26
N PHE D 11 -5.27 -6.11 18.02
CA PHE D 11 -6.52 -6.68 17.51
C PHE D 11 -6.63 -8.19 17.72
N ASP D 12 -5.52 -8.80 18.16
CA ASP D 12 -5.49 -10.24 18.44
C ASP D 12 -6.20 -10.56 19.75
N THR D 13 -6.17 -9.62 20.69
CA THR D 13 -6.87 -9.76 21.97
C THR D 13 -8.37 -9.60 21.78
N LEU D 14 -8.75 -8.78 20.80
CA LEU D 14 -10.14 -8.45 20.51
C LEU D 14 -10.91 -9.62 19.89
N PHE D 15 -10.19 -10.55 19.27
CA PHE D 15 -10.81 -11.69 18.59
C PHE D 15 -10.78 -13.00 19.39
N ASP D 16 -9.87 -13.09 20.36
CA ASP D 16 -9.69 -14.32 21.14
C ASP D 16 -10.14 -14.20 22.59
N HIS D 17 -9.56 -13.26 23.32
CA HIS D 17 -9.81 -13.12 24.76
C HIS D 17 -11.05 -12.34 25.10
N ALA D 18 -11.33 -11.31 24.32
CA ALA D 18 -12.49 -10.45 24.57
C ALA D 18 -13.38 -10.27 23.33
N PRO D 19 -14.27 -11.26 23.08
CA PRO D 19 -15.20 -11.17 21.93
C PRO D 19 -16.36 -10.19 22.17
N ASP D 20 -16.57 -9.83 23.44
CA ASP D 20 -17.66 -8.92 23.82
C ASP D 20 -17.39 -7.46 23.40
N LYS D 21 -16.12 -7.08 23.39
CA LYS D 21 -15.71 -5.71 23.06
C LYS D 21 -15.49 -5.49 21.56
N LEU D 22 -15.71 -6.55 20.77
CA LEU D 22 -15.56 -6.50 19.32
C LEU D 22 -16.60 -5.59 18.67
N SER D 23 -17.84 -5.68 19.15
CA SER D 23 -18.94 -4.87 18.65
C SER D 23 -18.78 -3.39 18.97
N VAL D 24 -18.14 -3.10 20.10
CA VAL D 24 -17.88 -1.72 20.53
C VAL D 24 -16.90 -1.04 19.57
N VAL D 25 -15.87 -1.77 19.14
CA VAL D 25 -14.90 -1.28 18.19
C VAL D 25 -15.52 -1.14 16.79
N LYS D 26 -16.33 -2.13 16.42
CA LYS D 26 -17.04 -2.12 15.14
C LYS D 26 -17.94 -0.88 15.01
N LYS D 27 -18.84 -0.71 15.97
CA LYS D 27 -19.81 0.40 15.96
C LYS D 27 -19.14 1.77 15.91
N SER D 28 -18.07 1.93 16.68
CA SER D 28 -17.33 3.19 16.73
C SER D 28 -16.57 3.47 15.44
N LEU D 29 -16.11 2.41 14.77
CA LEU D 29 -15.45 2.55 13.47
C LEU D 29 -16.44 2.82 12.35
N ILE D 30 -17.65 2.24 12.47
CA ILE D 30 -18.73 2.47 11.51
C ILE D 30 -19.14 3.94 11.51
N THR D 31 -19.34 4.51 12.70
CA THR D 31 -19.75 5.91 12.85
C THR D 31 -18.71 6.88 12.30
N PHE D 32 -17.43 6.57 12.50
CA PHE D 32 -16.34 7.35 11.93
C PHE D 32 -16.32 7.29 10.41
N VAL D 33 -16.51 6.09 9.88
CA VAL D 33 -16.55 5.84 8.43
C VAL D 33 -17.76 6.53 7.79
N ASN D 34 -18.92 6.39 8.42
CA ASN D 34 -20.15 7.00 7.92
C ASN D 34 -20.14 8.53 7.98
N LYS D 35 -19.44 9.08 8.98
CA LYS D 35 -19.31 10.53 9.15
C LYS D 35 -18.83 11.21 7.86
N HIS D 36 -17.98 10.52 7.11
CA HIS D 36 -17.43 11.04 5.86
C HIS D 36 -18.10 10.49 4.63
N LEU D 37 -18.48 9.21 4.68
CA LEU D 37 -19.14 8.57 3.54
C LEU D 37 -20.56 9.08 3.29
N ASN D 38 -21.20 9.61 4.32
CA ASN D 38 -22.54 10.19 4.20
C ASN D 38 -22.56 11.44 3.33
N LYS D 39 -21.43 12.14 3.26
CA LYS D 39 -21.26 13.32 2.40
C LYS D 39 -21.43 12.96 0.93
N LEU D 40 -21.10 11.73 0.58
CA LEU D 40 -21.27 11.20 -0.77
C LEU D 40 -22.56 10.38 -0.90
N ASN D 41 -23.45 10.53 0.07
CA ASN D 41 -24.74 9.82 0.13
C ASN D 41 -24.59 8.30 0.28
N LEU D 42 -23.48 7.86 0.86
CA LEU D 42 -23.20 6.44 1.04
C LEU D 42 -23.21 6.08 2.52
N GLU D 43 -23.57 4.84 2.83
CA GLU D 43 -23.70 4.39 4.22
C GLU D 43 -23.26 2.94 4.39
N VAL D 44 -22.52 2.68 5.47
CA VAL D 44 -22.05 1.34 5.80
C VAL D 44 -22.87 0.77 6.96
N THR D 45 -23.23 -0.51 6.85
CA THR D 45 -23.93 -1.22 7.91
C THR D 45 -23.11 -2.41 8.43
N GLU D 46 -22.37 -3.05 7.53
CA GLU D 46 -21.53 -4.20 7.88
C GLU D 46 -20.10 -4.00 7.38
N LEU D 47 -19.14 -4.11 8.31
CA LEU D 47 -17.72 -3.93 7.98
C LEU D 47 -17.10 -5.19 7.36
N GLU D 48 -17.77 -6.32 7.52
CA GLU D 48 -17.26 -7.61 7.06
C GLU D 48 -17.38 -7.85 5.55
N THR D 49 -18.13 -7.01 4.85
CA THR D 49 -18.33 -7.16 3.41
C THR D 49 -18.16 -5.87 2.60
N GLN D 50 -18.62 -4.76 3.15
CA GLN D 50 -18.75 -3.49 2.40
C GLN D 50 -17.43 -2.79 2.07
N PHE D 51 -16.31 -3.37 2.49
CA PHE D 51 -15.00 -2.80 2.17
C PHE D 51 -14.16 -3.71 1.27
N ALA D 52 -14.68 -4.89 0.96
CA ALA D 52 -14.00 -5.86 0.11
C ALA D 52 -13.81 -5.39 -1.33
N ASP D 53 -14.76 -4.58 -1.82
CA ASP D 53 -14.69 -3.99 -3.16
C ASP D 53 -13.50 -3.05 -3.31
N GLY D 54 -13.14 -2.38 -2.22
CA GLY D 54 -12.10 -1.36 -2.24
C GLY D 54 -12.63 0.00 -2.63
N VAL D 55 -13.83 0.02 -3.22
CA VAL D 55 -14.47 1.24 -3.68
C VAL D 55 -14.60 2.27 -2.56
N TYR D 56 -15.20 1.86 -1.44
CA TYR D 56 -15.39 2.75 -0.30
C TYR D 56 -14.08 3.18 0.34
N LEU D 57 -13.05 2.35 0.26
CA LEU D 57 -11.71 2.71 0.74
C LEU D 57 -11.08 3.84 -0.09
N VAL D 58 -11.22 3.74 -1.41
CA VAL D 58 -10.73 4.77 -2.33
C VAL D 58 -11.46 6.09 -2.08
N LEU D 59 -12.79 6.03 -2.04
CA LEU D 59 -13.63 7.22 -1.84
C LEU D 59 -13.40 7.87 -0.47
N LEU D 60 -13.23 7.04 0.56
CA LEU D 60 -12.98 7.52 1.92
C LEU D 60 -11.66 8.29 2.01
N MET D 61 -10.65 7.81 1.29
CA MET D 61 -9.34 8.47 1.28
C MET D 61 -9.40 9.88 0.69
N GLY D 62 -10.19 10.04 -0.37
CA GLY D 62 -10.39 11.35 -0.98
C GLY D 62 -11.21 12.29 -0.12
N LEU D 63 -12.08 11.71 0.71
CA LEU D 63 -12.89 12.48 1.66
C LEU D 63 -12.05 13.00 2.82
N LEU D 64 -11.18 12.14 3.35
CA LEU D 64 -10.34 12.48 4.50
C LEU D 64 -9.19 13.41 4.11
N GLU D 65 -8.58 13.14 2.96
CA GLU D 65 -7.46 13.96 2.45
C GLU D 65 -7.94 15.20 1.71
N ASP D 66 -9.25 15.29 1.49
CA ASP D 66 -9.92 16.43 0.84
C ASP D 66 -9.44 16.71 -0.59
N TYR D 67 -9.35 15.66 -1.40
CA TYR D 67 -9.15 15.81 -2.84
C TYR D 67 -10.00 14.84 -3.66
N PHE D 68 -10.19 15.17 -4.93
CA PHE D 68 -10.96 14.32 -5.83
C PHE D 68 -10.06 13.27 -6.51
N VAL D 69 -10.44 12.01 -6.34
CA VAL D 69 -9.76 10.92 -7.05
C VAL D 69 -10.48 10.70 -8.38
N PRO D 70 -9.76 10.91 -9.49
CA PRO D 70 -10.34 10.69 -10.83
C PRO D 70 -10.83 9.25 -10.98
N LEU D 71 -12.03 9.11 -11.52
CA LEU D 71 -12.73 7.82 -11.57
C LEU D 71 -12.06 6.77 -12.46
N HIS D 72 -11.16 7.21 -13.34
CA HIS D 72 -10.46 6.27 -14.22
C HIS D 72 -9.20 5.70 -13.62
N HIS D 73 -8.87 6.12 -12.40
CA HIS D 73 -7.70 5.61 -11.69
C HIS D 73 -8.01 4.33 -10.96
N PHE D 74 -9.29 4.08 -10.73
CA PHE D 74 -9.75 2.89 -10.02
C PHE D 74 -11.03 2.33 -10.65
N TYR D 75 -11.57 1.27 -10.06
CA TYR D 75 -12.79 0.65 -10.57
C TYR D 75 -13.99 0.98 -9.67
N LEU D 76 -14.95 1.70 -10.23
CA LEU D 76 -16.13 2.13 -9.49
C LEU D 76 -17.08 0.96 -9.23
N THR D 77 -17.18 0.06 -10.19
CA THR D 77 -17.95 -1.18 -10.03
C THR D 77 -17.11 -2.37 -10.48
N PRO D 78 -16.26 -2.91 -9.57
CA PRO D 78 -15.38 -4.03 -9.90
C PRO D 78 -16.16 -5.32 -10.14
N GLU D 79 -15.75 -6.08 -11.15
CA GLU D 79 -16.45 -7.30 -11.56
C GLU D 79 -15.60 -8.55 -11.41
N SER D 80 -14.39 -8.37 -10.89
CA SER D 80 -13.46 -9.48 -10.71
C SER D 80 -12.57 -9.26 -9.49
N PHE D 81 -11.88 -10.32 -9.07
CA PHE D 81 -10.92 -10.27 -7.97
C PHE D 81 -9.80 -9.26 -8.25
N ASP D 82 -9.25 -9.31 -9.46
CA ASP D 82 -8.14 -8.44 -9.87
C ASP D 82 -8.46 -6.95 -9.71
N GLN D 83 -9.68 -6.56 -10.10
CA GLN D 83 -10.11 -5.17 -10.02
C GLN D 83 -10.32 -4.71 -8.58
N LYS D 84 -10.83 -5.61 -7.73
CA LYS D 84 -11.02 -5.35 -6.31
C LYS D 84 -9.68 -5.11 -5.62
N VAL D 85 -8.69 -5.94 -5.94
CA VAL D 85 -7.34 -5.83 -5.37
C VAL D 85 -6.67 -4.52 -5.78
N HIS D 86 -6.87 -4.12 -7.03
CA HIS D 86 -6.38 -2.83 -7.53
C HIS D 86 -6.90 -1.70 -6.70
N ASN D 87 -8.22 -1.69 -6.48
CA ASN D 87 -8.87 -0.67 -5.65
C ASN D 87 -8.25 -0.56 -4.26
N VAL D 88 -8.19 -1.70 -3.55
CA VAL D 88 -7.67 -1.74 -2.18
C VAL D 88 -6.24 -1.22 -2.14
N SER D 89 -5.37 -1.79 -2.98
CA SER D 89 -3.96 -1.40 -3.01
C SER D 89 -3.74 0.03 -3.51
N PHE D 90 -4.69 0.54 -4.30
CA PHE D 90 -4.65 1.94 -4.73
C PHE D 90 -4.94 2.87 -3.55
N ALA D 91 -5.95 2.52 -2.75
CA ALA D 91 -6.26 3.24 -1.52
C ALA D 91 -5.10 3.17 -0.53
N PHE D 92 -4.40 2.03 -0.53
CA PHE D 92 -3.22 1.81 0.31
C PHE D 92 -2.09 2.76 -0.08
N GLU D 93 -1.97 3.05 -1.38
CA GLU D 93 -0.97 3.98 -1.89
C GLU D 93 -1.34 5.41 -1.56
N LEU D 94 -2.63 5.70 -1.53
CA LEU D 94 -3.14 7.01 -1.15
C LEU D 94 -2.97 7.27 0.35
N MET D 95 -2.90 6.19 1.13
CA MET D 95 -2.62 6.27 2.57
C MET D 95 -1.16 6.65 2.81
N LEU D 96 -0.26 6.05 2.04
CA LEU D 96 1.17 6.35 2.11
C LEU D 96 1.49 7.75 1.60
N ASP D 97 0.71 8.22 0.63
CA ASP D 97 0.85 9.57 0.08
C ASP D 97 0.39 10.64 1.08
N GLY D 98 -0.56 10.27 1.93
CA GLY D 98 -1.09 11.18 2.95
C GLY D 98 -0.20 11.34 4.15
N GLY D 99 0.74 10.41 4.33
CA GLY D 99 1.68 10.44 5.45
C GLY D 99 1.39 9.38 6.50
N LEU D 100 0.54 8.42 6.15
CA LEU D 100 0.17 7.33 7.06
C LEU D 100 1.09 6.12 6.86
N LYS D 101 1.42 5.47 7.97
CA LYS D 101 2.26 4.27 7.96
C LYS D 101 1.56 3.12 7.22
N LYS D 102 2.35 2.30 6.56
CA LYS D 102 1.86 1.13 5.82
C LYS D 102 1.05 0.21 6.73
N PRO D 103 -0.20 -0.10 6.34
CA PRO D 103 -1.06 -0.97 7.15
C PRO D 103 -0.56 -2.41 7.16
N LYS D 104 -0.57 -3.03 8.34
CA LYS D 104 -0.10 -4.40 8.51
C LYS D 104 -1.11 -5.44 8.01
N ALA D 105 -1.41 -5.35 6.72
CA ALA D 105 -2.33 -6.26 6.04
C ALA D 105 -2.10 -6.19 4.53
N ARG D 106 -2.14 -7.35 3.89
CA ARG D 106 -2.04 -7.42 2.42
C ARG D 106 -3.35 -6.98 1.78
N PRO D 107 -3.29 -6.33 0.61
CA PRO D 107 -4.50 -5.87 -0.09
C PRO D 107 -5.48 -7.01 -0.40
N GLU D 108 -4.93 -8.21 -0.62
CA GLU D 108 -5.72 -9.39 -0.92
C GLU D 108 -6.58 -9.84 0.26
N ASP D 109 -6.07 -9.63 1.48
CA ASP D 109 -6.78 -10.00 2.70
C ASP D 109 -8.10 -9.26 2.85
N VAL D 110 -8.11 -7.98 2.50
CA VAL D 110 -9.33 -7.16 2.52
C VAL D 110 -10.39 -7.74 1.57
N VAL D 111 -9.96 -8.13 0.38
CA VAL D 111 -10.84 -8.69 -0.65
C VAL D 111 -11.37 -10.07 -0.23
N ASN D 112 -10.53 -10.84 0.48
CA ASN D 112 -10.88 -12.18 0.93
C ASN D 112 -11.70 -12.23 2.23
N LEU D 113 -12.37 -11.12 2.54
CA LEU D 113 -13.25 -10.98 3.71
C LEU D 113 -12.60 -11.30 5.06
N ASP D 114 -11.34 -10.87 5.22
CA ASP D 114 -10.65 -11.01 6.51
C ASP D 114 -11.05 -9.88 7.43
N LEU D 115 -11.87 -10.21 8.43
CA LEU D 115 -12.44 -9.21 9.36
C LEU D 115 -11.38 -8.51 10.20
N LYS D 116 -10.42 -9.29 10.71
CA LYS D 116 -9.33 -8.74 11.52
C LYS D 116 -8.49 -7.73 10.74
N SER D 117 -8.17 -8.07 9.49
CA SER D 117 -7.36 -7.23 8.63
C SER D 117 -8.06 -5.93 8.23
N THR D 118 -9.36 -6.03 7.94
CA THR D 118 -10.17 -4.88 7.56
C THR D 118 -10.25 -3.85 8.70
N LEU D 119 -10.42 -4.33 9.92
CA LEU D 119 -10.47 -3.48 11.11
C LEU D 119 -9.14 -2.76 11.36
N ARG D 120 -8.03 -3.46 11.10
CA ARG D 120 -6.69 -2.88 11.23
C ARG D 120 -6.49 -1.70 10.27
N VAL D 121 -6.97 -1.86 9.03
CA VAL D 121 -6.86 -0.82 8.00
C VAL D 121 -7.69 0.40 8.38
N LEU D 122 -8.92 0.17 8.83
CA LEU D 122 -9.83 1.24 9.19
C LEU D 122 -9.41 1.98 10.47
N TYR D 123 -8.80 1.25 11.40
CA TYR D 123 -8.31 1.84 12.65
C TYR D 123 -7.11 2.75 12.43
N ASN D 124 -6.25 2.38 11.49
CA ASN D 124 -5.10 3.19 11.11
C ASN D 124 -5.53 4.54 10.53
N LEU D 125 -6.66 4.55 9.84
CA LEU D 125 -7.27 5.77 9.32
C LEU D 125 -7.85 6.60 10.45
N PHE D 126 -8.46 5.91 11.43
CA PHE D 126 -9.09 6.55 12.58
C PHE D 126 -8.08 7.30 13.45
N THR D 127 -6.90 6.70 13.65
CA THR D 127 -5.84 7.31 14.46
C THR D 127 -5.31 8.60 13.85
N LYS D 128 -5.21 8.62 12.51
CA LYS D 128 -4.70 9.79 11.80
C LYS D 128 -5.79 10.86 11.62
N TYR D 129 -6.98 10.42 11.20
CA TYR D 129 -8.06 11.35 10.86
C TYR D 129 -9.16 11.39 11.92
N LYS D 130 -8.75 11.32 13.19
CA LYS D 130 -9.65 11.35 14.34
C LYS D 130 -10.56 12.57 14.35
N ASN D 131 -9.94 13.76 14.45
CA ASN D 131 -10.69 15.01 14.64
C ASN D 131 -11.01 15.77 13.35
N VAL D 132 -11.04 15.04 12.23
CA VAL D 132 -11.47 15.62 10.96
C VAL D 132 -12.99 15.75 10.97
N GLU D 133 -13.47 16.99 10.90
CA GLU D 133 -14.90 17.29 10.97
C GLU D 133 -15.55 17.31 9.58
N GLU E 7 42.49 -33.43 13.38
CA GLU E 7 41.34 -32.48 13.50
C GLU E 7 41.39 -31.37 12.46
N ARG E 8 42.59 -30.88 12.18
CA ARG E 8 42.78 -29.81 11.19
C ARG E 8 42.86 -30.35 9.77
N ASP E 9 42.05 -29.77 8.88
CA ASP E 9 42.09 -30.09 7.45
C ASP E 9 42.22 -28.84 6.58
N ALA E 10 41.94 -28.99 5.29
CA ALA E 10 42.13 -27.92 4.31
C ALA E 10 41.24 -26.69 4.52
N PHE E 11 40.06 -26.89 5.10
CA PHE E 11 39.11 -25.80 5.29
C PHE E 11 39.46 -24.88 6.45
N ASP E 12 40.26 -25.38 7.40
CA ASP E 12 40.77 -24.57 8.50
C ASP E 12 41.82 -23.58 8.01
N THR E 13 42.63 -24.02 7.04
CA THR E 13 43.65 -23.16 6.42
C THR E 13 42.99 -22.15 5.46
N LEU E 14 41.88 -22.56 4.86
CA LEU E 14 41.14 -21.73 3.91
C LEU E 14 40.59 -20.45 4.53
N PHE E 15 40.17 -20.52 5.79
CA PHE E 15 39.60 -19.36 6.48
C PHE E 15 40.65 -18.53 7.23
N ASP E 16 41.54 -19.21 7.94
CA ASP E 16 42.48 -18.55 8.85
C ASP E 16 43.69 -17.89 8.16
N HIS E 17 44.10 -18.45 7.03
CA HIS E 17 45.35 -18.00 6.39
C HIS E 17 45.22 -17.46 4.99
N ALA E 18 44.34 -18.08 4.19
CA ALA E 18 44.12 -17.64 2.81
C ALA E 18 42.64 -17.43 2.50
N PRO E 19 42.02 -16.36 3.04
CA PRO E 19 40.58 -16.13 2.87
C PRO E 19 40.23 -15.57 1.49
N ASP E 20 41.24 -15.16 0.73
CA ASP E 20 41.06 -14.58 -0.60
C ASP E 20 40.64 -15.61 -1.66
N LYS E 21 40.89 -16.89 -1.37
CA LYS E 21 40.56 -17.98 -2.29
C LYS E 21 39.26 -18.69 -1.90
N LEU E 22 38.45 -18.02 -1.09
CA LEU E 22 37.18 -18.59 -0.62
C LEU E 22 36.10 -18.57 -1.71
N SER E 23 36.13 -17.54 -2.55
CA SER E 23 35.14 -17.37 -3.63
C SER E 23 35.23 -18.48 -4.68
N VAL E 24 36.46 -18.89 -5.00
CA VAL E 24 36.69 -19.96 -5.98
C VAL E 24 36.19 -21.31 -5.45
N VAL E 25 36.43 -21.56 -4.16
CA VAL E 25 35.97 -22.78 -3.49
C VAL E 25 34.45 -22.83 -3.43
N LYS E 26 33.82 -21.70 -3.10
CA LYS E 26 32.37 -21.58 -3.07
C LYS E 26 31.77 -21.87 -4.45
N LYS E 27 32.25 -21.15 -5.46
CA LYS E 27 31.74 -21.24 -6.83
C LYS E 27 31.78 -22.67 -7.39
N SER E 28 32.93 -23.31 -7.28
CA SER E 28 33.11 -24.66 -7.81
C SER E 28 32.24 -25.70 -7.10
N LEU E 29 31.95 -25.44 -5.82
CA LEU E 29 31.02 -26.27 -5.07
C LEU E 29 29.57 -25.96 -5.42
N ILE E 30 29.29 -24.69 -5.70
CA ILE E 30 27.97 -24.24 -6.17
C ILE E 30 27.65 -24.87 -7.53
N THR E 31 28.60 -24.79 -8.46
CA THR E 31 28.42 -25.36 -9.80
C THR E 31 28.29 -26.88 -9.78
N PHE E 32 28.89 -27.50 -8.76
CA PHE E 32 28.76 -28.94 -8.56
C PHE E 32 27.34 -29.32 -8.14
N VAL E 33 26.84 -28.65 -7.11
CA VAL E 33 25.52 -28.93 -6.56
C VAL E 33 24.40 -28.58 -7.54
N ASN E 34 24.54 -27.45 -8.23
CA ASN E 34 23.57 -27.01 -9.24
C ASN E 34 23.48 -27.95 -10.44
N LYS E 35 24.62 -28.54 -10.82
CA LYS E 35 24.66 -29.52 -11.91
C LYS E 35 23.64 -30.63 -11.72
N HIS E 36 23.39 -30.98 -10.46
CA HIS E 36 22.45 -32.05 -10.12
C HIS E 36 21.08 -31.54 -9.78
N LEU E 37 21.02 -30.44 -9.02
CA LEU E 37 19.75 -29.86 -8.59
C LEU E 37 18.93 -29.24 -9.72
N ASN E 38 19.60 -28.85 -10.80
CA ASN E 38 18.91 -28.31 -11.99
C ASN E 38 18.00 -29.32 -12.66
N LYS E 39 18.27 -30.61 -12.44
CA LYS E 39 17.44 -31.69 -12.95
C LYS E 39 16.05 -31.68 -12.30
N LEU E 40 15.99 -31.22 -11.06
CA LEU E 40 14.72 -31.08 -10.34
C LEU E 40 14.22 -29.64 -10.34
N ASN E 41 14.79 -28.82 -11.24
CA ASN E 41 14.45 -27.40 -11.40
C ASN E 41 14.73 -26.53 -10.16
N LEU E 42 15.74 -26.92 -9.39
CA LEU E 42 16.15 -26.19 -8.19
C LEU E 42 17.49 -25.48 -8.42
N GLU E 43 17.68 -24.35 -7.74
CA GLU E 43 18.93 -23.58 -7.84
C GLU E 43 19.42 -23.10 -6.48
N VAL E 44 20.73 -23.13 -6.29
CA VAL E 44 21.37 -22.58 -5.10
C VAL E 44 22.20 -21.36 -5.51
N THR E 45 21.96 -20.24 -4.82
CA THR E 45 22.71 -19.00 -5.09
C THR E 45 23.76 -18.72 -4.02
N GLU E 46 23.48 -19.13 -2.78
CA GLU E 46 24.40 -18.94 -1.65
C GLU E 46 24.44 -20.15 -0.75
N LEU E 47 25.65 -20.62 -0.45
CA LEU E 47 25.85 -21.81 0.39
C LEU E 47 25.63 -21.55 1.87
N GLU E 48 25.76 -20.29 2.28
CA GLU E 48 25.71 -19.91 3.69
C GLU E 48 24.29 -19.82 4.28
N THR E 49 23.27 -20.07 3.47
CA THR E 49 21.88 -20.05 3.93
C THR E 49 21.06 -21.23 3.38
N GLN E 50 21.28 -21.55 2.11
CA GLN E 50 20.43 -22.47 1.35
C GLN E 50 20.37 -23.90 1.90
N PHE E 51 21.45 -24.35 2.54
CA PHE E 51 21.55 -25.74 2.99
C PHE E 51 21.13 -25.98 4.44
N ALA E 52 20.78 -24.92 5.16
CA ALA E 52 20.37 -25.01 6.56
C ALA E 52 19.11 -25.85 6.78
N ASP E 53 18.15 -25.72 5.86
CA ASP E 53 16.90 -26.50 5.90
C ASP E 53 17.14 -28.01 5.89
N GLY E 54 18.20 -28.43 5.22
CA GLY E 54 18.49 -29.85 5.02
C GLY E 54 17.71 -30.44 3.85
N VAL E 55 16.78 -29.66 3.31
CA VAL E 55 15.93 -30.08 2.20
C VAL E 55 16.76 -30.41 0.95
N TYR E 56 17.66 -29.51 0.58
CA TYR E 56 18.51 -29.71 -0.60
C TYR E 56 19.49 -30.87 -0.44
N LEU E 57 19.95 -31.14 0.78
CA LEU E 57 20.86 -32.25 1.06
C LEU E 57 20.21 -33.62 0.86
N VAL E 58 18.95 -33.74 1.30
CA VAL E 58 18.20 -34.99 1.15
C VAL E 58 17.89 -35.23 -0.33
N LEU E 59 17.43 -34.20 -1.02
CA LEU E 59 17.11 -34.28 -2.45
C LEU E 59 18.35 -34.52 -3.30
N LEU E 60 19.46 -33.88 -2.91
CA LEU E 60 20.74 -34.04 -3.59
C LEU E 60 21.27 -35.48 -3.50
N MET E 61 21.07 -36.10 -2.34
CA MET E 61 21.46 -37.50 -2.13
C MET E 61 20.60 -38.46 -2.96
N GLY E 62 19.34 -38.09 -3.18
CA GLY E 62 18.44 -38.85 -4.05
C GLY E 62 18.87 -38.78 -5.50
N LEU E 63 19.40 -37.63 -5.90
CA LEU E 63 19.90 -37.41 -7.27
C LEU E 63 21.19 -38.18 -7.53
N LEU E 64 22.08 -38.18 -6.54
CA LEU E 64 23.40 -38.81 -6.67
C LEU E 64 23.32 -40.34 -6.59
N GLU E 65 22.41 -40.85 -5.76
CA GLU E 65 22.18 -42.29 -5.64
C GLU E 65 21.10 -42.79 -6.60
N ASP E 66 20.52 -41.87 -7.37
CA ASP E 66 19.61 -42.16 -8.48
C ASP E 66 18.28 -42.82 -8.07
N TYR E 67 17.61 -42.23 -7.08
CA TYR E 67 16.26 -42.67 -6.69
C TYR E 67 15.48 -41.56 -5.97
N PHE E 68 14.16 -41.56 -6.15
CA PHE E 68 13.29 -40.58 -5.50
C PHE E 68 13.08 -40.89 -4.02
N VAL E 69 13.38 -39.92 -3.16
CA VAL E 69 13.22 -40.06 -1.73
C VAL E 69 11.75 -39.82 -1.35
N PRO E 70 11.15 -40.79 -0.62
CA PRO E 70 9.77 -40.63 -0.15
C PRO E 70 9.65 -39.44 0.79
N LEU E 71 8.59 -38.65 0.59
CA LEU E 71 8.42 -37.38 1.31
C LEU E 71 8.08 -37.52 2.79
N HIS E 72 7.54 -38.68 3.18
CA HIS E 72 7.18 -38.93 4.58
C HIS E 72 8.38 -39.25 5.44
N HIS E 73 9.54 -39.40 4.82
CA HIS E 73 10.79 -39.66 5.54
C HIS E 73 11.48 -38.40 6.01
N PHE E 74 11.07 -37.25 5.46
CA PHE E 74 11.66 -35.97 5.86
C PHE E 74 10.64 -34.81 5.82
N TYR E 75 11.10 -33.60 6.09
CA TYR E 75 10.24 -32.42 6.12
C TYR E 75 10.55 -31.46 4.98
N LEU E 76 9.62 -31.38 4.02
CA LEU E 76 9.80 -30.54 2.84
C LEU E 76 9.74 -29.04 3.15
N THR E 77 8.82 -28.66 4.03
CA THR E 77 8.78 -27.29 4.54
C THR E 77 8.99 -27.30 6.06
N PRO E 78 10.26 -27.28 6.50
CA PRO E 78 10.58 -27.30 7.93
C PRO E 78 10.25 -25.97 8.58
N GLU E 79 9.62 -26.04 9.75
CA GLU E 79 9.18 -24.85 10.46
C GLU E 79 9.77 -24.77 11.87
N SER E 80 10.49 -25.82 12.26
CA SER E 80 11.13 -25.89 13.57
C SER E 80 12.59 -26.33 13.44
N PHE E 81 13.34 -26.16 14.53
CA PHE E 81 14.73 -26.58 14.59
C PHE E 81 14.88 -28.10 14.48
N ASP E 82 13.99 -28.83 15.15
CA ASP E 82 14.01 -30.30 15.14
C ASP E 82 13.76 -30.91 13.77
N GLN E 83 12.89 -30.29 12.98
CA GLN E 83 12.58 -30.75 11.63
C GLN E 83 13.74 -30.53 10.68
N LYS E 84 14.49 -29.45 10.90
CA LYS E 84 15.69 -29.15 10.12
C LYS E 84 16.82 -30.12 10.46
N VAL E 85 16.98 -30.39 11.75
CA VAL E 85 17.97 -31.36 12.24
C VAL E 85 17.65 -32.76 11.72
N HIS E 86 16.37 -33.11 11.70
CA HIS E 86 15.91 -34.37 11.15
C HIS E 86 16.32 -34.52 9.71
N ASN E 87 16.16 -33.45 8.94
CA ASN E 87 16.55 -33.44 7.53
C ASN E 87 18.04 -33.68 7.30
N VAL E 88 18.86 -32.92 8.02
CA VAL E 88 20.33 -33.01 7.88
C VAL E 88 20.84 -34.38 8.34
N SER E 89 20.35 -34.87 9.48
CA SER E 89 20.77 -36.18 9.99
C SER E 89 20.25 -37.33 9.14
N PHE E 90 19.10 -37.13 8.50
CA PHE E 90 18.57 -38.11 7.54
C PHE E 90 19.43 -38.15 6.28
N ALA E 91 19.84 -36.97 5.81
CA ALA E 91 20.75 -36.84 4.67
C ALA E 91 22.10 -37.46 4.98
N PHE E 92 22.51 -37.39 6.25
CA PHE E 92 23.74 -38.01 6.73
C PHE E 92 23.64 -39.53 6.72
N GLU E 93 22.43 -40.04 6.96
CA GLU E 93 22.17 -41.48 6.90
C GLU E 93 22.14 -42.00 5.47
N LEU E 94 21.72 -41.14 4.54
CA LEU E 94 21.74 -41.47 3.12
C LEU E 94 23.16 -41.52 2.58
N MET E 95 24.02 -40.67 3.16
CA MET E 95 25.46 -40.64 2.85
C MET E 95 26.17 -41.89 3.38
N LEU E 96 25.67 -42.41 4.50
CA LEU E 96 26.14 -43.68 5.06
C LEU E 96 25.72 -44.84 4.16
N ASP E 97 24.45 -44.84 3.76
CA ASP E 97 23.91 -45.86 2.85
C ASP E 97 24.53 -45.78 1.47
N GLY E 98 24.99 -44.59 1.10
CA GLY E 98 25.67 -44.37 -0.18
C GLY E 98 27.09 -44.90 -0.19
N GLY E 99 27.62 -45.17 1.00
CA GLY E 99 28.97 -45.70 1.15
C GLY E 99 30.03 -44.61 1.05
N LEU E 100 29.80 -43.51 1.74
CA LEU E 100 30.72 -42.38 1.76
C LEU E 100 31.32 -42.18 3.14
N LYS E 101 32.55 -41.66 3.17
CA LYS E 101 33.25 -41.38 4.42
C LYS E 101 32.45 -40.42 5.29
N LYS E 102 32.39 -40.71 6.60
CA LYS E 102 31.62 -39.93 7.56
C LYS E 102 32.10 -38.47 7.58
N PRO E 103 31.17 -37.53 7.29
CA PRO E 103 31.51 -36.10 7.25
C PRO E 103 31.93 -35.57 8.61
N LYS E 104 32.97 -34.73 8.61
CA LYS E 104 33.48 -34.14 9.86
C LYS E 104 32.70 -32.87 10.19
N ALA E 105 31.41 -33.05 10.48
CA ALA E 105 30.50 -31.96 10.85
C ALA E 105 29.33 -32.48 11.69
N ARG E 106 28.86 -31.66 12.62
CA ARG E 106 27.67 -31.98 13.39
C ARG E 106 26.43 -31.63 12.56
N PRO E 107 25.40 -32.49 12.60
CA PRO E 107 24.15 -32.20 11.87
C PRO E 107 23.52 -30.87 12.26
N GLU E 108 23.78 -30.43 13.50
CA GLU E 108 23.28 -29.15 14.00
C GLU E 108 24.10 -27.97 13.46
N ASP E 109 25.38 -28.21 13.16
CA ASP E 109 26.27 -27.17 12.63
C ASP E 109 25.83 -26.67 11.26
N VAL E 110 25.24 -27.56 10.47
CA VAL E 110 24.66 -27.18 9.18
C VAL E 110 23.47 -26.26 9.39
N VAL E 111 22.63 -26.59 10.37
CA VAL E 111 21.43 -25.81 10.71
C VAL E 111 21.79 -24.48 11.35
N ASN E 112 22.88 -24.46 12.12
CA ASN E 112 23.37 -23.26 12.80
C ASN E 112 24.20 -22.34 11.90
N LEU E 113 24.08 -22.54 10.59
CA LEU E 113 24.77 -21.74 9.57
C LEU E 113 26.29 -21.69 9.71
N ASP E 114 26.91 -22.78 10.13
CA ASP E 114 28.36 -22.85 10.18
C ASP E 114 28.90 -23.07 8.77
N LEU E 115 29.46 -22.01 8.20
CA LEU E 115 29.96 -22.02 6.82
C LEU E 115 31.07 -23.06 6.63
N LYS E 116 31.94 -23.18 7.63
CA LYS E 116 33.06 -24.12 7.59
C LYS E 116 32.58 -25.57 7.56
N SER E 117 31.54 -25.87 8.35
CA SER E 117 30.98 -27.23 8.42
C SER E 117 30.23 -27.62 7.15
N THR E 118 29.49 -26.65 6.60
CA THR E 118 28.71 -26.86 5.37
C THR E 118 29.62 -27.20 4.19
N LEU E 119 30.75 -26.51 4.10
CA LEU E 119 31.74 -26.74 3.04
C LEU E 119 32.39 -28.13 3.13
N ARG E 120 32.58 -28.63 4.36
CA ARG E 120 33.12 -29.96 4.58
C ARG E 120 32.15 -31.04 4.10
N VAL E 121 30.86 -30.81 4.36
CA VAL E 121 29.79 -31.74 3.98
C VAL E 121 29.70 -31.88 2.46
N LEU E 122 29.70 -30.75 1.76
CA LEU E 122 29.56 -30.73 0.30
C LEU E 122 30.78 -31.31 -0.41
N TYR E 123 31.97 -31.12 0.18
CA TYR E 123 33.22 -31.61 -0.39
C TYR E 123 33.29 -33.14 -0.40
N ASN E 124 32.73 -33.77 0.63
CA ASN E 124 32.59 -35.22 0.68
C ASN E 124 31.74 -35.75 -0.48
N LEU E 125 30.67 -35.02 -0.79
CA LEU E 125 29.80 -35.35 -1.91
C LEU E 125 30.51 -35.11 -3.24
N PHE E 126 31.38 -34.11 -3.27
CA PHE E 126 32.16 -33.80 -4.45
C PHE E 126 33.18 -34.90 -4.77
N THR E 127 33.86 -35.39 -3.74
CA THR E 127 34.92 -36.40 -3.91
C THR E 127 34.41 -37.72 -4.49
N LYS E 128 33.23 -38.15 -4.06
CA LYS E 128 32.67 -39.42 -4.53
C LYS E 128 31.90 -39.27 -5.84
N TYR E 129 31.15 -38.18 -5.99
CA TYR E 129 30.29 -37.98 -7.15
C TYR E 129 30.86 -36.93 -8.12
N LYS E 130 32.18 -36.92 -8.24
CA LYS E 130 32.91 -35.97 -9.08
C LYS E 130 32.57 -36.12 -10.57
N ASN E 131 32.53 -37.36 -11.03
CA ASN E 131 32.43 -37.68 -12.45
C ASN E 131 31.01 -37.99 -12.96
N VAL E 132 30.03 -37.81 -12.08
CA VAL E 132 28.64 -38.16 -12.39
C VAL E 132 27.97 -37.09 -13.26
N GLU E 133 27.37 -37.53 -14.36
CA GLU E 133 26.63 -36.66 -15.28
C GLU E 133 25.30 -36.23 -14.65
N ASP F 9 49.68 -45.25 58.35
CA ASP F 9 48.26 -45.34 57.91
C ASP F 9 47.84 -46.77 57.62
N ALA F 10 46.55 -47.04 57.74
CA ALA F 10 45.97 -48.34 57.40
C ALA F 10 45.79 -48.49 55.88
N PHE F 11 45.75 -47.37 55.19
CA PHE F 11 45.59 -47.35 53.73
C PHE F 11 46.79 -47.93 52.99
N ASP F 12 47.97 -47.82 53.60
CA ASP F 12 49.19 -48.44 53.07
C ASP F 12 49.14 -49.95 53.22
N THR F 13 48.53 -50.42 54.32
CA THR F 13 48.31 -51.85 54.56
C THR F 13 47.21 -52.37 53.63
N LEU F 14 46.22 -51.52 53.38
CA LEU F 14 45.09 -51.85 52.50
C LEU F 14 45.54 -52.00 51.05
N PHE F 15 46.53 -51.21 50.64
CA PHE F 15 47.01 -51.20 49.26
C PHE F 15 48.22 -52.12 49.00
N ASP F 16 48.68 -52.80 50.04
CA ASP F 16 49.83 -53.70 49.92
C ASP F 16 49.52 -55.14 50.32
N HIS F 17 48.64 -55.30 51.31
CA HIS F 17 48.38 -56.61 51.90
C HIS F 17 46.96 -57.10 51.73
N ALA F 18 45.99 -56.20 51.81
CA ALA F 18 44.58 -56.58 51.74
C ALA F 18 43.76 -55.79 50.71
N PRO F 19 43.93 -56.10 49.41
CA PRO F 19 43.16 -55.43 48.36
C PRO F 19 41.76 -56.03 48.16
N ASP F 20 41.49 -57.15 48.83
CA ASP F 20 40.19 -57.80 48.77
C ASP F 20 39.11 -57.01 49.50
N LYS F 21 39.54 -56.26 50.52
CA LYS F 21 38.63 -55.43 51.32
C LYS F 21 38.69 -53.96 50.90
N LEU F 22 39.14 -53.72 49.67
CA LEU F 22 39.20 -52.38 49.10
C LEU F 22 37.83 -51.92 48.63
N SER F 23 37.03 -52.85 48.12
CA SER F 23 35.68 -52.57 47.64
C SER F 23 34.73 -52.17 48.78
N VAL F 24 34.98 -52.72 49.97
CA VAL F 24 34.19 -52.40 51.16
C VAL F 24 34.44 -50.95 51.59
N VAL F 25 35.71 -50.54 51.57
CA VAL F 25 36.12 -49.17 51.90
C VAL F 25 35.55 -48.19 50.89
N LYS F 26 35.58 -48.57 49.61
CA LYS F 26 35.01 -47.77 48.52
C LYS F 26 33.54 -47.45 48.73
N LYS F 27 32.72 -48.49 48.88
CA LYS F 27 31.26 -48.37 48.98
C LYS F 27 30.81 -47.51 50.16
N SER F 28 31.46 -47.70 51.31
CA SER F 28 31.12 -46.97 52.53
C SER F 28 31.45 -45.48 52.42
N LEU F 29 32.57 -45.16 51.77
CA LEU F 29 32.95 -43.77 51.54
C LEU F 29 32.11 -43.11 50.44
N ILE F 30 31.55 -43.93 49.55
CA ILE F 30 30.64 -43.44 48.52
C ILE F 30 29.30 -43.00 49.12
N THR F 31 28.70 -43.87 49.94
CA THR F 31 27.42 -43.58 50.57
C THR F 31 27.52 -42.41 51.56
N PHE F 32 28.68 -42.29 52.21
CA PHE F 32 28.96 -41.16 53.09
C PHE F 32 28.99 -39.84 52.31
N VAL F 33 29.73 -39.84 51.20
CA VAL F 33 29.88 -38.68 50.34
C VAL F 33 28.55 -38.30 49.68
N ASN F 34 27.82 -39.30 49.21
CA ASN F 34 26.52 -39.08 48.56
C ASN F 34 25.43 -38.60 49.52
N LYS F 35 25.54 -38.99 50.79
CA LYS F 35 24.59 -38.58 51.83
C LYS F 35 24.46 -37.05 51.91
N HIS F 36 25.56 -36.36 51.64
CA HIS F 36 25.58 -34.90 51.65
C HIS F 36 25.46 -34.31 50.28
N LEU F 37 26.16 -34.90 49.31
CA LEU F 37 26.18 -34.38 47.93
C LEU F 37 24.83 -34.45 47.21
N ASN F 38 24.01 -35.43 47.57
CA ASN F 38 22.67 -35.58 47.00
C ASN F 38 21.76 -34.40 47.32
N LYS F 39 22.09 -33.66 48.37
CA LYS F 39 21.37 -32.43 48.75
C LYS F 39 21.56 -31.34 47.71
N LEU F 40 22.68 -31.38 46.99
CA LEU F 40 22.96 -30.43 45.91
C LEU F 40 22.73 -31.06 44.53
N ASN F 41 21.92 -32.11 44.49
CA ASN F 41 21.60 -32.86 43.26
C ASN F 41 22.81 -33.48 42.57
N LEU F 42 23.80 -33.90 43.36
CA LEU F 42 25.04 -34.46 42.85
C LEU F 42 25.26 -35.89 43.33
N GLU F 43 25.85 -36.71 42.47
CA GLU F 43 26.07 -38.12 42.77
C GLU F 43 27.49 -38.56 42.42
N VAL F 44 28.03 -39.49 43.20
CA VAL F 44 29.35 -40.07 42.96
C VAL F 44 29.24 -41.58 42.75
N THR F 45 29.72 -42.06 41.61
CA THR F 45 29.79 -43.49 41.32
C THR F 45 31.24 -43.99 41.35
N GLU F 46 32.12 -43.25 40.67
CA GLU F 46 33.56 -43.50 40.72
C GLU F 46 34.22 -42.54 41.69
N LEU F 47 35.10 -43.07 42.54
CA LEU F 47 35.81 -42.24 43.52
C LEU F 47 37.08 -41.61 42.95
N GLU F 48 37.71 -42.32 42.03
CA GLU F 48 38.99 -41.90 41.45
C GLU F 48 38.88 -40.66 40.55
N THR F 49 37.91 -40.67 39.65
CA THR F 49 37.79 -39.63 38.62
C THR F 49 36.95 -38.43 39.03
N GLN F 50 35.85 -38.69 39.75
CA GLN F 50 34.87 -37.65 40.05
C GLN F 50 35.28 -36.67 41.16
N PHE F 51 36.45 -36.89 41.76
CA PHE F 51 37.01 -35.96 42.73
C PHE F 51 38.27 -35.26 42.23
N ALA F 52 38.73 -35.66 41.04
CA ALA F 52 39.92 -35.07 40.42
C ALA F 52 39.74 -33.61 40.03
N ASP F 53 38.50 -33.23 39.71
CA ASP F 53 38.13 -31.84 39.45
C ASP F 53 38.47 -30.93 40.63
N GLY F 54 38.18 -31.43 41.83
CA GLY F 54 38.30 -30.62 43.05
C GLY F 54 36.97 -29.98 43.40
N VAL F 55 36.10 -29.82 42.40
CA VAL F 55 34.81 -29.17 42.55
C VAL F 55 33.95 -29.84 43.64
N TYR F 56 33.84 -31.16 43.55
CA TYR F 56 33.05 -31.94 44.51
C TYR F 56 33.63 -31.90 45.92
N LEU F 57 34.95 -31.86 46.02
CA LEU F 57 35.63 -31.69 47.31
C LEU F 57 35.34 -30.33 47.94
N VAL F 58 35.30 -29.29 47.11
CA VAL F 58 34.99 -27.94 47.57
C VAL F 58 33.54 -27.85 48.05
N LEU F 59 32.62 -28.38 47.26
CA LEU F 59 31.19 -28.33 47.57
C LEU F 59 30.81 -29.21 48.76
N LEU F 60 31.54 -30.31 48.94
CA LEU F 60 31.34 -31.20 50.09
C LEU F 60 31.72 -30.50 51.37
N MET F 61 32.78 -29.69 51.32
CA MET F 61 33.24 -28.91 52.46
C MET F 61 32.26 -27.82 52.85
N GLY F 62 31.57 -27.26 51.85
CA GLY F 62 30.51 -26.28 52.08
C GLY F 62 29.26 -26.92 52.68
N LEU F 63 29.10 -28.22 52.46
CA LEU F 63 28.00 -28.98 53.04
C LEU F 63 28.30 -29.40 54.48
N LEU F 64 29.51 -29.91 54.70
CA LEU F 64 29.92 -30.41 56.00
C LEU F 64 30.10 -29.28 57.02
N GLU F 65 30.62 -28.14 56.56
CA GLU F 65 30.76 -26.96 57.41
C GLU F 65 29.54 -26.04 57.33
N ASP F 66 28.58 -26.41 56.49
CA ASP F 66 27.24 -25.80 56.44
C ASP F 66 27.22 -24.32 56.02
N TYR F 67 27.84 -24.02 54.88
CA TYR F 67 27.82 -22.67 54.29
C TYR F 67 28.05 -22.70 52.78
N PHE F 68 27.46 -21.72 52.09
CA PHE F 68 27.60 -21.62 50.64
C PHE F 68 28.96 -21.04 50.26
N VAL F 69 29.74 -21.84 49.52
CA VAL F 69 31.08 -21.42 49.08
C VAL F 69 30.96 -20.47 47.88
N PRO F 70 31.54 -19.25 48.02
CA PRO F 70 31.52 -18.28 46.92
C PRO F 70 32.27 -18.79 45.70
N LEU F 71 31.65 -18.66 44.53
CA LEU F 71 32.14 -19.27 43.30
C LEU F 71 33.42 -18.65 42.73
N HIS F 72 33.76 -17.45 43.19
CA HIS F 72 34.98 -16.78 42.72
C HIS F 72 36.23 -17.25 43.43
N HIS F 73 36.06 -18.09 44.45
CA HIS F 73 37.19 -18.64 45.20
C HIS F 73 37.77 -19.89 44.58
N PHE F 74 36.98 -20.58 43.77
CA PHE F 74 37.42 -21.80 43.10
C PHE F 74 36.95 -21.85 41.63
N TYR F 75 37.23 -22.97 40.97
CA TYR F 75 36.85 -23.14 39.57
C TYR F 75 35.74 -24.18 39.41
N LEU F 76 34.53 -23.70 39.11
CA LEU F 76 33.35 -24.54 39.00
C LEU F 76 33.42 -25.52 37.82
N THR F 77 33.97 -25.05 36.70
CA THR F 77 34.27 -25.92 35.57
C THR F 77 35.74 -25.76 35.17
N PRO F 78 36.62 -26.61 35.75
CA PRO F 78 38.06 -26.54 35.51
C PRO F 78 38.40 -26.87 34.06
N GLU F 79 39.40 -26.18 33.52
CA GLU F 79 39.80 -26.39 32.12
C GLU F 79 41.29 -26.73 31.98
N SER F 80 42.06 -26.46 33.03
CA SER F 80 43.48 -26.79 33.07
C SER F 80 43.82 -27.62 34.30
N PHE F 81 45.00 -28.25 34.27
CA PHE F 81 45.56 -28.96 35.41
C PHE F 81 45.71 -28.03 36.61
N ASP F 82 46.18 -26.81 36.35
CA ASP F 82 46.43 -25.79 37.38
C ASP F 82 45.16 -25.40 38.13
N GLN F 83 44.05 -25.28 37.40
CA GLN F 83 42.75 -24.94 37.99
C GLN F 83 42.21 -26.07 38.87
N LYS F 84 42.47 -27.31 38.47
CA LYS F 84 42.06 -28.49 39.23
C LYS F 84 42.84 -28.60 40.55
N VAL F 85 44.16 -28.41 40.48
CA VAL F 85 45.03 -28.44 41.66
C VAL F 85 44.63 -27.36 42.65
N HIS F 86 44.30 -26.17 42.14
CA HIS F 86 43.84 -25.06 42.95
C HIS F 86 42.62 -25.40 43.74
N ASN F 87 41.65 -26.07 43.10
CA ASN F 87 40.42 -26.49 43.75
C ASN F 87 40.65 -27.45 44.91
N VAL F 88 41.50 -28.46 44.67
CA VAL F 88 41.82 -29.46 45.68
C VAL F 88 42.51 -28.82 46.89
N SER F 89 43.49 -27.96 46.61
CA SER F 89 44.22 -27.26 47.67
C SER F 89 43.34 -26.22 48.40
N PHE F 90 42.40 -25.62 47.67
CA PHE F 90 41.41 -24.73 48.28
C PHE F 90 40.46 -25.49 49.22
N ALA F 91 40.08 -26.70 48.82
CA ALA F 91 39.32 -27.60 49.68
C ALA F 91 40.13 -28.01 50.91
N PHE F 92 41.45 -28.12 50.72
CA PHE F 92 42.37 -28.40 51.81
C PHE F 92 42.50 -27.20 52.74
N GLU F 93 42.23 -26.00 52.22
CA GLU F 93 42.20 -24.78 53.03
C GLU F 93 41.01 -24.76 53.95
N LEU F 94 39.84 -25.16 53.43
CA LEU F 94 38.60 -25.19 54.20
C LEU F 94 38.62 -26.27 55.27
N MET F 95 39.39 -27.33 55.03
CA MET F 95 39.59 -28.40 56.00
C MET F 95 40.43 -27.92 57.19
N LEU F 96 41.37 -27.03 56.92
CA LEU F 96 42.16 -26.36 57.96
C LEU F 96 41.33 -25.35 58.74
N ASP F 97 40.43 -24.66 58.03
CA ASP F 97 39.52 -23.68 58.63
C ASP F 97 38.49 -24.35 59.54
N GLY F 98 38.10 -25.58 59.20
CA GLY F 98 37.11 -26.33 59.97
C GLY F 98 37.64 -26.94 61.25
N GLY F 99 38.96 -26.86 61.44
CA GLY F 99 39.61 -27.38 62.64
C GLY F 99 40.26 -28.74 62.45
N LEU F 100 40.05 -29.33 61.27
CA LEU F 100 40.63 -30.64 60.94
C LEU F 100 42.11 -30.51 60.60
N LYS F 101 42.90 -31.49 61.04
CA LYS F 101 44.33 -31.52 60.80
C LYS F 101 44.65 -31.69 59.31
N LYS F 102 45.85 -31.26 58.92
CA LYS F 102 46.29 -31.30 57.52
C LYS F 102 46.17 -32.71 56.92
N PRO F 103 45.50 -32.82 55.77
CA PRO F 103 45.41 -34.10 55.07
C PRO F 103 46.76 -34.50 54.48
N LYS F 104 47.21 -35.71 54.78
CA LYS F 104 48.50 -36.20 54.29
C LYS F 104 48.38 -36.71 52.85
N ALA F 105 48.16 -35.77 51.94
CA ALA F 105 48.00 -36.05 50.51
C ALA F 105 48.37 -34.82 49.70
N ARG F 106 49.06 -35.04 48.59
CA ARG F 106 49.46 -33.98 47.68
C ARG F 106 48.28 -33.65 46.74
N PRO F 107 47.97 -32.36 46.56
CA PRO F 107 46.88 -31.94 45.68
C PRO F 107 47.04 -32.41 44.23
N GLU F 108 48.29 -32.49 43.77
CA GLU F 108 48.60 -32.97 42.42
C GLU F 108 48.23 -34.44 42.22
N ASP F 109 48.34 -35.24 43.28
CA ASP F 109 48.02 -36.67 43.22
C ASP F 109 46.53 -36.92 43.05
N VAL F 110 45.71 -36.17 43.79
CA VAL F 110 44.25 -36.27 43.70
C VAL F 110 43.76 -35.91 42.29
N VAL F 111 44.40 -34.91 41.67
CA VAL F 111 44.09 -34.52 40.30
C VAL F 111 44.56 -35.59 39.31
N ASN F 112 45.70 -36.22 39.61
CA ASN F 112 46.27 -37.28 38.78
C ASN F 112 45.68 -38.67 39.04
N LEU F 113 44.53 -38.70 39.72
CA LEU F 113 43.72 -39.91 39.92
C LEU F 113 44.34 -40.94 40.88
N ASP F 114 44.93 -40.46 41.98
CA ASP F 114 45.47 -41.36 43.00
C ASP F 114 44.38 -41.73 44.00
N LEU F 115 43.93 -42.98 43.95
CA LEU F 115 42.91 -43.50 44.86
C LEU F 115 43.40 -43.49 46.31
N LYS F 116 44.63 -43.97 46.52
CA LYS F 116 45.22 -44.05 47.85
C LYS F 116 45.15 -42.71 48.58
N SER F 117 45.53 -41.63 47.89
CA SER F 117 45.50 -40.28 48.44
C SER F 117 44.07 -39.73 48.58
N THR F 118 43.24 -39.98 47.57
CA THR F 118 41.84 -39.53 47.57
C THR F 118 41.05 -40.16 48.73
N LEU F 119 41.33 -41.43 49.02
CA LEU F 119 40.67 -42.14 50.11
C LEU F 119 41.04 -41.64 51.49
N ARG F 120 42.30 -41.20 51.64
CA ARG F 120 42.78 -40.60 52.89
C ARG F 120 42.07 -39.28 53.18
N VAL F 121 41.85 -38.49 52.13
CA VAL F 121 41.21 -37.19 52.22
C VAL F 121 39.75 -37.32 52.68
N LEU F 122 39.03 -38.27 52.07
CA LEU F 122 37.62 -38.47 52.36
C LEU F 122 37.36 -39.15 53.72
N TYR F 123 38.31 -39.98 54.16
CA TYR F 123 38.19 -40.65 55.46
C TYR F 123 38.43 -39.69 56.63
N ASN F 124 39.32 -38.72 56.41
CA ASN F 124 39.56 -37.66 57.40
C ASN F 124 38.33 -36.80 57.62
N LEU F 125 37.50 -36.68 56.58
CA LEU F 125 36.22 -36.01 56.67
C LEU F 125 35.18 -36.92 57.33
N PHE F 126 35.31 -38.22 57.09
CA PHE F 126 34.40 -39.22 57.64
C PHE F 126 34.51 -39.35 59.17
N THR F 127 35.74 -39.24 59.69
CA THR F 127 35.99 -39.32 61.13
C THR F 127 35.38 -38.14 61.87
N LYS F 128 35.46 -36.96 61.27
CA LYS F 128 34.96 -35.72 61.88
C LYS F 128 33.45 -35.56 61.67
N TYR F 129 32.98 -35.83 60.45
CA TYR F 129 31.58 -35.59 60.08
C TYR F 129 30.79 -36.89 59.94
N LYS F 130 31.00 -37.82 60.88
CA LYS F 130 30.26 -39.07 60.94
C LYS F 130 28.83 -38.85 61.41
N ASN F 131 28.69 -38.09 62.49
CA ASN F 131 27.40 -37.82 63.11
C ASN F 131 26.52 -36.86 62.31
N VAL F 132 27.15 -36.04 61.48
CA VAL F 132 26.44 -35.09 60.62
C VAL F 132 25.67 -35.83 59.53
N GLU F 133 24.34 -35.78 59.62
CA GLU F 133 23.47 -36.45 58.66
C GLU F 133 23.03 -35.51 57.55
N ASP G 9 40.98 -13.61 -14.16
CA ASP G 9 40.98 -15.10 -14.00
C ASP G 9 40.38 -15.80 -15.20
N ALA G 10 39.28 -15.26 -15.72
CA ALA G 10 38.58 -15.83 -16.87
C ALA G 10 38.55 -14.83 -18.03
N PHE G 11 38.51 -13.55 -17.69
CA PHE G 11 38.48 -12.48 -18.68
C PHE G 11 39.85 -12.19 -19.28
N ASP G 12 40.91 -12.54 -18.53
CA ASP G 12 42.28 -12.43 -19.02
C ASP G 12 42.53 -13.38 -20.19
N THR G 13 41.89 -14.54 -20.15
CA THR G 13 41.97 -15.54 -21.21
C THR G 13 41.20 -15.07 -22.46
N LEU G 14 40.13 -14.31 -22.22
CA LEU G 14 39.26 -13.81 -23.28
C LEU G 14 39.95 -12.80 -24.20
N PHE G 15 40.88 -12.02 -23.66
CA PHE G 15 41.59 -11.00 -24.42
C PHE G 15 42.94 -11.47 -24.94
N ASP G 16 43.66 -12.24 -24.12
CA ASP G 16 45.01 -12.68 -24.45
C ASP G 16 45.05 -13.92 -25.32
N HIS G 17 44.17 -14.89 -25.03
CA HIS G 17 44.23 -16.20 -25.69
C HIS G 17 43.16 -16.43 -26.73
N ALA G 18 41.91 -16.09 -26.40
CA ALA G 18 40.80 -16.31 -27.32
C ALA G 18 40.00 -15.03 -27.60
N PRO G 19 40.51 -14.18 -28.52
CA PRO G 19 39.86 -12.90 -28.83
C PRO G 19 38.60 -13.03 -29.69
N ASP G 20 38.37 -14.21 -30.26
CA ASP G 20 37.20 -14.46 -31.10
C ASP G 20 35.93 -14.76 -30.30
N LYS G 21 36.10 -15.20 -29.05
CA LYS G 21 34.98 -15.52 -28.16
C LYS G 21 34.41 -14.26 -27.50
N LEU G 22 35.02 -13.11 -27.77
CA LEU G 22 34.64 -11.83 -27.18
C LEU G 22 33.23 -11.37 -27.58
N SER G 23 32.88 -11.58 -28.84
CA SER G 23 31.57 -11.15 -29.38
C SER G 23 30.39 -11.91 -28.78
N VAL G 24 30.62 -13.17 -28.43
CA VAL G 24 29.59 -14.01 -27.79
C VAL G 24 29.31 -13.54 -26.36
N VAL G 25 30.38 -13.25 -25.62
CA VAL G 25 30.29 -12.78 -24.24
C VAL G 25 29.55 -11.44 -24.16
N LYS G 26 29.83 -10.56 -25.12
CA LYS G 26 29.18 -9.26 -25.21
C LYS G 26 27.66 -9.41 -25.39
N LYS G 27 27.26 -10.09 -26.46
CA LYS G 27 25.85 -10.27 -26.82
C LYS G 27 24.98 -10.76 -25.66
N SER G 28 25.50 -11.74 -24.91
CA SER G 28 24.79 -12.31 -23.76
C SER G 28 24.64 -11.32 -22.61
N LEU G 29 25.69 -10.50 -22.40
CA LEU G 29 25.66 -9.47 -21.36
C LEU G 29 24.83 -8.26 -21.77
N ILE G 30 24.87 -7.92 -23.05
CA ILE G 30 24.06 -6.83 -23.61
C ILE G 30 22.57 -7.09 -23.41
N THR G 31 22.13 -8.29 -23.78
CA THR G 31 20.72 -8.69 -23.66
C THR G 31 20.26 -8.75 -22.20
N PHE G 32 21.16 -9.18 -21.32
CA PHE G 32 20.90 -9.20 -19.87
C PHE G 32 20.67 -7.78 -19.33
N VAL G 33 21.52 -6.85 -19.74
CA VAL G 33 21.42 -5.45 -19.37
C VAL G 33 20.12 -4.85 -19.92
N ASN G 34 19.84 -5.11 -21.19
CA ASN G 34 18.65 -4.61 -21.86
C ASN G 34 17.35 -5.22 -21.34
N LYS G 35 17.44 -6.44 -20.80
CA LYS G 35 16.28 -7.14 -20.23
C LYS G 35 15.58 -6.28 -19.16
N HIS G 36 16.37 -5.52 -18.40
CA HIS G 36 15.85 -4.67 -17.34
C HIS G 36 15.77 -3.23 -17.74
N LEU G 37 16.76 -2.75 -18.50
CA LEU G 37 16.80 -1.35 -18.91
C LEU G 37 15.75 -0.95 -19.95
N ASN G 38 15.27 -1.93 -20.72
CA ASN G 38 14.18 -1.70 -21.68
C ASN G 38 12.86 -1.33 -21.02
N LYS G 39 12.72 -1.70 -19.74
CA LYS G 39 11.55 -1.34 -18.93
C LYS G 39 11.47 0.17 -18.69
N LEU G 40 12.63 0.82 -18.68
CA LEU G 40 12.71 2.27 -18.53
C LEU G 40 12.99 2.96 -19.87
N ASN G 41 12.66 2.26 -20.96
CA ASN G 41 12.80 2.75 -22.34
C ASN G 41 14.23 2.95 -22.84
N LEU G 42 15.21 2.71 -21.96
CA LEU G 42 16.62 2.86 -22.29
C LEU G 42 17.16 1.60 -22.99
N GLU G 43 18.20 1.78 -23.80
CA GLU G 43 18.78 0.68 -24.56
C GLU G 43 20.29 0.80 -24.70
N VAL G 44 20.97 -0.34 -24.63
CA VAL G 44 22.42 -0.40 -24.85
C VAL G 44 22.70 -1.24 -26.10
N THR G 45 23.48 -0.67 -27.03
CA THR G 45 23.87 -1.37 -28.26
C THR G 45 25.30 -1.87 -28.18
N GLU G 46 26.19 -1.07 -27.58
CA GLU G 46 27.59 -1.45 -27.39
C GLU G 46 28.09 -1.12 -25.99
N LEU G 47 28.72 -2.10 -25.36
CA LEU G 47 29.18 -2.00 -23.97
C LEU G 47 30.43 -1.13 -23.83
N GLU G 48 31.22 -1.07 -24.89
CA GLU G 48 32.52 -0.39 -24.87
C GLU G 48 32.47 1.14 -24.69
N THR G 49 31.28 1.72 -24.81
CA THR G 49 31.09 3.16 -24.63
C THR G 49 29.98 3.50 -23.63
N GLN G 50 28.83 2.84 -23.77
CA GLN G 50 27.61 3.22 -23.06
C GLN G 50 27.54 2.84 -21.58
N PHE G 51 28.68 2.85 -20.91
CA PHE G 51 28.73 2.60 -19.47
C PHE G 51 29.73 3.48 -18.72
N ALA G 52 30.52 4.26 -19.48
CA ALA G 52 31.49 5.18 -18.90
C ALA G 52 30.83 6.30 -18.10
N ASP G 53 29.64 6.71 -18.54
CA ASP G 53 28.84 7.72 -17.86
C ASP G 53 28.50 7.33 -16.41
N GLY G 54 28.25 6.04 -16.20
CA GLY G 54 27.80 5.54 -14.90
C GLY G 54 26.30 5.70 -14.72
N VAL G 55 25.67 6.45 -15.63
CA VAL G 55 24.23 6.72 -15.58
C VAL G 55 23.43 5.42 -15.70
N TYR G 56 23.78 4.61 -16.71
CA TYR G 56 23.11 3.33 -16.93
C TYR G 56 23.37 2.32 -15.81
N LEU G 57 24.53 2.41 -15.17
CA LEU G 57 24.89 1.56 -14.04
C LEU G 57 24.06 1.86 -12.79
N VAL G 58 23.87 3.13 -12.50
CA VAL G 58 23.04 3.58 -11.37
C VAL G 58 21.58 3.19 -11.60
N LEU G 59 21.12 3.38 -12.83
CA LEU G 59 19.74 3.07 -13.21
C LEU G 59 19.45 1.56 -13.26
N LEU G 60 20.47 0.78 -13.60
CA LEU G 60 20.37 -0.68 -13.57
C LEU G 60 20.25 -1.18 -12.13
N MET G 61 21.03 -0.57 -11.23
CA MET G 61 21.01 -0.93 -9.81
C MET G 61 19.68 -0.63 -9.13
N GLY G 62 19.00 0.41 -9.60
CA GLY G 62 17.67 0.76 -9.10
C GLY G 62 16.61 -0.26 -9.50
N LEU G 63 16.82 -0.88 -10.66
CA LEU G 63 15.91 -1.91 -11.18
C LEU G 63 16.12 -3.26 -10.51
N LEU G 64 17.39 -3.63 -10.32
CA LEU G 64 17.75 -4.93 -9.77
C LEU G 64 17.45 -5.06 -8.28
N GLU G 65 17.30 -3.93 -7.60
CA GLU G 65 16.93 -3.90 -6.19
C GLU G 65 15.53 -3.30 -5.98
N ASP G 66 14.87 -2.99 -7.10
CA ASP G 66 13.47 -2.55 -7.14
C ASP G 66 13.15 -1.27 -6.33
N TYR G 67 13.69 -0.14 -6.79
CA TYR G 67 13.39 1.18 -6.24
C TYR G 67 13.81 2.29 -7.22
N PHE G 68 13.13 3.43 -7.15
CA PHE G 68 13.51 4.59 -7.96
C PHE G 68 14.72 5.30 -7.34
N VAL G 69 15.67 5.68 -8.19
CA VAL G 69 16.84 6.42 -7.73
C VAL G 69 16.62 7.90 -8.02
N PRO G 70 16.54 8.74 -6.96
CA PRO G 70 16.38 10.19 -7.12
C PRO G 70 17.58 10.77 -7.87
N LEU G 71 17.29 11.72 -8.78
CA LEU G 71 18.31 12.27 -9.67
C LEU G 71 19.35 13.16 -8.98
N HIS G 72 19.01 13.64 -7.78
CA HIS G 72 19.92 14.49 -7.02
C HIS G 72 21.03 13.74 -6.34
N HIS G 73 20.94 12.40 -6.36
CA HIS G 73 21.97 11.55 -5.80
C HIS G 73 23.10 11.28 -6.78
N PHE G 74 22.88 11.61 -8.05
CA PHE G 74 23.90 11.43 -9.10
C PHE G 74 23.82 12.50 -10.20
N TYR G 75 24.60 12.33 -11.25
CA TYR G 75 24.64 13.27 -12.36
C TYR G 75 24.08 12.66 -13.64
N LEU G 76 22.92 13.15 -14.08
CA LEU G 76 22.26 12.66 -15.29
C LEU G 76 23.10 12.93 -16.54
N THR G 77 23.57 14.17 -16.67
CA THR G 77 24.45 14.54 -17.77
C THR G 77 25.81 15.01 -17.23
N PRO G 78 26.75 14.07 -17.06
CA PRO G 78 28.07 14.38 -16.50
C PRO G 78 28.95 15.12 -17.50
N GLU G 79 29.46 16.28 -17.09
CA GLU G 79 30.29 17.11 -17.97
C GLU G 79 31.76 17.08 -17.56
N SER G 80 32.08 16.27 -16.56
CA SER G 80 33.46 16.12 -16.09
C SER G 80 33.79 14.67 -15.72
N PHE G 81 35.08 14.38 -15.67
CA PHE G 81 35.57 13.06 -15.26
C PHE G 81 35.14 12.72 -13.83
N ASP G 82 35.18 13.71 -12.95
CA ASP G 82 34.81 13.54 -11.54
C ASP G 82 33.35 13.15 -11.36
N GLN G 83 32.47 13.75 -12.16
CA GLN G 83 31.05 13.45 -12.14
C GLN G 83 30.77 12.03 -12.64
N LYS G 84 31.55 11.59 -13.63
CA LYS G 84 31.45 10.23 -14.15
C LYS G 84 31.88 9.20 -13.10
N VAL G 85 33.00 9.48 -12.41
CA VAL G 85 33.51 8.64 -11.33
C VAL G 85 32.50 8.57 -10.18
N HIS G 86 31.89 9.71 -9.86
CA HIS G 86 30.85 9.77 -8.84
C HIS G 86 29.75 8.79 -9.13
N ASN G 87 29.25 8.80 -10.36
CA ASN G 87 28.19 7.90 -10.81
C ASN G 87 28.57 6.42 -10.67
N VAL G 88 29.73 6.06 -11.21
CA VAL G 88 30.21 4.68 -11.19
C VAL G 88 30.44 4.21 -9.75
N SER G 89 31.11 5.02 -8.94
CA SER G 89 31.38 4.68 -7.54
C SER G 89 30.10 4.64 -6.70
N PHE G 90 29.10 5.43 -7.09
CA PHE G 90 27.78 5.40 -6.45
C PHE G 90 27.04 4.10 -6.78
N ALA G 91 27.20 3.63 -8.01
CA ALA G 91 26.65 2.34 -8.44
C ALA G 91 27.37 1.18 -7.76
N PHE G 92 28.66 1.39 -7.47
CA PHE G 92 29.47 0.46 -6.69
C PHE G 92 29.00 0.38 -5.24
N GLU G 93 28.52 1.51 -4.71
CA GLU G 93 27.99 1.60 -3.35
C GLU G 93 26.70 0.80 -3.20
N LEU G 94 25.86 0.86 -4.23
CA LEU G 94 24.58 0.14 -4.24
C LEU G 94 24.77 -1.36 -4.43
N MET G 95 25.87 -1.74 -5.06
CA MET G 95 26.24 -3.15 -5.25
C MET G 95 26.62 -3.81 -3.93
N LEU G 96 27.26 -3.05 -3.03
CA LEU G 96 27.63 -3.53 -1.70
C LEU G 96 26.41 -3.65 -0.79
N ASP G 97 25.47 -2.72 -0.95
CA ASP G 97 24.21 -2.72 -0.18
C ASP G 97 23.23 -3.76 -0.71
N GLY G 98 23.38 -4.11 -1.98
CA GLY G 98 22.53 -5.12 -2.62
C GLY G 98 22.86 -6.54 -2.20
N GLY G 99 24.05 -6.73 -1.64
CA GLY G 99 24.49 -8.04 -1.16
C GLY G 99 25.69 -8.59 -1.91
N LEU G 100 26.02 -7.96 -3.03
CA LEU G 100 27.13 -8.40 -3.88
C LEU G 100 28.48 -7.94 -3.32
N LYS G 101 29.49 -8.77 -3.52
CA LYS G 101 30.87 -8.47 -3.10
C LYS G 101 31.46 -7.36 -3.97
N LYS G 102 32.52 -6.73 -3.46
CA LYS G 102 33.19 -5.64 -4.18
C LYS G 102 33.79 -6.12 -5.50
N PRO G 103 33.45 -5.45 -6.61
CA PRO G 103 33.98 -5.84 -7.93
C PRO G 103 35.48 -5.59 -8.05
N LYS G 104 36.16 -6.49 -8.74
CA LYS G 104 37.61 -6.38 -8.95
C LYS G 104 37.94 -5.40 -10.07
N ALA G 105 37.56 -4.15 -9.86
CA ALA G 105 37.77 -3.06 -10.82
C ALA G 105 37.59 -1.72 -10.12
N ARG G 106 38.47 -0.77 -10.45
CA ARG G 106 38.38 0.59 -9.92
C ARG G 106 37.27 1.35 -10.65
N PRO G 107 36.51 2.20 -9.92
CA PRO G 107 35.47 3.02 -10.54
C PRO G 107 35.97 3.86 -11.71
N GLU G 108 37.27 4.20 -11.68
CA GLU G 108 37.90 4.98 -12.74
C GLU G 108 38.09 4.17 -14.02
N ASP G 109 38.31 2.86 -13.87
CA ASP G 109 38.52 1.95 -15.01
C ASP G 109 37.31 1.87 -15.94
N VAL G 110 36.11 1.89 -15.34
CA VAL G 110 34.86 1.90 -16.11
C VAL G 110 34.74 3.19 -16.92
N VAL G 111 35.14 4.31 -16.31
CA VAL G 111 35.12 5.61 -16.97
C VAL G 111 36.20 5.69 -18.05
N ASN G 112 37.37 5.14 -17.77
CA ASN G 112 38.50 5.16 -18.70
C ASN G 112 38.35 4.15 -19.86
N LEU G 113 37.12 3.69 -20.07
CA LEU G 113 36.78 2.75 -21.15
C LEU G 113 37.58 1.46 -21.17
N ASP G 114 37.98 0.98 -19.99
CA ASP G 114 38.64 -0.31 -19.88
C ASP G 114 37.57 -1.41 -20.02
N LEU G 115 37.56 -2.05 -21.19
CA LEU G 115 36.54 -3.05 -21.53
C LEU G 115 36.58 -4.25 -20.60
N LYS G 116 37.78 -4.71 -20.25
CA LYS G 116 37.98 -5.85 -19.35
C LYS G 116 37.34 -5.59 -17.98
N SER G 117 37.52 -4.38 -17.46
CA SER G 117 36.94 -3.99 -16.18
C SER G 117 35.42 -3.83 -16.26
N THR G 118 34.95 -3.31 -17.38
CA THR G 118 33.52 -3.10 -17.63
C THR G 118 32.78 -4.45 -17.67
N LEU G 119 33.39 -5.43 -18.33
CA LEU G 119 32.79 -6.77 -18.48
C LEU G 119 32.70 -7.53 -17.15
N ARG G 120 33.70 -7.34 -16.29
CA ARG G 120 33.73 -7.97 -14.97
C ARG G 120 32.59 -7.49 -14.07
N VAL G 121 32.32 -6.20 -14.11
CA VAL G 121 31.26 -5.57 -13.31
C VAL G 121 29.88 -6.10 -13.72
N LEU G 122 29.66 -6.21 -15.03
CA LEU G 122 28.39 -6.69 -15.58
C LEU G 122 28.17 -8.18 -15.34
N TYR G 123 29.26 -8.95 -15.30
CA TYR G 123 29.18 -10.39 -15.04
C TYR G 123 28.87 -10.71 -13.59
N ASN G 124 29.42 -9.92 -12.67
CA ASN G 124 29.10 -10.04 -11.24
C ASN G 124 27.61 -9.81 -10.98
N LEU G 125 27.02 -8.92 -11.77
CA LEU G 125 25.58 -8.67 -11.73
C LEU G 125 24.81 -9.83 -12.39
N PHE G 126 25.42 -10.43 -13.40
CA PHE G 126 24.81 -11.54 -14.14
C PHE G 126 24.69 -12.79 -13.27
N THR G 127 25.73 -13.06 -12.47
CA THR G 127 25.77 -14.23 -11.60
C THR G 127 24.79 -14.15 -10.43
N LYS G 128 24.54 -12.93 -9.96
CA LYS G 128 23.63 -12.69 -8.84
C LYS G 128 22.18 -12.54 -9.32
N TYR G 129 21.98 -11.70 -10.34
CA TYR G 129 20.63 -11.38 -10.82
C TYR G 129 20.27 -12.15 -12.10
N LYS G 130 20.61 -13.43 -12.12
CA LYS G 130 20.35 -14.31 -13.27
C LYS G 130 18.85 -14.56 -13.46
N ASN G 131 18.18 -14.94 -12.38
CA ASN G 131 16.77 -15.35 -12.43
C ASN G 131 15.78 -14.19 -12.35
N VAL G 132 16.28 -12.99 -12.03
CA VAL G 132 15.43 -11.80 -11.92
C VAL G 132 14.77 -11.48 -13.26
N GLU G 133 13.46 -11.70 -13.32
CA GLU G 133 12.67 -11.47 -14.53
C GLU G 133 12.28 -10.01 -14.67
N ASP H 9 -23.04 -19.35 -9.60
CA ASP H 9 -22.05 -20.14 -8.81
C ASP H 9 -22.36 -20.11 -7.32
N ALA H 10 -22.01 -21.21 -6.64
CA ALA H 10 -22.33 -21.38 -5.22
C ALA H 10 -21.44 -20.55 -4.30
N PHE H 11 -20.18 -20.36 -4.71
CA PHE H 11 -19.20 -19.64 -3.89
C PHE H 11 -19.37 -18.13 -3.90
N ASP H 12 -19.98 -17.60 -4.97
CA ASP H 12 -20.27 -16.17 -5.08
C ASP H 12 -21.30 -15.71 -4.05
N THR H 13 -22.27 -16.59 -3.76
CA THR H 13 -23.31 -16.34 -2.78
C THR H 13 -22.73 -16.34 -1.36
N LEU H 14 -21.69 -17.15 -1.16
CA LEU H 14 -21.01 -17.28 0.14
C LEU H 14 -20.25 -15.99 0.52
N PHE H 15 -19.69 -15.32 -0.49
CA PHE H 15 -18.91 -14.10 -0.26
C PHE H 15 -19.78 -12.84 -0.22
N ASP H 16 -20.96 -12.90 -0.81
CA ASP H 16 -21.85 -11.75 -0.92
C ASP H 16 -23.00 -11.73 0.09
N HIS H 17 -23.52 -12.91 0.42
CA HIS H 17 -24.73 -13.01 1.24
C HIS H 17 -24.53 -13.65 2.59
N ALA H 18 -23.62 -14.62 2.67
CA ALA H 18 -23.36 -15.35 3.92
C ALA H 18 -21.88 -15.34 4.33
N PRO H 19 -21.36 -14.17 4.76
CA PRO H 19 -19.95 -14.07 5.14
C PRO H 19 -19.65 -14.64 6.52
N ASP H 20 -20.69 -14.81 7.34
CA ASP H 20 -20.55 -15.34 8.69
C ASP H 20 -20.21 -16.83 8.71
N LYS H 21 -20.70 -17.56 7.71
CA LYS H 21 -20.43 -18.98 7.58
C LYS H 21 -19.35 -19.28 6.54
N LEU H 22 -18.38 -18.36 6.42
CA LEU H 22 -17.24 -18.54 5.53
C LEU H 22 -16.14 -19.37 6.21
N SER H 23 -15.93 -19.11 7.51
CA SER H 23 -14.91 -19.79 8.30
C SER H 23 -15.22 -21.28 8.52
N VAL H 24 -16.50 -21.63 8.47
CA VAL H 24 -16.93 -23.02 8.58
C VAL H 24 -16.56 -23.79 7.31
N VAL H 25 -16.66 -23.11 6.16
CA VAL H 25 -16.25 -23.68 4.87
C VAL H 25 -14.72 -23.81 4.81
N LYS H 26 -14.02 -22.86 5.43
CA LYS H 26 -12.57 -22.90 5.56
C LYS H 26 -12.11 -24.13 6.35
N LYS H 27 -12.58 -24.23 7.59
CA LYS H 27 -12.14 -25.26 8.54
C LYS H 27 -12.41 -26.69 8.05
N SER H 28 -13.54 -26.89 7.38
CA SER H 28 -13.89 -28.20 6.82
C SER H 28 -12.99 -28.58 5.64
N LEU H 29 -12.64 -27.58 4.83
CA LEU H 29 -11.73 -27.79 3.71
C LEU H 29 -10.28 -27.90 4.15
N ILE H 30 -9.96 -27.29 5.30
CA ILE H 30 -8.63 -27.41 5.90
C ILE H 30 -8.41 -28.84 6.41
N THR H 31 -9.40 -29.38 7.13
CA THR H 31 -9.32 -30.74 7.67
C THR H 31 -9.27 -31.80 6.56
N PHE H 32 -9.92 -31.51 5.43
CA PHE H 32 -9.85 -32.37 4.25
C PHE H 32 -8.44 -32.35 3.67
N VAL H 33 -7.88 -31.15 3.53
CA VAL H 33 -6.54 -30.93 2.99
C VAL H 33 -5.48 -31.56 3.90
N ASN H 34 -5.61 -31.34 5.21
CA ASN H 34 -4.69 -31.89 6.20
C ASN H 34 -4.81 -33.40 6.39
N LYS H 35 -5.97 -33.96 6.05
CA LYS H 35 -6.21 -35.41 6.13
C LYS H 35 -5.20 -36.18 5.27
N HIS H 36 -4.80 -35.59 4.15
CA HIS H 36 -3.86 -36.23 3.22
C HIS H 36 -2.46 -35.70 3.33
N LEU H 37 -2.34 -34.38 3.53
CA LEU H 37 -1.02 -33.73 3.57
C LEU H 37 -0.20 -34.04 4.82
N ASN H 38 -0.86 -34.43 5.91
CA ASN H 38 -0.18 -34.86 7.12
C ASN H 38 0.64 -36.14 6.92
N LYS H 39 0.29 -36.90 5.89
CA LYS H 39 1.00 -38.11 5.53
C LYS H 39 2.39 -37.81 4.94
N LEU H 40 2.53 -36.63 4.34
CA LEU H 40 3.81 -36.17 3.79
C LEU H 40 4.51 -35.18 4.73
N ASN H 41 4.02 -35.10 5.97
CA ASN H 41 4.55 -34.19 7.00
C ASN H 41 4.36 -32.70 6.66
N LEU H 42 3.16 -32.38 6.17
CA LEU H 42 2.82 -31.00 5.79
C LEU H 42 1.48 -30.61 6.41
N GLU H 43 1.40 -29.37 6.93
CA GLU H 43 0.16 -28.87 7.51
C GLU H 43 -0.20 -27.48 6.97
N VAL H 44 -1.48 -27.29 6.72
CA VAL H 44 -2.01 -26.02 6.21
C VAL H 44 -2.90 -25.36 7.25
N THR H 45 -2.58 -24.12 7.60
CA THR H 45 -3.38 -23.32 8.53
C THR H 45 -4.14 -22.21 7.79
N GLU H 46 -3.56 -21.72 6.70
CA GLU H 46 -4.18 -20.70 5.87
C GLU H 46 -4.30 -21.20 4.43
N LEU H 47 -5.54 -21.28 3.94
CA LEU H 47 -5.82 -21.82 2.60
C LEU H 47 -5.39 -20.90 1.47
N GLU H 48 -5.56 -19.59 1.66
CA GLU H 48 -5.26 -18.59 0.62
C GLU H 48 -3.77 -18.52 0.28
N THR H 49 -2.92 -18.51 1.32
CA THR H 49 -1.49 -18.26 1.16
C THR H 49 -0.66 -19.52 0.91
N GLN H 50 -0.98 -20.60 1.64
CA GLN H 50 -0.18 -21.82 1.59
C GLN H 50 -0.39 -22.66 0.31
N PHE H 51 -1.39 -22.27 -0.49
CA PHE H 51 -1.65 -22.93 -1.77
C PHE H 51 -1.23 -22.08 -2.97
N ALA H 52 -0.83 -20.84 -2.71
CA ALA H 52 -0.40 -19.91 -3.76
C ALA H 52 0.86 -20.38 -4.49
N ASP H 53 1.77 -21.04 -3.76
CA ASP H 53 2.98 -21.65 -4.32
C ASP H 53 2.68 -22.61 -5.47
N GLY H 54 1.58 -23.34 -5.34
CA GLY H 54 1.21 -24.38 -6.31
C GLY H 54 1.76 -25.75 -5.95
N VAL H 55 2.85 -25.76 -5.17
CA VAL H 55 3.53 -26.99 -4.76
C VAL H 55 2.60 -27.96 -4.03
N TYR H 56 1.89 -27.45 -3.03
CA TYR H 56 0.98 -28.25 -2.20
C TYR H 56 -0.17 -28.87 -2.99
N LEU H 57 -0.65 -28.15 -4.01
CA LEU H 57 -1.68 -28.67 -4.91
C LEU H 57 -1.16 -29.83 -5.76
N VAL H 58 0.08 -29.72 -6.22
CA VAL H 58 0.74 -30.79 -6.97
C VAL H 58 0.94 -32.02 -6.08
N LEU H 59 1.36 -31.78 -4.84
CA LEU H 59 1.59 -32.85 -3.87
C LEU H 59 0.29 -33.51 -3.42
N LEU H 60 -0.78 -32.74 -3.34
CA LEU H 60 -2.10 -33.26 -2.98
C LEU H 60 -2.66 -34.16 -4.09
N MET H 61 -2.34 -33.82 -5.34
CA MET H 61 -2.75 -34.63 -6.49
C MET H 61 -2.08 -35.99 -6.54
N GLY H 62 -0.83 -36.05 -6.07
CA GLY H 62 -0.08 -37.29 -6.00
C GLY H 62 -0.61 -38.23 -4.94
N LEU H 63 -1.14 -37.67 -3.85
CA LEU H 63 -1.72 -38.44 -2.76
C LEU H 63 -3.09 -39.02 -3.13
N LEU H 64 -3.91 -38.21 -3.79
CA LEU H 64 -5.26 -38.61 -4.19
C LEU H 64 -5.26 -39.66 -5.32
N GLU H 65 -4.29 -39.54 -6.23
CA GLU H 65 -4.13 -40.52 -7.31
C GLU H 65 -3.20 -41.67 -6.91
N ASP H 66 -2.64 -41.58 -5.70
CA ASP H 66 -1.79 -42.62 -5.11
C ASP H 66 -0.56 -42.99 -5.96
N TYR H 67 0.20 -41.97 -6.35
CA TYR H 67 1.47 -42.15 -7.05
C TYR H 67 2.39 -40.94 -6.85
N PHE H 68 3.69 -41.19 -6.77
CA PHE H 68 4.68 -40.13 -6.57
C PHE H 68 4.85 -39.27 -7.83
N VAL H 69 4.79 -37.96 -7.65
CA VAL H 69 4.94 -37.02 -8.76
C VAL H 69 6.42 -36.67 -8.94
N PRO H 70 6.98 -36.96 -10.14
CA PRO H 70 8.37 -36.64 -10.44
C PRO H 70 8.65 -35.15 -10.33
N LEU H 71 9.76 -34.80 -9.69
CA LEU H 71 10.08 -33.41 -9.36
C LEU H 71 10.55 -32.58 -10.56
N HIS H 72 10.93 -33.26 -11.65
CA HIS H 72 11.41 -32.57 -12.85
C HIS H 72 10.31 -31.89 -13.63
N HIS H 73 9.06 -32.27 -13.35
CA HIS H 73 7.90 -31.70 -14.03
C HIS H 73 7.54 -30.33 -13.53
N PHE H 74 7.64 -30.14 -12.21
CA PHE H 74 7.23 -28.88 -11.57
C PHE H 74 8.34 -28.20 -10.76
N TYR H 75 7.99 -27.13 -10.07
CA TYR H 75 8.93 -26.37 -9.26
C TYR H 75 8.68 -26.54 -7.77
N LEU H 76 9.53 -27.32 -7.11
CA LEU H 76 9.40 -27.64 -5.70
C LEU H 76 9.58 -26.42 -4.79
N THR H 77 10.48 -25.51 -5.19
CA THR H 77 10.63 -24.23 -4.53
C THR H 77 10.61 -23.11 -5.58
N PRO H 78 9.41 -22.58 -5.88
CA PRO H 78 9.24 -21.57 -6.92
C PRO H 78 9.84 -20.23 -6.50
N GLU H 79 10.47 -19.55 -7.46
CA GLU H 79 11.09 -18.26 -7.21
C GLU H 79 10.36 -17.14 -7.93
N SER H 80 9.97 -17.39 -9.18
CA SER H 80 9.26 -16.40 -9.99
C SER H 80 7.75 -16.64 -10.00
N PHE H 81 7.01 -15.64 -10.48
CA PHE H 81 5.56 -15.73 -10.65
C PHE H 81 5.19 -16.82 -11.66
N ASP H 82 5.99 -16.94 -12.73
CA ASP H 82 5.78 -17.91 -13.79
C ASP H 82 5.83 -19.36 -13.28
N GLN H 83 6.76 -19.61 -12.36
CA GLN H 83 6.95 -20.95 -11.79
C GLN H 83 5.77 -21.37 -10.91
N LYS H 84 5.16 -20.41 -10.23
CA LYS H 84 3.98 -20.65 -9.41
C LYS H 84 2.75 -20.92 -10.29
N VAL H 85 2.66 -20.21 -11.42
CA VAL H 85 1.62 -20.43 -12.41
C VAL H 85 1.77 -21.82 -13.05
N HIS H 86 3.00 -22.20 -13.34
CA HIS H 86 3.31 -23.52 -13.88
C HIS H 86 2.81 -24.61 -12.97
N ASN H 87 3.15 -24.50 -11.69
CA ASN H 87 2.74 -25.49 -10.68
C ASN H 87 1.23 -25.67 -10.56
N VAL H 88 0.49 -24.56 -10.57
CA VAL H 88 -0.97 -24.60 -10.47
C VAL H 88 -1.59 -25.20 -11.73
N SER H 89 -1.15 -24.75 -12.90
CA SER H 89 -1.67 -25.27 -14.18
C SER H 89 -1.27 -26.72 -14.41
N PHE H 90 -0.15 -27.14 -13.81
CA PHE H 90 0.28 -28.55 -13.86
C PHE H 90 -0.62 -29.41 -12.97
N ALA H 91 -0.96 -28.89 -11.80
CA ALA H 91 -1.91 -29.56 -10.89
C ALA H 91 -3.29 -29.66 -11.52
N PHE H 92 -3.63 -28.66 -12.34
CA PHE H 92 -4.88 -28.62 -13.09
C PHE H 92 -4.92 -29.70 -14.16
N GLU H 93 -3.77 -29.95 -14.79
CA GLU H 93 -3.62 -30.99 -15.80
C GLU H 93 -3.74 -32.39 -15.19
N LEU H 94 -3.26 -32.55 -13.96
CA LEU H 94 -3.33 -33.84 -13.25
C LEU H 94 -4.74 -34.19 -12.80
N MET H 95 -5.55 -33.15 -12.55
CA MET H 95 -6.96 -33.31 -12.22
C MET H 95 -7.74 -33.86 -13.41
N LEU H 96 -7.38 -33.39 -14.61
CA LEU H 96 -7.98 -33.87 -15.86
C LEU H 96 -7.55 -35.30 -16.16
N ASP H 97 -6.29 -35.63 -15.86
CA ASP H 97 -5.77 -36.98 -16.03
C ASP H 97 -6.38 -37.95 -15.02
N GLY H 98 -6.78 -37.43 -13.86
CA GLY H 98 -7.42 -38.21 -12.82
C GLY H 98 -8.85 -38.61 -13.16
N GLY H 99 -9.48 -37.83 -14.03
CA GLY H 99 -10.86 -38.10 -14.46
C GLY H 99 -11.84 -37.05 -13.96
N LEU H 100 -11.32 -35.89 -13.58
CA LEU H 100 -12.14 -34.77 -13.11
C LEU H 100 -12.20 -33.67 -14.15
N LYS H 101 -13.36 -33.01 -14.24
CA LYS H 101 -13.59 -31.92 -15.19
C LYS H 101 -12.72 -30.70 -14.88
N LYS H 102 -12.52 -29.86 -15.89
CA LYS H 102 -11.74 -28.62 -15.75
C LYS H 102 -12.34 -27.70 -14.69
N PRO H 103 -11.53 -27.34 -13.67
CA PRO H 103 -11.98 -26.43 -12.61
C PRO H 103 -12.18 -25.01 -13.13
N LYS H 104 -13.28 -24.38 -12.71
CA LYS H 104 -13.61 -23.03 -13.16
C LYS H 104 -12.85 -21.97 -12.35
N ALA H 105 -11.54 -21.91 -12.58
CA ALA H 105 -10.65 -20.95 -11.94
C ALA H 105 -9.41 -20.75 -12.80
N ARG H 106 -8.93 -19.51 -12.87
CA ARG H 106 -7.68 -19.20 -13.57
C ARG H 106 -6.50 -19.62 -12.69
N PRO H 107 -5.46 -20.21 -13.29
CA PRO H 107 -4.27 -20.61 -12.54
C PRO H 107 -3.57 -19.41 -11.88
N GLU H 108 -3.62 -18.26 -12.54
CA GLU H 108 -3.03 -17.02 -12.03
C GLU H 108 -3.74 -16.54 -10.77
N ASP H 109 -5.05 -16.74 -10.70
CA ASP H 109 -5.86 -16.31 -9.56
C ASP H 109 -5.46 -16.99 -8.26
N VAL H 110 -5.16 -18.29 -8.32
CA VAL H 110 -4.70 -19.05 -7.16
C VAL H 110 -3.39 -18.47 -6.63
N VAL H 111 -2.49 -18.12 -7.54
CA VAL H 111 -1.19 -17.53 -7.21
C VAL H 111 -1.35 -16.12 -6.66
N ASN H 112 -2.32 -15.39 -7.20
CA ASN H 112 -2.61 -14.01 -6.78
C ASN H 112 -3.40 -13.92 -5.47
N LEU H 113 -3.42 -15.02 -4.71
CA LEU H 113 -4.01 -15.07 -3.36
C LEU H 113 -5.52 -14.85 -3.31
N ASP H 114 -6.23 -15.34 -4.33
CA ASP H 114 -7.69 -15.28 -4.36
C ASP H 114 -8.25 -16.46 -3.57
N LEU H 115 -8.88 -16.15 -2.44
CA LEU H 115 -9.49 -17.17 -1.59
C LEU H 115 -10.67 -17.86 -2.29
N LYS H 116 -11.45 -17.08 -3.02
CA LYS H 116 -12.62 -17.59 -3.74
C LYS H 116 -12.25 -18.69 -4.75
N SER H 117 -11.27 -18.40 -5.60
CA SER H 117 -10.81 -19.36 -6.61
C SER H 117 -10.15 -20.59 -5.99
N THR H 118 -9.42 -20.37 -4.89
CA THR H 118 -8.75 -21.45 -4.17
C THR H 118 -9.76 -22.45 -3.59
N LEU H 119 -10.83 -21.92 -2.97
CA LEU H 119 -11.89 -22.75 -2.41
C LEU H 119 -12.61 -23.58 -3.48
N ARG H 120 -12.75 -23.03 -4.68
CA ARG H 120 -13.38 -23.72 -5.80
C ARG H 120 -12.60 -24.96 -6.22
N VAL H 121 -11.28 -24.81 -6.33
CA VAL H 121 -10.39 -25.91 -6.74
C VAL H 121 -10.43 -27.05 -5.71
N LEU H 122 -10.35 -26.70 -4.43
CA LEU H 122 -10.33 -27.67 -3.35
C LEU H 122 -11.65 -28.44 -3.20
N TYR H 123 -12.76 -27.75 -3.45
CA TYR H 123 -14.08 -28.37 -3.43
C TYR H 123 -14.25 -29.37 -4.57
N ASN H 124 -13.70 -29.02 -5.74
CA ASN H 124 -13.69 -29.92 -6.90
C ASN H 124 -12.91 -31.19 -6.62
N LEU H 125 -11.88 -31.08 -5.76
CA LEU H 125 -11.14 -32.24 -5.28
C LEU H 125 -11.95 -33.03 -4.27
N PHE H 126 -12.72 -32.30 -3.44
CA PHE H 126 -13.55 -32.90 -2.40
C PHE H 126 -14.71 -33.71 -2.98
N THR H 127 -15.22 -33.28 -4.12
CA THR H 127 -16.33 -33.97 -4.79
C THR H 127 -15.94 -35.34 -5.33
N LYS H 128 -14.72 -35.44 -5.87
CA LYS H 128 -14.22 -36.68 -6.44
C LYS H 128 -13.64 -37.60 -5.36
N TYR H 129 -12.98 -37.00 -4.37
CA TYR H 129 -12.28 -37.77 -3.34
C TYR H 129 -12.86 -37.54 -1.94
N LYS H 130 -14.17 -37.75 -1.82
CA LYS H 130 -14.87 -37.57 -0.54
C LYS H 130 -14.55 -38.70 0.44
N ASN H 131 -14.72 -39.94 -0.01
CA ASN H 131 -14.57 -41.12 0.86
C ASN H 131 -13.18 -41.75 0.82
N VAL H 132 -12.22 -41.04 0.24
CA VAL H 132 -10.83 -41.52 0.16
C VAL H 132 -10.13 -41.35 1.50
N GLU H 133 -9.86 -42.47 2.17
CA GLU H 133 -9.19 -42.48 3.47
C GLU H 133 -7.69 -42.23 3.30
N ALA I 10 13.73 -10.50 13.73
CA ALA I 10 15.07 -9.86 13.61
C ALA I 10 16.18 -10.91 13.43
N PHE I 11 16.20 -11.91 14.30
CA PHE I 11 17.18 -12.99 14.24
C PHE I 11 16.90 -13.93 13.07
N ASP I 12 15.64 -14.07 12.72
CA ASP I 12 15.20 -14.85 11.57
C ASP I 12 15.68 -14.21 10.25
N THR I 13 15.73 -12.88 10.22
CA THR I 13 16.24 -12.15 9.06
C THR I 13 17.76 -12.29 8.98
N LEU I 14 18.40 -12.43 10.14
CA LEU I 14 19.84 -12.64 10.23
C LEU I 14 20.24 -14.04 9.75
N PHE I 15 19.39 -15.03 10.04
CA PHE I 15 19.65 -16.42 9.66
C PHE I 15 19.19 -16.77 8.25
N ASP I 16 18.46 -15.86 7.60
CA ASP I 16 17.93 -16.12 6.26
C ASP I 16 18.49 -15.20 5.18
N HIS I 17 18.78 -13.95 5.53
CA HIS I 17 19.20 -12.96 4.55
C HIS I 17 20.64 -12.56 4.64
N ALA I 18 21.10 -12.21 5.83
CA ALA I 18 22.48 -11.76 6.03
C ALA I 18 23.23 -12.57 7.10
N PRO I 19 23.79 -13.74 6.71
CA PRO I 19 24.55 -14.58 7.63
C PRO I 19 25.99 -14.09 7.84
N ASP I 20 26.40 -13.09 7.05
CA ASP I 20 27.74 -12.52 7.15
C ASP I 20 27.90 -11.67 8.41
N LYS I 21 26.80 -11.14 8.91
CA LYS I 21 26.79 -10.30 10.11
C LYS I 21 26.61 -11.12 11.39
N LEU I 22 26.48 -12.43 11.23
CA LEU I 22 26.29 -13.37 12.36
C LEU I 22 27.51 -13.43 13.26
N SER I 23 28.71 -13.36 12.66
CA SER I 23 29.97 -13.36 13.40
C SER I 23 30.10 -12.14 14.30
N VAL I 24 29.52 -11.03 13.88
CA VAL I 24 29.50 -9.79 14.65
C VAL I 24 28.58 -9.93 15.87
N VAL I 25 27.47 -10.62 15.67
CA VAL I 25 26.49 -10.88 16.73
C VAL I 25 27.08 -11.84 17.78
N LYS I 26 27.82 -12.84 17.31
CA LYS I 26 28.48 -13.82 18.19
C LYS I 26 29.50 -13.14 19.11
N LYS I 27 30.46 -12.44 18.51
CA LYS I 27 31.55 -11.79 19.25
C LYS I 27 31.04 -10.80 20.29
N SER I 28 30.04 -10.01 19.93
CA SER I 28 29.46 -9.01 20.84
C SER I 28 28.73 -9.67 22.02
N LEU I 29 28.03 -10.76 21.76
CA LEU I 29 27.32 -11.49 22.82
C LEU I 29 28.24 -12.37 23.66
N ILE I 30 29.39 -12.75 23.10
CA ILE I 30 30.42 -13.48 23.85
C ILE I 30 31.04 -12.58 24.91
N THR I 31 31.42 -11.36 24.50
CA THR I 31 32.03 -10.38 25.41
C THR I 31 31.10 -9.98 26.55
N PHE I 32 29.82 -9.79 26.25
CA PHE I 32 28.80 -9.45 27.25
C PHE I 32 28.65 -10.57 28.29
N VAL I 33 28.63 -11.80 27.81
CA VAL I 33 28.49 -12.98 28.68
C VAL I 33 29.72 -13.17 29.56
N ASN I 34 30.91 -13.02 28.96
CA ASN I 34 32.17 -13.16 29.67
C ASN I 34 32.44 -12.06 30.70
N LYS I 35 31.99 -10.84 30.39
CA LYS I 35 32.14 -9.69 31.28
C LYS I 35 31.63 -10.01 32.70
N HIS I 36 30.55 -10.78 32.77
CA HIS I 36 29.95 -11.18 34.04
C HIS I 36 30.47 -12.51 34.53
N LEU I 37 30.62 -13.46 33.61
CA LEU I 37 31.02 -14.83 33.97
C LEU I 37 32.49 -14.99 34.35
N ASN I 38 33.34 -14.09 33.86
CA ASN I 38 34.76 -14.09 34.22
C ASN I 38 35.01 -13.74 35.69
N LYS I 39 34.01 -13.12 36.32
CA LYS I 39 34.03 -12.83 37.75
C LYS I 39 33.92 -14.11 38.56
N LEU I 40 33.24 -15.11 38.00
CA LEU I 40 33.08 -16.41 38.65
C LEU I 40 34.06 -17.45 38.12
N ASN I 41 35.12 -16.97 37.45
CA ASN I 41 36.18 -17.82 36.87
C ASN I 41 35.67 -18.79 35.80
N LEU I 42 34.70 -18.33 35.01
CA LEU I 42 34.11 -19.12 33.94
C LEU I 42 34.26 -18.43 32.60
N GLU I 43 34.59 -19.20 31.56
CA GLU I 43 34.81 -18.66 30.22
C GLU I 43 33.90 -19.32 29.20
N VAL I 44 33.45 -18.53 28.22
CA VAL I 44 32.64 -19.02 27.11
C VAL I 44 33.34 -18.70 25.79
N THR I 45 33.70 -19.74 25.05
CA THR I 45 34.32 -19.58 23.73
C THR I 45 33.29 -19.84 22.62
N GLU I 46 32.52 -20.91 22.76
CA GLU I 46 31.46 -21.27 21.82
C GLU I 46 30.10 -21.06 22.48
N LEU I 47 29.18 -20.43 21.74
CA LEU I 47 27.87 -20.07 22.29
C LEU I 47 26.86 -21.20 22.25
N GLU I 48 26.84 -21.96 21.15
CA GLU I 48 25.84 -23.01 20.95
C GLU I 48 26.03 -24.22 21.86
N THR I 49 27.28 -24.59 22.11
CA THR I 49 27.59 -25.81 22.87
C THR I 49 27.63 -25.60 24.38
N GLN I 50 28.18 -24.47 24.82
CA GLN I 50 28.44 -24.23 26.23
C GLN I 50 27.23 -23.78 27.06
N PHE I 51 26.14 -23.42 26.37
CA PHE I 51 24.91 -23.00 27.05
C PHE I 51 23.84 -24.08 27.08
N ALA I 52 24.09 -25.19 26.38
CA ALA I 52 23.16 -26.32 26.31
C ALA I 52 22.93 -26.99 27.67
N ASP I 53 23.92 -26.89 28.56
CA ASP I 53 23.81 -27.38 29.93
C ASP I 53 22.73 -26.65 30.72
N GLY I 54 22.57 -25.36 30.42
CA GLY I 54 21.68 -24.49 31.17
C GLY I 54 22.32 -24.03 32.47
N VAL I 55 23.50 -24.58 32.77
CA VAL I 55 24.23 -24.27 34.00
C VAL I 55 24.69 -22.81 34.00
N TYR I 56 25.33 -22.38 32.91
CA TYR I 56 25.82 -21.02 32.80
C TYR I 56 24.71 -19.97 32.77
N LEU I 57 23.56 -20.32 32.19
CA LEU I 57 22.40 -19.43 32.15
C LEU I 57 21.87 -19.11 33.55
N VAL I 58 21.82 -20.13 34.41
CA VAL I 58 21.40 -19.96 35.81
C VAL I 58 22.39 -19.08 36.58
N LEU I 59 23.69 -19.35 36.38
CA LEU I 59 24.75 -18.62 37.06
C LEU I 59 24.87 -17.17 36.58
N LEU I 60 24.59 -16.95 35.30
CA LEU I 60 24.58 -15.62 34.71
C LEU I 60 23.45 -14.77 35.30
N MET I 61 22.29 -15.41 35.50
CA MET I 61 21.15 -14.76 36.17
C MET I 61 21.47 -14.42 37.62
N GLY I 62 22.27 -15.27 38.26
CA GLY I 62 22.74 -15.02 39.62
C GLY I 62 23.75 -13.89 39.71
N LEU I 63 24.24 -13.45 38.55
CA LEU I 63 25.18 -12.34 38.46
C LEU I 63 24.50 -11.02 38.10
N LEU I 64 23.45 -11.12 37.29
CA LEU I 64 22.69 -9.94 36.86
C LEU I 64 21.66 -9.53 37.91
N GLU I 65 21.31 -10.47 38.79
CA GLU I 65 20.40 -10.21 39.91
C GLU I 65 21.15 -10.11 41.23
N ASP I 66 22.48 -10.11 41.15
CA ASP I 66 23.38 -9.96 42.30
C ASP I 66 23.44 -11.15 43.26
N TYR I 67 22.28 -11.71 43.60
CA TYR I 67 22.19 -12.84 44.53
C TYR I 67 22.43 -14.17 43.83
N PHE I 68 23.10 -15.09 44.50
CA PHE I 68 23.42 -16.41 43.93
C PHE I 68 22.26 -17.38 44.06
N VAL I 69 22.27 -18.39 43.19
CA VAL I 69 21.21 -19.40 43.14
C VAL I 69 21.61 -20.63 43.96
N PRO I 70 20.72 -21.09 44.87
CA PRO I 70 20.95 -22.31 45.64
C PRO I 70 21.07 -23.54 44.72
N LEU I 71 21.97 -24.45 45.09
CA LEU I 71 22.32 -25.59 44.24
C LEU I 71 21.31 -26.75 44.28
N HIS I 72 20.35 -26.68 45.20
CA HIS I 72 19.30 -27.71 45.28
C HIS I 72 18.16 -27.45 44.33
N HIS I 73 18.13 -26.24 43.75
CA HIS I 73 17.10 -25.85 42.80
C HIS I 73 17.35 -26.38 41.41
N PHE I 74 18.61 -26.38 41.00
CA PHE I 74 19.00 -26.86 39.67
C PHE I 74 20.07 -27.94 39.73
N TYR I 75 20.43 -28.48 38.57
CA TYR I 75 21.44 -29.53 38.46
C TYR I 75 22.75 -28.96 37.96
N LEU I 76 23.82 -29.14 38.73
CA LEU I 76 25.12 -28.57 38.42
C LEU I 76 25.87 -29.39 37.37
N THR I 77 25.84 -30.71 37.52
CA THR I 77 26.40 -31.63 36.53
C THR I 77 25.31 -32.53 35.96
N PRO I 78 24.57 -32.02 34.95
CA PRO I 78 23.44 -32.75 34.37
C PRO I 78 23.89 -34.00 33.61
N GLU I 79 23.19 -35.11 33.85
CA GLU I 79 23.53 -36.38 33.21
C GLU I 79 22.54 -36.74 32.11
N SER I 80 21.26 -36.51 32.37
CA SER I 80 20.19 -36.81 31.41
C SER I 80 19.72 -35.57 30.66
N PHE I 81 18.95 -35.80 29.60
CA PHE I 81 18.36 -34.73 28.79
C PHE I 81 17.41 -33.86 29.60
N ASP I 82 16.57 -34.51 30.42
CA ASP I 82 15.54 -33.83 31.21
C ASP I 82 16.10 -32.90 32.29
N GLN I 83 17.28 -33.23 32.81
CA GLN I 83 17.98 -32.39 33.78
C GLN I 83 18.48 -31.10 33.14
N LYS I 84 18.90 -31.19 31.88
CA LYS I 84 19.35 -30.03 31.11
C LYS I 84 18.18 -29.11 30.78
N VAL I 85 17.04 -29.71 30.43
CA VAL I 85 15.81 -28.96 30.15
C VAL I 85 15.30 -28.27 31.41
N HIS I 86 15.46 -28.93 32.56
CA HIS I 86 15.12 -28.34 33.84
C HIS I 86 15.94 -27.12 34.13
N ASN I 87 17.25 -27.21 33.88
CA ASN I 87 18.16 -26.08 34.11
C ASN I 87 17.87 -24.87 33.24
N VAL I 88 17.55 -25.10 31.97
CA VAL I 88 17.23 -24.04 31.03
C VAL I 88 15.92 -23.35 31.42
N SER I 89 14.88 -24.16 31.66
CA SER I 89 13.57 -23.65 32.05
C SER I 89 13.57 -22.94 33.41
N PHE I 90 14.50 -23.34 34.28
CA PHE I 90 14.67 -22.69 35.58
C PHE I 90 15.27 -21.30 35.44
N ALA I 91 16.19 -21.15 34.48
CA ALA I 91 16.77 -19.84 34.16
C ALA I 91 15.71 -18.91 33.58
N PHE I 92 14.76 -19.49 32.85
CA PHE I 92 13.62 -18.77 32.28
C PHE I 92 12.68 -18.28 33.38
N GLU I 93 12.59 -19.06 34.46
CA GLU I 93 11.81 -18.67 35.64
C GLU I 93 12.46 -17.49 36.37
N LEU I 94 13.78 -17.47 36.39
CA LEU I 94 14.55 -16.38 36.99
C LEU I 94 14.49 -15.10 36.16
N MET I 95 14.30 -15.26 34.84
CA MET I 95 14.20 -14.14 33.91
C MET I 95 12.90 -13.36 34.08
N LEU I 96 11.85 -14.04 34.52
CA LEU I 96 10.58 -13.40 34.87
C LEU I 96 10.70 -12.63 36.19
N ASP I 97 11.49 -13.17 37.11
CA ASP I 97 11.72 -12.56 38.43
C ASP I 97 12.47 -11.23 38.32
N GLY I 98 13.40 -11.15 37.37
CA GLY I 98 14.18 -9.94 37.14
C GLY I 98 13.39 -8.78 36.55
N GLY I 99 12.25 -9.11 35.93
CA GLY I 99 11.39 -8.11 35.30
C GLY I 99 11.37 -8.21 33.79
N LEU I 100 12.23 -9.06 33.25
CA LEU I 100 12.32 -9.28 31.80
C LEU I 100 11.14 -10.12 31.31
N LYS I 101 10.66 -9.80 30.11
CA LYS I 101 9.53 -10.50 29.50
C LYS I 101 9.93 -11.90 29.05
N LYS I 102 8.95 -12.81 28.99
CA LYS I 102 9.17 -14.21 28.65
C LYS I 102 9.68 -14.38 27.21
N PRO I 103 10.90 -14.92 27.04
CA PRO I 103 11.50 -15.09 25.71
C PRO I 103 10.87 -16.22 24.91
N LYS I 104 10.71 -16.00 23.61
CA LYS I 104 10.10 -16.98 22.71
C LYS I 104 11.12 -17.99 22.19
N ALA I 105 11.49 -18.93 23.06
CA ALA I 105 12.41 -20.01 22.72
C ALA I 105 12.14 -21.23 23.60
N ARG I 106 12.00 -22.40 22.96
CA ARG I 106 11.76 -23.65 23.68
C ARG I 106 13.03 -24.11 24.38
N PRO I 107 12.90 -24.57 25.65
CA PRO I 107 14.05 -25.06 26.42
C PRO I 107 14.73 -26.27 25.77
N GLU I 108 13.95 -27.08 25.08
CA GLU I 108 14.45 -28.26 24.37
C GLU I 108 15.38 -27.88 23.23
N ASP I 109 15.07 -26.78 22.54
CA ASP I 109 15.88 -26.25 21.44
C ASP I 109 17.27 -25.81 21.92
N VAL I 110 17.30 -25.11 23.06
CA VAL I 110 18.55 -24.64 23.66
C VAL I 110 19.45 -25.82 24.03
N VAL I 111 18.86 -26.87 24.60
CA VAL I 111 19.59 -28.10 24.95
C VAL I 111 20.08 -28.83 23.69
N ASN I 112 19.23 -28.87 22.66
CA ASN I 112 19.57 -29.54 21.41
C ASN I 112 20.44 -28.70 20.46
N LEU I 113 21.06 -27.65 21.01
CA LEU I 113 22.10 -26.84 20.33
C LEU I 113 21.58 -25.85 19.26
N ASP I 114 20.37 -25.32 19.46
CA ASP I 114 19.81 -24.33 18.55
C ASP I 114 20.46 -22.96 18.77
N LEU I 115 21.29 -22.55 17.83
CA LEU I 115 22.02 -21.28 17.93
C LEU I 115 21.09 -20.07 17.86
N LYS I 116 20.11 -20.12 16.96
CA LYS I 116 19.14 -19.03 16.80
C LYS I 116 18.42 -18.72 18.10
N SER I 117 17.92 -19.76 18.77
CA SER I 117 17.21 -19.62 20.04
C SER I 117 18.13 -19.16 21.17
N THR I 118 19.36 -19.68 21.18
CA THR I 118 20.36 -19.31 22.17
C THR I 118 20.73 -17.83 22.07
N LEU I 119 20.87 -17.34 20.85
CA LEU I 119 21.18 -15.92 20.60
C LEU I 119 20.01 -15.01 20.95
N ARG I 120 18.79 -15.51 20.80
CA ARG I 120 17.58 -14.77 21.18
C ARG I 120 17.51 -14.55 22.69
N VAL I 121 17.93 -15.55 23.44
CA VAL I 121 17.94 -15.50 24.91
C VAL I 121 18.97 -14.49 25.41
N LEU I 122 20.17 -14.55 24.84
CA LEU I 122 21.27 -13.70 25.28
C LEU I 122 21.10 -12.22 24.92
N TYR I 123 20.45 -11.95 23.80
CA TYR I 123 20.18 -10.57 23.39
C TYR I 123 19.11 -9.93 24.27
N ASN I 124 18.15 -10.75 24.72
CA ASN I 124 17.12 -10.30 25.67
C ASN I 124 17.72 -9.83 26.99
N LEU I 125 18.81 -10.48 27.39
CA LEU I 125 19.56 -10.08 28.58
C LEU I 125 20.47 -8.88 28.29
N PHE I 126 20.94 -8.80 27.05
CA PHE I 126 21.82 -7.70 26.61
C PHE I 126 21.09 -6.36 26.55
N THR I 127 19.81 -6.39 26.16
CA THR I 127 19.00 -5.17 26.09
C THR I 127 18.63 -4.64 27.47
N LYS I 128 18.51 -5.53 28.45
CA LYS I 128 18.15 -5.16 29.81
C LYS I 128 19.37 -4.82 30.67
N TYR I 129 20.40 -5.65 30.59
CA TYR I 129 21.57 -5.51 31.45
C TYR I 129 22.81 -5.01 30.71
N LYS I 130 22.61 -4.04 29.81
CA LYS I 130 23.71 -3.42 29.07
C LYS I 130 24.54 -2.50 29.96
N ASN I 131 23.85 -1.63 30.70
CA ASN I 131 24.49 -0.64 31.56
C ASN I 131 25.06 -1.22 32.86
N VAL I 132 24.74 -2.48 33.13
CA VAL I 132 25.28 -3.19 34.29
C VAL I 132 26.77 -3.48 34.06
N GLU I 133 27.62 -2.77 34.80
CA GLU I 133 29.07 -2.85 34.65
C GLU I 133 29.62 -4.19 35.16
N ASP J 9 -64.02 60.65 -22.55
CA ASP J 9 -64.39 61.98 -23.10
C ASP J 9 -63.93 63.13 -22.20
N ALA J 10 -63.87 62.88 -20.90
CA ALA J 10 -63.46 63.87 -19.91
C ALA J 10 -61.96 64.17 -19.97
N PHE J 11 -61.17 63.16 -20.34
CA PHE J 11 -59.71 63.29 -20.40
C PHE J 11 -59.20 63.93 -21.68
N ASP J 12 -60.08 64.09 -22.67
CA ASP J 12 -59.72 64.64 -23.97
C ASP J 12 -59.34 66.12 -23.92
N THR J 13 -60.07 66.89 -23.10
CA THR J 13 -59.83 68.33 -22.96
C THR J 13 -58.60 68.62 -22.10
N LEU J 14 -58.16 67.61 -21.35
CA LEU J 14 -57.02 67.74 -20.43
C LEU J 14 -55.66 67.78 -21.15
N PHE J 15 -55.66 67.50 -22.45
CA PHE J 15 -54.43 67.49 -23.24
C PHE J 15 -54.32 68.67 -24.22
N ASP J 16 -55.39 68.92 -24.96
CA ASP J 16 -55.39 69.93 -26.03
C ASP J 16 -55.45 71.37 -25.51
N HIS J 17 -56.42 71.64 -24.63
CA HIS J 17 -56.67 73.00 -24.18
C HIS J 17 -55.92 73.39 -22.93
N ALA J 18 -56.00 72.55 -21.90
CA ALA J 18 -55.35 72.83 -20.62
C ALA J 18 -54.39 71.72 -20.19
N PRO J 19 -53.12 71.81 -20.63
CA PRO J 19 -52.10 70.83 -20.24
C PRO J 19 -51.47 71.12 -18.87
N ASP J 20 -51.72 72.31 -18.33
CA ASP J 20 -51.19 72.72 -17.04
C ASP J 20 -51.97 72.11 -15.86
N LYS J 21 -53.19 71.64 -16.15
CA LYS J 21 -54.03 71.00 -15.15
C LYS J 21 -53.80 69.48 -15.08
N LEU J 22 -52.95 68.98 -15.99
CA LEU J 22 -52.63 67.56 -16.08
C LEU J 22 -51.79 67.08 -14.88
N SER J 23 -50.83 67.90 -14.47
CA SER J 23 -49.93 67.55 -13.36
C SER J 23 -50.63 67.48 -12.00
N VAL J 24 -51.75 68.19 -11.87
CA VAL J 24 -52.58 68.14 -10.68
C VAL J 24 -53.31 66.78 -10.59
N VAL J 25 -53.72 66.28 -11.76
CA VAL J 25 -54.36 64.96 -11.86
C VAL J 25 -53.33 63.84 -11.65
N LYS J 26 -52.09 64.09 -12.07
CA LYS J 26 -50.99 63.16 -11.88
C LYS J 26 -50.72 62.89 -10.40
N LYS J 27 -50.39 63.95 -9.66
CA LYS J 27 -50.03 63.86 -8.24
C LYS J 27 -51.15 63.28 -7.36
N SER J 28 -52.40 63.58 -7.70
CA SER J 28 -53.55 63.11 -6.94
C SER J 28 -53.75 61.60 -7.09
N LEU J 29 -53.55 61.08 -8.30
CA LEU J 29 -53.68 59.65 -8.56
C LEU J 29 -52.49 58.84 -8.04
N ILE J 30 -51.31 59.44 -8.08
CA ILE J 30 -50.08 58.84 -7.54
C ILE J 30 -50.23 58.57 -6.03
N THR J 31 -50.72 59.57 -5.30
CA THR J 31 -50.93 59.45 -3.86
C THR J 31 -52.02 58.43 -3.52
N PHE J 32 -53.03 58.31 -4.38
CA PHE J 32 -54.10 57.34 -4.23
C PHE J 32 -53.59 55.90 -4.31
N VAL J 33 -52.79 55.64 -5.34
CA VAL J 33 -52.22 54.31 -5.57
C VAL J 33 -51.16 53.99 -4.49
N ASN J 34 -50.34 54.98 -4.17
CA ASN J 34 -49.29 54.82 -3.14
C ASN J 34 -49.82 54.57 -1.73
N LYS J 35 -51.03 55.03 -1.45
CA LYS J 35 -51.68 54.79 -0.16
C LYS J 35 -51.91 53.29 0.08
N HIS J 36 -52.04 52.53 -1.02
CA HIS J 36 -52.23 51.08 -0.96
C HIS J 36 -50.97 50.32 -1.20
N LEU J 37 -50.20 50.74 -2.21
CA LEU J 37 -48.98 50.03 -2.61
C LEU J 37 -47.85 50.10 -1.57
N ASN J 38 -47.94 51.05 -0.64
CA ASN J 38 -46.98 51.16 0.45
C ASN J 38 -47.11 50.03 1.48
N LYS J 39 -48.24 49.33 1.45
CA LYS J 39 -48.46 48.15 2.29
C LYS J 39 -47.60 46.97 1.84
N LEU J 40 -47.30 46.92 0.54
CA LEU J 40 -46.45 45.88 -0.03
C LEU J 40 -45.05 46.40 -0.36
N ASN J 41 -44.68 47.52 0.27
CA ASN J 41 -43.37 48.17 0.10
C ASN J 41 -43.09 48.65 -1.34
N LEU J 42 -44.12 49.16 -2.01
CA LEU J 42 -44.00 49.62 -3.39
C LEU J 42 -44.36 51.10 -3.53
N GLU J 43 -43.66 51.80 -4.42
CA GLU J 43 -43.87 53.23 -4.61
C GLU J 43 -43.92 53.62 -6.09
N VAL J 44 -44.87 54.48 -6.43
CA VAL J 44 -45.02 55.01 -7.78
C VAL J 44 -44.52 56.45 -7.83
N THR J 45 -43.65 56.74 -8.80
CA THR J 45 -43.14 58.10 -9.01
C THR J 45 -43.63 58.69 -10.33
N GLU J 46 -43.69 57.85 -11.36
CA GLU J 46 -44.18 58.26 -12.68
C GLU J 46 -45.25 57.30 -13.19
N LEU J 47 -46.36 57.85 -13.65
CA LEU J 47 -47.48 57.05 -14.17
C LEU J 47 -47.26 56.62 -15.63
N GLU J 48 -46.38 57.33 -16.33
CA GLU J 48 -46.14 57.09 -17.75
C GLU J 48 -45.43 55.77 -18.07
N THR J 49 -44.72 55.21 -17.10
CA THR J 49 -43.91 54.01 -17.31
C THR J 49 -44.23 52.86 -16.36
N GLN J 50 -44.51 53.18 -15.09
CA GLN J 50 -44.57 52.17 -14.03
C GLN J 50 -45.86 51.35 -13.97
N PHE J 51 -46.75 51.52 -14.95
CA PHE J 51 -47.97 50.72 -15.01
C PHE J 51 -48.07 49.87 -16.28
N ALA J 52 -47.08 50.01 -17.17
CA ALA J 52 -47.06 49.30 -18.44
C ALA J 52 -46.76 47.81 -18.29
N ASP J 53 -46.09 47.43 -17.20
CA ASP J 53 -45.78 46.03 -16.91
C ASP J 53 -47.03 45.24 -16.54
N GLY J 54 -48.03 45.93 -15.98
CA GLY J 54 -49.27 45.31 -15.55
C GLY J 54 -49.15 44.70 -14.15
N VAL J 55 -47.94 44.70 -13.60
CA VAL J 55 -47.65 44.08 -12.31
C VAL J 55 -48.36 44.80 -11.18
N TYR J 56 -48.16 46.11 -11.07
CA TYR J 56 -48.82 46.92 -10.03
C TYR J 56 -50.34 46.88 -10.16
N LEU J 57 -50.84 46.78 -11.40
CA LEU J 57 -52.28 46.69 -11.64
C LEU J 57 -52.89 45.44 -11.01
N VAL J 58 -52.21 44.30 -11.15
CA VAL J 58 -52.66 43.05 -10.54
C VAL J 58 -52.56 43.12 -9.02
N LEU J 59 -51.45 43.64 -8.52
CA LEU J 59 -51.21 43.76 -7.08
C LEU J 59 -52.19 44.74 -6.41
N LEU J 60 -52.52 45.81 -7.11
CA LEU J 60 -53.46 46.82 -6.59
C LEU J 60 -54.87 46.24 -6.49
N MET J 61 -55.25 45.40 -7.44
CA MET J 61 -56.56 44.74 -7.43
C MET J 61 -56.68 43.72 -6.29
N GLY J 62 -55.55 43.11 -5.94
CA GLY J 62 -55.49 42.20 -4.80
C GLY J 62 -55.61 42.92 -3.48
N LEU J 63 -55.02 44.11 -3.40
CA LEU J 63 -55.04 44.94 -2.19
C LEU J 63 -56.41 45.56 -1.93
N LEU J 64 -57.10 45.96 -2.99
CA LEU J 64 -58.40 46.62 -2.86
C LEU J 64 -59.54 45.66 -2.53
N GLU J 65 -59.41 44.41 -2.98
CA GLU J 65 -60.46 43.40 -2.78
C GLU J 65 -60.15 42.39 -1.66
N ASP J 66 -59.01 42.60 -0.99
CA ASP J 66 -58.59 41.82 0.18
C ASP J 66 -58.41 40.32 -0.07
N TYR J 67 -57.56 40.00 -1.05
CA TYR J 67 -57.12 38.63 -1.31
C TYR J 67 -55.82 38.64 -2.12
N PHE J 68 -54.92 37.73 -1.81
CA PHE J 68 -53.63 37.67 -2.53
C PHE J 68 -53.79 36.92 -3.86
N VAL J 69 -53.13 37.45 -4.89
CA VAL J 69 -53.16 36.82 -6.21
C VAL J 69 -51.92 35.94 -6.37
N PRO J 70 -52.14 34.62 -6.54
CA PRO J 70 -51.02 33.68 -6.71
C PRO J 70 -50.18 34.03 -7.93
N LEU J 71 -48.87 33.83 -7.81
CA LEU J 71 -47.90 34.27 -8.81
C LEU J 71 -47.97 33.48 -10.13
N HIS J 72 -48.64 32.33 -10.11
CA HIS J 72 -48.81 31.51 -11.32
C HIS J 72 -49.98 31.94 -12.17
N HIS J 73 -50.70 32.97 -11.72
CA HIS J 73 -51.80 33.55 -12.49
C HIS J 73 -51.36 34.62 -13.43
N PHE J 74 -50.22 35.25 -13.12
CA PHE J 74 -49.68 36.35 -13.91
C PHE J 74 -48.16 36.30 -14.03
N TYR J 75 -47.55 37.37 -14.54
CA TYR J 75 -46.10 37.45 -14.69
C TYR J 75 -45.51 38.58 -13.85
N LEU J 76 -44.89 38.20 -12.73
CA LEU J 76 -44.33 39.14 -11.76
C LEU J 76 -43.21 40.01 -12.35
N THR J 77 -42.30 39.37 -13.08
CA THR J 77 -41.24 40.08 -13.78
C THR J 77 -41.31 39.75 -15.27
N PRO J 78 -42.21 40.46 -16.01
CA PRO J 78 -42.44 40.17 -17.43
C PRO J 78 -41.25 40.53 -18.28
N GLU J 79 -40.91 39.67 -19.24
CA GLU J 79 -39.75 39.88 -20.09
C GLU J 79 -40.11 39.88 -21.57
N SER J 80 -41.41 39.87 -21.86
CA SER J 80 -41.92 39.94 -23.23
C SER J 80 -43.20 40.78 -23.30
N PHE J 81 -43.60 41.14 -24.52
CA PHE J 81 -44.83 41.90 -24.75
C PHE J 81 -46.07 41.08 -24.38
N ASP J 82 -46.07 39.80 -24.75
CA ASP J 82 -47.19 38.90 -24.46
C ASP J 82 -47.48 38.76 -22.97
N GLN J 83 -46.42 38.71 -22.17
CA GLN J 83 -46.55 38.59 -20.72
C GLN J 83 -47.08 39.86 -20.08
N LYS J 84 -46.68 41.01 -20.63
CA LYS J 84 -47.15 42.31 -20.16
C LYS J 84 -48.65 42.51 -20.43
N VAL J 85 -49.09 42.06 -21.60
CA VAL J 85 -50.50 42.13 -21.99
C VAL J 85 -51.34 41.16 -21.16
N HIS J 86 -50.76 39.99 -20.86
CA HIS J 86 -51.39 39.00 -19.98
C HIS J 86 -51.74 39.61 -18.65
N ASN J 87 -50.79 40.35 -18.07
CA ASN J 87 -50.96 41.00 -16.77
C ASN J 87 -52.04 42.08 -16.78
N VAL J 88 -52.02 42.95 -17.78
CA VAL J 88 -52.97 44.06 -17.88
C VAL J 88 -54.40 43.54 -18.09
N SER J 89 -54.58 42.63 -19.04
CA SER J 89 -55.89 42.04 -19.32
C SER J 89 -56.41 41.17 -18.17
N PHE J 90 -55.49 40.58 -17.42
CA PHE J 90 -55.82 39.82 -16.20
C PHE J 90 -56.35 40.76 -15.11
N ALA J 91 -55.74 41.95 -15.02
CA ALA J 91 -56.19 42.98 -14.08
C ALA J 91 -57.54 43.54 -14.52
N PHE J 92 -57.75 43.62 -15.83
CA PHE J 92 -59.02 44.03 -16.42
C PHE J 92 -60.10 42.99 -16.13
N GLU J 93 -59.70 41.72 -16.11
CA GLU J 93 -60.57 40.60 -15.74
C GLU J 93 -60.97 40.66 -14.26
N LEU J 94 -60.03 41.04 -13.41
CA LEU J 94 -60.26 41.16 -11.97
C LEU J 94 -61.17 42.33 -11.63
N MET J 95 -61.14 43.36 -12.48
CA MET J 95 -62.00 44.54 -12.33
C MET J 95 -63.46 44.22 -12.64
N LEU J 96 -63.67 43.34 -13.63
CA LEU J 96 -65.02 42.91 -14.00
C LEU J 96 -65.68 42.04 -12.92
N ASP J 97 -64.87 41.18 -12.30
CA ASP J 97 -65.34 40.30 -11.22
C ASP J 97 -65.64 41.07 -9.93
N GLY J 98 -64.92 42.17 -9.74
CA GLY J 98 -65.10 43.02 -8.55
C GLY J 98 -66.32 43.91 -8.61
N GLY J 99 -66.96 43.96 -9.77
CA GLY J 99 -68.18 44.75 -9.96
C GLY J 99 -67.95 46.04 -10.74
N LEU J 100 -66.68 46.42 -10.90
CA LEU J 100 -66.32 47.64 -11.60
C LEU J 100 -66.60 47.54 -13.10
N LYS J 101 -67.06 48.63 -13.69
CA LYS J 101 -67.36 48.70 -15.11
C LYS J 101 -66.09 48.62 -15.95
N LYS J 102 -66.22 48.07 -17.17
CA LYS J 102 -65.12 47.94 -18.12
C LYS J 102 -64.49 49.29 -18.46
N PRO J 103 -63.15 49.40 -18.35
CA PRO J 103 -62.44 50.62 -18.71
C PRO J 103 -62.43 50.86 -20.22
N LYS J 104 -62.40 52.13 -20.62
CA LYS J 104 -62.39 52.49 -22.05
C LYS J 104 -60.98 52.54 -22.62
N ALA J 105 -60.30 51.39 -22.59
CA ALA J 105 -58.94 51.25 -23.11
C ALA J 105 -58.62 49.78 -23.37
N ARG J 106 -57.85 49.53 -24.42
CA ARG J 106 -57.34 48.19 -24.72
C ARG J 106 -56.20 47.85 -23.76
N PRO J 107 -56.05 46.56 -23.41
CA PRO J 107 -54.93 46.14 -22.57
C PRO J 107 -53.57 46.47 -23.19
N GLU J 108 -53.53 46.52 -24.52
CA GLU J 108 -52.32 46.86 -25.27
C GLU J 108 -51.92 48.33 -25.12
N ASP J 109 -52.93 49.20 -25.00
CA ASP J 109 -52.70 50.64 -24.85
C ASP J 109 -51.93 50.99 -23.58
N VAL J 110 -52.17 50.22 -22.52
CA VAL J 110 -51.47 50.38 -21.24
C VAL J 110 -49.98 50.02 -21.38
N VAL J 111 -49.71 48.95 -22.11
CA VAL J 111 -48.34 48.48 -22.34
C VAL J 111 -47.57 49.42 -23.28
N ASN J 112 -48.29 50.02 -24.23
CA ASN J 112 -47.71 50.92 -25.23
C ASN J 112 -47.42 52.34 -24.71
N LEU J 113 -47.48 52.51 -23.38
CA LEU J 113 -47.17 53.78 -22.69
C LEU J 113 -48.09 54.95 -23.09
N ASP J 114 -49.35 54.66 -23.39
CA ASP J 114 -50.32 55.70 -23.69
C ASP J 114 -50.83 56.32 -22.39
N LEU J 115 -50.30 57.49 -22.06
CA LEU J 115 -50.61 58.19 -20.81
C LEU J 115 -52.12 58.44 -20.63
N LYS J 116 -52.79 58.77 -21.73
CA LYS J 116 -54.24 59.00 -21.73
C LYS J 116 -55.01 57.76 -21.28
N SER J 117 -54.60 56.60 -21.77
CA SER J 117 -55.23 55.32 -21.43
C SER J 117 -54.93 54.89 -19.99
N THR J 118 -53.73 55.21 -19.52
CA THR J 118 -53.30 54.86 -18.16
C THR J 118 -54.09 55.64 -17.10
N LEU J 119 -54.38 56.90 -17.39
CA LEU J 119 -55.14 57.76 -16.48
C LEU J 119 -56.61 57.36 -16.38
N ARG J 120 -57.18 56.88 -17.48
CA ARG J 120 -58.57 56.44 -17.51
C ARG J 120 -58.81 55.20 -16.65
N VAL J 121 -57.89 54.24 -16.73
CA VAL J 121 -57.97 52.99 -15.97
C VAL J 121 -57.86 53.25 -14.46
N LEU J 122 -56.94 54.14 -14.09
CA LEU J 122 -56.71 54.50 -12.69
C LEU J 122 -57.85 55.34 -12.10
N TYR J 123 -58.56 56.07 -12.96
CA TYR J 123 -59.71 56.87 -12.54
C TYR J 123 -60.90 56.00 -12.17
N ASN J 124 -61.06 54.87 -12.86
CA ASN J 124 -62.08 53.88 -12.53
C ASN J 124 -61.90 53.32 -11.12
N LEU J 125 -60.64 53.04 -10.77
CA LEU J 125 -60.29 52.53 -9.45
C LEU J 125 -60.44 53.59 -8.36
N PHE J 126 -60.30 54.85 -8.75
CA PHE J 126 -60.44 55.98 -7.82
C PHE J 126 -61.89 56.23 -7.43
N THR J 127 -62.81 56.05 -8.38
CA THR J 127 -64.24 56.29 -8.15
C THR J 127 -64.86 55.21 -7.26
N LYS J 128 -64.52 53.96 -7.50
CA LYS J 128 -65.09 52.83 -6.75
C LYS J 128 -64.42 52.66 -5.39
N TYR J 129 -63.10 52.82 -5.36
CA TYR J 129 -62.33 52.57 -4.15
C TYR J 129 -61.82 53.87 -3.52
N LYS J 130 -62.67 54.89 -3.49
CA LYS J 130 -62.37 56.18 -2.87
C LYS J 130 -62.23 56.03 -1.36
N ASN J 131 -63.27 55.49 -0.73
CA ASN J 131 -63.29 55.27 0.72
C ASN J 131 -62.81 53.88 1.12
N VAL J 132 -62.85 52.94 0.17
CA VAL J 132 -62.44 51.56 0.39
C VAL J 132 -60.92 51.50 0.65
N GLU J 133 -60.55 50.88 1.77
CA GLU J 133 -59.15 50.71 2.14
C GLU J 133 -58.78 49.24 2.25
N ASP K 3 -40.42 2.81 -43.38
CA ASP K 3 -39.29 3.65 -43.84
C ASP K 3 -38.62 4.40 -42.69
N ASP K 4 -39.41 4.80 -41.70
CA ASP K 4 -38.91 5.57 -40.55
C ASP K 4 -38.03 4.71 -39.64
N LEU K 5 -38.37 3.43 -39.54
CA LEU K 5 -37.56 2.46 -38.80
C LEU K 5 -36.29 2.08 -39.58
N ASP K 6 -36.40 2.05 -40.91
CA ASP K 6 -35.28 1.75 -41.78
C ASP K 6 -34.16 2.78 -41.66
N ALA K 7 -34.54 4.05 -41.53
CA ALA K 7 -33.59 5.15 -41.34
C ALA K 7 -32.95 5.11 -39.96
N LEU K 8 -33.73 4.74 -38.95
CA LEU K 8 -33.25 4.58 -37.57
C LEU K 8 -32.14 3.52 -37.48
N LEU K 9 -32.38 2.37 -38.11
CA LEU K 9 -31.42 1.27 -38.13
C LEU K 9 -30.15 1.65 -38.89
N ALA K 10 -30.31 2.38 -39.99
CA ALA K 10 -29.19 2.86 -40.79
C ALA K 10 -28.37 3.90 -40.04
N ASP K 11 -29.05 4.75 -39.28
CA ASP K 11 -28.41 5.76 -38.45
C ASP K 11 -27.48 5.10 -37.41
N LEU K 12 -27.97 4.05 -36.78
CA LEU K 12 -27.21 3.30 -35.78
C LEU K 12 -26.08 2.47 -36.39
N GLU K 13 -26.20 2.15 -37.68
CA GLU K 13 -25.21 1.31 -38.36
C GLU K 13 -24.16 2.10 -39.13
N SER K 14 -24.04 3.40 -38.83
CA SER K 14 -23.05 4.26 -39.47
C SER K 14 -22.12 4.89 -38.44
N MET L 2 -14.10 15.72 -3.02
CA MET L 2 -14.98 14.57 -3.32
C MET L 2 -16.45 14.97 -3.16
N ASP L 3 -16.72 15.82 -2.16
CA ASP L 3 -18.07 16.30 -1.88
C ASP L 3 -18.30 17.75 -2.34
N ASP L 4 -17.47 18.23 -3.25
CA ASP L 4 -17.62 19.57 -3.82
C ASP L 4 -17.41 19.55 -5.35
N LEU L 5 -16.90 20.64 -5.89
CA LEU L 5 -16.80 20.80 -7.34
C LEU L 5 -15.43 20.48 -7.95
N ASP L 6 -14.51 19.94 -7.15
CA ASP L 6 -13.17 19.59 -7.63
C ASP L 6 -13.17 18.60 -8.80
N ALA L 7 -14.24 17.81 -8.88
CA ALA L 7 -14.43 16.84 -9.96
C ALA L 7 -14.38 17.47 -11.35
N LEU L 8 -14.88 18.70 -11.47
CA LEU L 8 -14.87 19.43 -12.74
C LEU L 8 -13.49 19.96 -13.11
N LEU L 9 -12.61 20.10 -12.12
CA LEU L 9 -11.25 20.56 -12.35
C LEU L 9 -10.36 19.41 -12.82
N ALA L 10 -10.81 18.19 -12.58
CA ALA L 10 -10.12 16.99 -13.04
C ALA L 10 -10.33 16.78 -14.54
N ASP L 11 -9.24 16.60 -15.27
CA ASP L 11 -9.28 16.39 -16.71
C ASP L 11 -9.65 14.95 -17.03
N LEU L 12 -10.72 14.78 -17.80
CA LEU L 12 -11.22 13.46 -18.22
C LEU L 12 -10.21 12.78 -19.14
N GLU L 13 -10.15 11.44 -19.03
CA GLU L 13 -9.21 10.61 -19.79
C GLU L 13 -7.79 11.21 -19.93
N SER L 14 -7.20 11.53 -18.77
CA SER L 14 -5.83 12.01 -18.71
C SER L 14 -4.91 10.87 -18.27
N THR L 15 -3.92 10.56 -19.10
CA THR L 15 -3.02 9.43 -18.85
C THR L 15 -1.94 9.75 -17.82
N THR L 16 -1.77 11.03 -17.50
CA THR L 16 -0.74 11.49 -16.56
C THR L 16 -1.36 12.06 -15.28
N SER L 17 -2.68 12.00 -15.18
CA SER L 17 -3.43 12.55 -14.05
C SER L 17 -2.95 12.05 -12.69
N HIS L 18 -2.67 10.75 -12.60
CA HIS L 18 -2.15 10.15 -11.36
C HIS L 18 -0.77 10.63 -11.07
N ILE L 19 -0.46 10.76 -9.77
CA ILE L 19 0.74 11.48 -9.29
C ILE L 19 1.03 12.77 -10.05
N SER L 20 -0.03 13.54 -10.29
CA SER L 20 0.00 14.80 -11.05
C SER L 20 0.77 14.70 -12.37
N ASP M 4 3.23 45.05 -24.35
CA ASP M 4 3.52 43.59 -24.26
C ASP M 4 5.01 43.31 -24.11
N LEU M 5 5.83 43.95 -24.94
CA LEU M 5 7.28 43.75 -24.94
C LEU M 5 7.95 44.37 -23.70
N ASP M 6 7.56 45.61 -23.39
CA ASP M 6 8.10 46.31 -22.23
C ASP M 6 7.59 45.71 -20.92
N ALA M 7 6.35 45.21 -20.95
CA ALA M 7 5.76 44.51 -19.82
C ALA M 7 6.42 43.15 -19.60
N LEU M 8 6.84 42.52 -20.69
CA LEU M 8 7.56 41.24 -20.66
C LEU M 8 8.90 41.41 -19.94
N LEU M 9 9.65 42.44 -20.36
CA LEU M 9 10.98 42.73 -19.80
C LEU M 9 10.91 43.17 -18.34
N ALA M 10 9.83 43.86 -17.99
CA ALA M 10 9.59 44.29 -16.61
C ALA M 10 9.20 43.10 -15.72
N ASP M 11 8.47 42.15 -16.30
CA ASP M 11 8.05 40.95 -15.58
C ASP M 11 9.22 40.00 -15.32
N LEU M 12 10.19 40.00 -16.24
CA LEU M 12 11.39 39.17 -16.09
C LEU M 12 12.39 39.77 -15.10
N GLU M 13 12.09 40.96 -14.60
CA GLU M 13 12.93 41.63 -13.61
C GLU M 13 12.17 41.89 -12.31
N ASP N 3 -3.06 -2.60 30.03
CA ASP N 3 -3.10 -3.40 28.78
C ASP N 3 -3.28 -2.52 27.53
N ASP N 4 -2.99 -3.09 26.37
CA ASP N 4 -3.10 -2.38 25.09
C ASP N 4 -4.54 -2.19 24.63
N LEU N 5 -5.43 -3.05 25.11
CA LEU N 5 -6.84 -3.04 24.73
C LEU N 5 -7.57 -1.80 25.24
N ASP N 6 -7.21 -1.33 26.42
CA ASP N 6 -7.79 -0.12 27.02
C ASP N 6 -7.36 1.14 26.28
N ALA N 7 -6.14 1.13 25.73
CA ALA N 7 -5.56 2.27 25.01
C ALA N 7 -6.30 2.57 23.71
N LEU N 8 -6.70 1.52 23.00
CA LEU N 8 -7.43 1.67 21.73
C LEU N 8 -8.89 2.04 21.95
N LEU N 9 -9.48 1.50 23.02
CA LEU N 9 -10.88 1.77 23.37
C LEU N 9 -11.09 3.18 23.92
N ALA N 10 -10.05 3.72 24.56
CA ALA N 10 -10.05 5.11 25.02
C ALA N 10 -9.87 6.06 23.84
N ASP N 11 -9.09 5.61 22.85
CA ASP N 11 -8.83 6.37 21.62
C ASP N 11 -10.10 6.57 20.79
N LEU N 12 -11.02 5.61 20.90
CA LEU N 12 -12.29 5.65 20.18
C LEU N 12 -13.30 6.66 20.74
N GLU N 13 -12.90 7.36 21.81
CA GLU N 13 -13.73 8.39 22.43
C GLU N 13 -13.21 9.78 22.12
N SER N 14 -13.91 10.50 21.24
CA SER N 14 -13.52 11.85 20.82
C SER N 14 -14.74 12.74 20.59
N MET O 2 49.34 -25.71 4.33
CA MET O 2 49.35 -25.15 2.95
C MET O 2 49.35 -26.23 1.88
N ASP O 3 50.01 -27.35 2.17
CA ASP O 3 50.06 -28.49 1.25
C ASP O 3 48.70 -29.17 1.09
N ASP O 4 47.93 -29.18 2.18
CA ASP O 4 46.56 -29.68 2.16
C ASP O 4 45.61 -28.69 1.50
N LEU O 5 45.92 -27.41 1.65
CA LEU O 5 45.13 -26.33 1.04
C LEU O 5 45.25 -26.32 -0.49
N ASP O 6 46.46 -26.54 -0.99
CA ASP O 6 46.74 -26.56 -2.42
C ASP O 6 46.11 -27.77 -3.11
N ALA O 7 46.02 -28.89 -2.39
CA ALA O 7 45.38 -30.11 -2.90
C ALA O 7 43.87 -29.93 -3.04
N LEU O 8 43.29 -29.16 -2.13
CA LEU O 8 41.86 -28.84 -2.15
C LEU O 8 41.49 -28.00 -3.37
N LEU O 9 42.28 -26.96 -3.62
CA LEU O 9 42.06 -26.04 -4.74
C LEU O 9 42.28 -26.71 -6.09
N ALA O 10 43.24 -27.63 -6.14
CA ALA O 10 43.52 -28.41 -7.35
C ALA O 10 42.40 -29.40 -7.64
N ASP O 11 41.83 -29.98 -6.59
CA ASP O 11 40.76 -30.96 -6.70
C ASP O 11 39.45 -30.32 -7.20
N LEU O 12 39.25 -29.06 -6.86
CA LEU O 12 38.03 -28.34 -7.23
C LEU O 12 38.15 -27.63 -8.59
N GLU O 13 39.07 -28.11 -9.43
CA GLU O 13 39.26 -27.56 -10.78
C GLU O 13 39.46 -28.66 -11.80
N ASP P 3 46.41 -54.45 62.60
CA ASP P 3 45.69 -53.83 63.74
C ASP P 3 45.00 -52.53 63.34
N ASP P 4 45.68 -51.75 62.50
CA ASP P 4 45.15 -50.46 62.03
C ASP P 4 44.02 -50.61 61.02
N LEU P 5 44.07 -51.69 60.22
CA LEU P 5 43.05 -51.97 59.22
C LEU P 5 41.73 -52.40 59.86
N ASP P 6 41.82 -53.12 60.97
CA ASP P 6 40.65 -53.58 61.72
C ASP P 6 39.85 -52.40 62.29
N ALA P 7 40.57 -51.36 62.73
CA ALA P 7 39.94 -50.14 63.25
C ALA P 7 39.32 -49.32 62.12
N LEU P 8 39.91 -49.43 60.92
CA LEU P 8 39.43 -48.71 59.74
C LEU P 8 38.12 -49.28 59.20
N LEU P 9 38.07 -50.61 59.06
CA LEU P 9 36.91 -51.30 58.50
C LEU P 9 35.70 -51.25 59.42
N ALA P 10 35.95 -51.29 60.73
CA ALA P 10 34.90 -51.21 61.74
C ALA P 10 34.33 -49.81 61.87
N ASP P 11 35.17 -48.81 61.61
CA ASP P 11 34.76 -47.41 61.63
C ASP P 11 33.81 -47.10 60.47
N LEU P 12 34.08 -47.72 59.33
CA LEU P 12 33.27 -47.53 58.12
C LEU P 12 31.99 -48.36 58.14
N GLU P 13 32.03 -49.52 58.80
CA GLU P 13 30.87 -50.40 58.92
C GLU P 13 30.24 -50.32 60.30
N MET Q 2 38.93 -28.48 -19.21
CA MET Q 2 38.06 -27.37 -18.72
C MET Q 2 38.89 -26.14 -18.36
N ASP Q 3 38.30 -24.97 -18.59
CA ASP Q 3 39.00 -23.69 -18.38
C ASP Q 3 38.11 -22.71 -17.61
N ASP Q 4 38.71 -21.64 -17.12
CA ASP Q 4 37.98 -20.57 -16.43
C ASP Q 4 37.05 -19.83 -17.39
N LEU Q 5 37.45 -19.74 -18.66
CA LEU Q 5 36.64 -19.15 -19.71
C LEU Q 5 35.48 -20.08 -20.11
N ASP Q 6 35.69 -21.38 -19.94
CA ASP Q 6 34.67 -22.39 -20.24
C ASP Q 6 33.51 -22.33 -19.24
N ALA Q 7 33.83 -22.06 -17.98
CA ALA Q 7 32.83 -21.89 -16.93
C ALA Q 7 32.04 -20.60 -17.11
N LEU Q 8 32.69 -19.62 -17.73
CA LEU Q 8 32.06 -18.33 -18.05
C LEU Q 8 31.01 -18.49 -19.14
N LEU Q 9 31.41 -19.10 -20.25
CA LEU Q 9 30.53 -19.29 -21.41
C LEU Q 9 29.34 -20.18 -21.12
N ALA Q 10 29.56 -21.20 -20.28
CA ALA Q 10 28.50 -22.11 -19.86
C ALA Q 10 27.46 -21.44 -18.97
N ASP Q 11 27.92 -20.48 -18.16
CA ASP Q 11 27.05 -19.74 -17.26
C ASP Q 11 26.21 -18.71 -18.01
N LEU Q 12 26.75 -18.19 -19.11
CA LEU Q 12 26.09 -17.18 -19.92
C LEU Q 12 25.00 -17.75 -20.83
N GLU Q 13 25.23 -18.98 -21.32
CA GLU Q 13 24.32 -19.62 -22.28
C GLU Q 13 23.07 -20.22 -21.64
N SER Q 14 22.96 -20.11 -20.33
CA SER Q 14 21.83 -20.68 -19.58
C SER Q 14 20.64 -19.72 -19.45
N THR Q 15 20.48 -18.84 -20.44
CA THR Q 15 19.41 -17.84 -20.45
C THR Q 15 18.04 -18.47 -20.79
#